data_1SFF
#
_entry.id   1SFF
#
_cell.length_a   108.150
_cell.length_b   108.150
_cell.length_c   301.480
_cell.angle_alpha   90.00
_cell.angle_beta   90.00
_cell.angle_gamma   120.00
#
_symmetry.space_group_name_H-M   'P 32 2 1'
#
loop_
_entity.id
_entity.type
_entity.pdbx_description
1 polymer '4-aminobutyrate aminotransferase'
2 non-polymer 'SULFATE ION'
3 non-polymer 1,2-ETHANEDIOL
4 non-polymer "4'-DEOXY-4'-ACETYLYAMINO-PYRIDOXAL-5'-PHOSPHATE"
5 water water
#
_entity_poly.entity_id   1
_entity_poly.type   'polypeptide(L)'
_entity_poly.pdbx_seq_one_letter_code
;MNSNKELMQRRSQAIPRGVGQIHPIFADRAENCRVWDVEGREYLDFAGGIAVLNTGHLHPKVVAAVEAQLKKLSHTCFQV
LAYEPYLELCEIMNQKVPGDFAKKTLLVTTGSEAVENAVKIARAATKRSGTIAFSGAYHGRTHYTLALTGKVNPYSAGMG
LMPGHVYRALYPCPLHGISEDDAIASIHRIFKNDAAPEDIAAIVIEPVQGEGGFYASSPAFMQRLRALCDEHGIMLIADE
VQSGAGRTGTLFAMEQMGVAPDLTTFAKSIAGGFPLAGVTGRAEVMDAVAPGGLGGTYAGNPIACVAALEVLKVFEQENL
LQKANDLGQKLKDGLLAIAEKHPEIGDVRGLGAMIAIELFEDGDHNKPDAKLTAEIVARARDKGLILLSCGPYYNVLRIL
VPLTIEDAQIRQGLEIISQCFDEAKQ
;
_entity_poly.pdbx_strand_id   A,B,C,D
#
loop_
_chem_comp.id
_chem_comp.type
_chem_comp.name
_chem_comp.formula
EDO non-polymer 1,2-ETHANEDIOL 'C2 H6 O2'
IK2 non-polymer 4'-DEOXY-4'-ACETYLYAMINO-PYRIDOXAL-5'-PHOSPHATE 'C10 H15 N2 O8 P'
SO4 non-polymer 'SULFATE ION' 'O4 S -2'
#
# COMPACT_ATOMS: atom_id res chain seq x y z
N ASN A 2 28.66 -7.55 38.51
CA ASN A 2 27.57 -8.51 38.81
C ASN A 2 26.49 -7.96 39.74
N SER A 3 26.19 -6.67 39.62
CA SER A 3 25.08 -6.07 40.36
C SER A 3 24.07 -5.71 39.25
N ASN A 4 22.80 -5.56 39.59
CA ASN A 4 21.78 -5.18 38.60
C ASN A 4 22.14 -3.83 37.96
N LYS A 5 22.64 -2.89 38.78
CA LYS A 5 23.02 -1.57 38.27
C LYS A 5 24.14 -1.64 37.26
N GLU A 6 25.19 -2.40 37.55
CA GLU A 6 26.30 -2.49 36.59
C GLU A 6 25.87 -3.13 35.28
N LEU A 7 24.99 -4.13 35.38
CA LEU A 7 24.51 -4.80 34.17
C LEU A 7 23.63 -3.83 33.38
N MET A 8 22.83 -2.99 34.07
CA MET A 8 22.01 -2.02 33.33
C MET A 8 22.89 -1.00 32.61
N GLN A 9 24.02 -0.64 33.21
CA GLN A 9 24.94 0.30 32.57
C GLN A 9 25.49 -0.35 31.32
N ARG A 10 25.93 -1.59 31.45
CA ARG A 10 26.44 -2.30 30.27
C ARG A 10 25.33 -2.41 29.19
N ARG A 11 24.08 -2.54 29.63
CA ARG A 11 22.93 -2.63 28.70
C ARG A 11 22.83 -1.35 27.85
N SER A 12 22.90 -0.19 28.52
CA SER A 12 22.82 1.10 27.84
C SER A 12 23.93 1.24 26.79
N GLN A 13 25.05 0.58 26.99
CA GLN A 13 26.14 0.67 26.02
C GLN A 13 26.01 -0.28 24.83
N ALA A 14 25.33 -1.41 25.04
CA ALA A 14 25.32 -2.46 24.02
C ALA A 14 24.02 -2.82 23.32
N ILE A 15 22.92 -2.43 23.92
CA ILE A 15 21.58 -2.81 23.46
C ILE A 15 20.71 -1.59 23.23
N PRO A 16 19.90 -1.60 22.16
CA PRO A 16 19.07 -0.41 21.92
C PRO A 16 18.07 -0.12 22.99
N ARG A 17 17.83 1.18 23.22
CA ARG A 17 16.83 1.62 24.21
C ARG A 17 15.43 1.20 23.74
N GLY A 18 15.28 0.92 22.42
CA GLY A 18 13.98 0.54 21.91
C GLY A 18 13.47 -0.74 22.58
N VAL A 19 14.40 -1.59 23.01
CA VAL A 19 13.96 -2.76 23.77
C VAL A 19 13.76 -2.20 25.19
N GLY A 20 12.51 -2.00 25.60
CA GLY A 20 12.24 -1.45 26.92
C GLY A 20 12.66 -2.42 28.02
N GLN A 21 12.85 -1.92 29.25
CA GLN A 21 13.20 -2.82 30.37
C GLN A 21 12.15 -2.55 31.43
N ILE A 22 11.15 -3.41 31.54
CA ILE A 22 10.09 -3.16 32.50
C ILE A 22 10.65 -3.13 33.93
N HIS A 23 11.46 -4.13 34.27
CA HIS A 23 12.09 -4.24 35.58
C HIS A 23 13.60 -4.23 35.34
N PRO A 24 14.30 -3.29 35.99
CA PRO A 24 15.76 -3.14 35.85
C PRO A 24 16.52 -4.16 36.67
N ILE A 25 16.20 -5.42 36.40
CA ILE A 25 16.75 -6.55 37.13
C ILE A 25 17.28 -7.64 36.20
N PHE A 26 18.45 -8.19 36.51
CA PHE A 26 19.00 -9.27 35.71
C PHE A 26 18.78 -10.58 36.46
N ALA A 27 17.92 -11.43 35.88
CA ALA A 27 17.61 -12.72 36.45
C ALA A 27 18.79 -13.64 36.28
N ASP A 28 19.06 -14.45 37.28
CA ASP A 28 20.17 -15.41 37.21
C ASP A 28 19.66 -16.86 37.06
N ARG A 29 18.68 -17.21 37.87
CA ARG A 29 18.11 -18.57 37.79
C ARG A 29 16.66 -18.55 38.25
N ALA A 30 15.93 -19.64 37.97
CA ALA A 30 14.53 -19.63 38.32
C ALA A 30 13.98 -21.04 38.52
N GLU A 31 12.85 -21.12 39.20
CA GLU A 31 12.24 -22.41 39.43
C GLU A 31 10.78 -22.21 39.77
N ASN A 32 9.91 -22.78 38.93
CA ASN A 32 8.45 -22.67 39.08
C ASN A 32 8.03 -21.19 39.10
N CYS A 33 7.61 -20.65 40.27
CA CYS A 33 7.22 -19.24 40.30
C CYS A 33 8.27 -18.31 40.89
N ARG A 34 9.45 -18.84 41.21
CA ARG A 34 10.53 -18.06 41.80
C ARG A 34 11.62 -17.70 40.84
N VAL A 35 12.10 -16.48 40.93
CA VAL A 35 13.21 -16.03 40.12
C VAL A 35 14.22 -15.38 41.08
N TRP A 36 15.51 -15.68 40.89
CA TRP A 36 16.58 -15.05 41.68
C TRP A 36 17.42 -14.15 40.77
N ASP A 37 17.73 -12.92 41.22
CA ASP A 37 18.54 -12.07 40.37
C ASP A 37 20.02 -12.29 40.61
N VAL A 38 20.87 -11.54 39.92
CA VAL A 38 22.32 -11.72 40.01
C VAL A 38 22.91 -11.37 41.38
N GLU A 39 22.11 -10.69 42.19
CA GLU A 39 22.57 -10.31 43.53
C GLU A 39 22.05 -11.34 44.55
N GLY A 40 21.24 -12.29 44.08
CA GLY A 40 20.72 -13.33 44.94
C GLY A 40 19.36 -13.05 45.54
N ARG A 41 18.77 -11.94 45.16
CA ARG A 41 17.48 -11.60 45.71
C ARG A 41 16.41 -12.48 45.07
N GLU A 42 15.43 -12.89 45.87
CA GLU A 42 14.35 -13.75 45.34
C GLU A 42 13.07 -12.98 45.05
N TYR A 43 12.43 -13.32 43.93
CA TYR A 43 11.19 -12.68 43.54
C TYR A 43 10.12 -13.72 43.21
N LEU A 44 8.87 -13.28 43.32
CA LEU A 44 7.69 -14.10 42.99
C LEU A 44 7.28 -13.55 41.61
N ASP A 45 7.25 -14.44 40.63
CA ASP A 45 6.98 -14.03 39.27
C ASP A 45 5.53 -14.11 38.85
N PHE A 46 4.83 -12.98 38.87
CA PHE A 46 3.44 -12.96 38.46
C PHE A 46 3.33 -12.52 36.98
N ALA A 47 4.46 -12.48 36.27
CA ALA A 47 4.39 -12.08 34.85
C ALA A 47 4.53 -13.31 33.93
N GLY A 48 5.19 -14.34 34.47
CA GLY A 48 5.39 -15.61 33.75
C GLY A 48 6.03 -15.45 32.39
N GLY A 49 6.97 -14.51 32.25
CA GLY A 49 7.65 -14.30 30.98
C GLY A 49 6.67 -13.87 29.90
N ILE A 50 5.62 -13.19 30.34
CA ILE A 50 4.49 -12.74 29.52
C ILE A 50 3.65 -13.91 29.01
N ALA A 51 3.12 -14.67 29.97
CA ALA A 51 2.20 -15.79 29.72
C ALA A 51 2.81 -16.98 28.99
N VAL A 52 4.13 -17.13 29.14
CA VAL A 52 4.87 -18.23 28.49
C VAL A 52 5.13 -19.41 29.43
N LEU A 53 4.94 -19.16 30.72
CA LEU A 53 5.28 -20.18 31.71
C LEU A 53 4.12 -20.75 32.50
N ASN A 54 3.05 -21.15 31.79
CA ASN A 54 1.92 -21.70 32.52
C ASN A 54 2.30 -22.93 33.36
N THR A 55 3.35 -23.65 32.94
CA THR A 55 3.83 -24.81 33.69
C THR A 55 5.02 -24.42 34.60
N GLY A 56 5.28 -23.11 34.70
CA GLY A 56 6.35 -22.63 35.54
C GLY A 56 7.76 -22.66 34.95
N HIS A 57 8.67 -21.95 35.59
CA HIS A 57 10.03 -21.98 35.12
C HIS A 57 10.60 -23.35 35.28
N LEU A 58 11.23 -23.82 34.20
CA LEU A 58 11.89 -25.11 34.21
C LEU A 58 11.09 -26.25 34.84
N HIS A 59 9.87 -26.52 34.38
CA HIS A 59 9.12 -27.67 34.94
C HIS A 59 10.04 -28.89 34.79
N PRO A 60 10.23 -29.66 35.87
CA PRO A 60 11.13 -30.82 35.78
C PRO A 60 10.87 -31.82 34.67
N LYS A 61 9.61 -32.08 34.36
CA LYS A 61 9.29 -33.04 33.31
C LYS A 61 9.69 -32.50 31.97
N VAL A 62 9.37 -31.22 31.76
CA VAL A 62 9.71 -30.56 30.52
C VAL A 62 11.22 -30.54 30.35
N VAL A 63 11.94 -30.14 31.39
CA VAL A 63 13.39 -30.10 31.32
C VAL A 63 14.00 -31.49 31.04
N ALA A 64 13.49 -32.54 31.69
CA ALA A 64 14.01 -33.89 31.44
C ALA A 64 13.83 -34.30 29.97
N ALA A 65 12.67 -33.97 29.38
CA ALA A 65 12.42 -34.32 27.96
C ALA A 65 13.39 -33.54 27.09
N VAL A 66 13.58 -32.27 27.44
CA VAL A 66 14.53 -31.46 26.68
C VAL A 66 15.95 -32.04 26.78
N GLU A 67 16.36 -32.41 28.00
CA GLU A 67 17.70 -32.96 28.20
C GLU A 67 17.92 -34.23 27.38
N ALA A 68 16.89 -35.08 27.32
CA ALA A 68 16.95 -36.30 26.53
C ALA A 68 17.11 -35.98 25.03
N GLN A 69 16.33 -35.04 24.52
CA GLN A 69 16.41 -34.69 23.09
C GLN A 69 17.78 -34.09 22.74
N LEU A 70 18.42 -33.46 23.73
CA LEU A 70 19.75 -32.87 23.49
C LEU A 70 20.82 -33.94 23.20
N LYS A 71 20.50 -35.20 23.50
CA LYS A 71 21.43 -36.30 23.21
C LYS A 71 21.21 -36.82 21.77
N LYS A 72 20.15 -36.35 21.11
CA LYS A 72 19.82 -36.84 19.74
C LYS A 72 20.13 -35.82 18.65
N LEU A 73 19.39 -34.70 18.62
CA LEU A 73 19.68 -33.63 17.65
C LEU A 73 18.94 -32.37 18.09
N SER A 74 19.37 -31.20 17.64
CA SER A 74 18.68 -29.96 18.03
C SER A 74 18.07 -29.26 16.81
N HIS A 75 18.59 -29.55 15.63
CA HIS A 75 18.11 -28.90 14.41
C HIS A 75 18.42 -29.61 13.09
N THR A 76 17.45 -29.76 12.19
CA THR A 76 17.74 -30.30 10.85
C THR A 76 17.05 -29.44 9.79
N CYS A 77 16.06 -28.63 10.22
CA CYS A 77 15.14 -27.81 9.39
C CYS A 77 14.17 -28.88 8.85
N PHE A 78 12.98 -28.90 9.42
CA PHE A 78 11.95 -29.91 9.15
C PHE A 78 11.67 -30.14 7.68
N GLN A 79 11.58 -29.07 6.91
CA GLN A 79 11.29 -29.13 5.48
C GLN A 79 12.46 -29.75 4.70
N VAL A 80 13.64 -29.88 5.32
CA VAL A 80 14.79 -30.51 4.68
C VAL A 80 14.80 -31.99 5.09
N LEU A 81 14.95 -32.25 6.38
CA LEU A 81 14.88 -33.62 6.93
C LEU A 81 13.85 -33.50 8.06
N ALA A 82 12.75 -34.29 8.02
CA ALA A 82 11.73 -34.20 9.06
C ALA A 82 12.16 -34.89 10.34
N TYR A 83 11.34 -34.80 11.39
CA TYR A 83 11.64 -35.51 12.65
C TYR A 83 10.34 -35.70 13.35
N GLU A 84 10.26 -36.75 14.18
CA GLU A 84 8.98 -37.12 14.79
C GLU A 84 8.29 -36.16 15.76
N PRO A 85 9.07 -35.45 16.59
CA PRO A 85 8.42 -34.53 17.55
C PRO A 85 7.57 -33.45 16.90
N TYR A 86 8.01 -32.96 15.74
CA TYR A 86 7.23 -31.97 15.01
C TYR A 86 5.88 -32.65 14.59
N LEU A 87 5.99 -33.78 13.94
CA LEU A 87 4.79 -34.52 13.48
C LEU A 87 3.83 -34.85 14.64
N GLU A 88 4.34 -35.44 15.73
CA GLU A 88 3.48 -35.80 16.84
C GLU A 88 2.72 -34.62 17.40
N LEU A 89 3.42 -33.49 17.56
CA LEU A 89 2.75 -32.32 18.13
C LEU A 89 1.63 -31.84 17.18
N CYS A 90 1.90 -31.84 15.87
CA CYS A 90 0.87 -31.43 14.91
C CYS A 90 -0.37 -32.33 15.03
N GLU A 91 -0.13 -33.64 15.12
CA GLU A 91 -1.25 -34.58 15.26
C GLU A 91 -2.09 -34.26 16.50
N ILE A 92 -1.41 -34.01 17.61
CA ILE A 92 -2.10 -33.68 18.85
C ILE A 92 -2.84 -32.35 18.76
N MET A 93 -2.21 -31.32 18.18
CA MET A 93 -2.91 -30.02 18.06
C MET A 93 -4.16 -30.11 17.15
N ASN A 94 -4.08 -30.92 16.10
CA ASN A 94 -5.23 -31.11 15.22
C ASN A 94 -6.39 -31.62 16.01
N GLN A 95 -6.12 -32.42 17.05
CA GLN A 95 -7.21 -32.94 17.89
C GLN A 95 -7.64 -31.98 19.00
N LYS A 96 -6.67 -31.33 19.63
CA LYS A 96 -6.95 -30.43 20.76
C LYS A 96 -7.56 -29.07 20.39
N VAL A 97 -7.22 -28.53 19.24
CA VAL A 97 -7.79 -27.24 18.84
C VAL A 97 -9.26 -27.45 18.52
N PRO A 98 -10.14 -26.56 19.03
CA PRO A 98 -11.57 -26.72 18.78
C PRO A 98 -11.99 -26.70 17.31
N GLY A 99 -13.02 -27.49 17.01
CA GLY A 99 -13.53 -27.62 15.66
C GLY A 99 -13.76 -29.10 15.38
N ASP A 100 -15.01 -29.49 15.22
CA ASP A 100 -15.32 -30.90 14.96
C ASP A 100 -15.23 -31.19 13.46
N PHE A 101 -14.01 -31.16 12.93
CA PHE A 101 -13.75 -31.40 11.54
C PHE A 101 -12.25 -31.64 11.39
N ALA A 102 -11.83 -32.16 10.25
CA ALA A 102 -10.43 -32.47 10.02
C ALA A 102 -9.60 -31.19 10.01
N LYS A 103 -8.41 -31.25 10.63
CA LYS A 103 -7.51 -30.11 10.71
C LYS A 103 -6.08 -30.49 10.39
N LYS A 104 -5.27 -29.48 10.06
CA LYS A 104 -3.85 -29.70 9.86
C LYS A 104 -3.13 -28.57 10.59
N THR A 105 -1.87 -28.81 10.90
CA THR A 105 -1.05 -27.88 11.66
C THR A 105 0.31 -27.66 11.04
N LEU A 106 0.75 -26.40 11.08
CA LEU A 106 2.06 -25.96 10.65
C LEU A 106 2.76 -25.48 11.95
N LEU A 107 4.03 -25.80 12.13
CA LEU A 107 4.74 -25.24 13.29
C LEU A 107 5.71 -24.17 12.74
N VAL A 108 5.85 -23.08 13.49
CA VAL A 108 6.81 -22.04 13.14
C VAL A 108 7.59 -21.79 14.43
N THR A 109 7.99 -20.55 14.69
CA THR A 109 8.81 -20.36 15.89
C THR A 109 8.27 -19.28 16.82
N THR A 110 7.80 -18.14 16.29
CA THR A 110 7.27 -17.09 17.17
C THR A 110 5.78 -16.81 16.95
N GLY A 111 5.14 -16.15 17.92
CA GLY A 111 3.73 -15.82 17.82
C GLY A 111 3.44 -14.92 16.60
N SER A 112 4.32 -13.94 16.35
N SER A 112 4.34 -13.96 16.34
CA SER A 112 4.15 -13.06 15.20
CA SER A 112 4.20 -13.07 15.20
C SER A 112 4.20 -13.90 13.92
C SER A 112 4.20 -13.89 13.93
N GLU A 113 5.13 -14.84 13.85
CA GLU A 113 5.20 -15.72 12.64
C GLU A 113 3.91 -16.52 12.51
N ALA A 114 3.37 -16.97 13.64
CA ALA A 114 2.13 -17.75 13.58
C ALA A 114 1.01 -16.91 12.96
N VAL A 115 0.84 -15.67 13.44
CA VAL A 115 -0.21 -14.82 12.87
C VAL A 115 0.08 -14.52 11.39
N GLU A 116 1.35 -14.27 11.06
CA GLU A 116 1.71 -13.99 9.67
C GLU A 116 1.23 -15.18 8.79
N ASN A 117 1.58 -16.38 9.21
CA ASN A 117 1.20 -17.56 8.40
C ASN A 117 -0.30 -17.83 8.35
N ALA A 118 -1.00 -17.60 9.45
CA ALA A 118 -2.45 -17.79 9.43
C ALA A 118 -3.08 -16.85 8.39
N VAL A 119 -2.60 -15.60 8.32
CA VAL A 119 -3.14 -14.67 7.31
C VAL A 119 -2.74 -15.12 5.88
N LYS A 120 -1.48 -15.52 5.69
CA LYS A 120 -1.05 -15.96 4.33
C LYS A 120 -1.95 -17.14 3.92
N ILE A 121 -2.22 -18.05 4.86
CA ILE A 121 -3.07 -19.20 4.56
C ILE A 121 -4.50 -18.74 4.23
N ALA A 122 -5.09 -17.87 5.04
CA ALA A 122 -6.45 -17.38 4.77
C ALA A 122 -6.49 -16.71 3.40
N ARG A 123 -5.47 -15.90 3.08
CA ARG A 123 -5.45 -15.26 1.75
C ARG A 123 -5.40 -16.27 0.57
N ALA A 124 -4.58 -17.29 0.71
CA ALA A 124 -4.49 -18.29 -0.35
C ALA A 124 -5.81 -19.05 -0.44
N ALA A 125 -6.43 -19.32 0.70
CA ALA A 125 -7.66 -20.09 0.72
C ALA A 125 -8.86 -19.36 0.14
N THR A 126 -8.91 -18.04 0.35
CA THR A 126 -10.04 -17.25 -0.11
C THR A 126 -9.79 -16.48 -1.41
N LYS A 127 -8.51 -16.38 -1.80
CA LYS A 127 -8.06 -15.62 -2.95
C LYS A 127 -8.47 -14.16 -2.72
N ARG A 128 -8.22 -13.65 -1.52
CA ARG A 128 -8.55 -12.24 -1.18
C ARG A 128 -7.32 -11.71 -0.42
N SER A 129 -7.15 -10.40 -0.40
CA SER A 129 -5.97 -9.78 0.22
C SER A 129 -6.14 -8.98 1.51
N GLY A 130 -7.36 -8.54 1.82
CA GLY A 130 -7.52 -7.71 2.99
C GLY A 130 -7.80 -8.43 4.27
N THR A 131 -7.53 -7.78 5.40
CA THR A 131 -7.85 -8.37 6.70
C THR A 131 -8.44 -7.32 7.60
N ILE A 132 -9.19 -7.78 8.60
CA ILE A 132 -9.81 -6.89 9.58
C ILE A 132 -9.26 -7.31 10.96
N ALA A 133 -8.89 -6.33 11.81
CA ALA A 133 -8.39 -6.63 13.18
C ALA A 133 -9.12 -5.63 14.09
N PHE A 134 -9.02 -5.82 15.41
CA PHE A 134 -9.78 -4.99 16.32
C PHE A 134 -9.03 -3.90 17.09
N SER A 135 -9.79 -2.93 17.60
CA SER A 135 -9.17 -1.86 18.39
C SER A 135 -8.51 -2.48 19.62
N GLY A 136 -7.32 -1.99 19.94
CA GLY A 136 -6.61 -2.52 21.08
C GLY A 136 -5.95 -3.89 20.86
N ALA A 137 -6.13 -4.48 19.67
CA ALA A 137 -5.54 -5.81 19.43
C ALA A 137 -4.02 -5.80 19.49
N TYR A 138 -3.42 -6.97 19.74
CA TYR A 138 -1.97 -7.06 19.66
C TYR A 138 -1.67 -8.39 18.97
N HIS A 139 -0.89 -8.37 17.89
CA HIS A 139 -0.61 -9.58 17.13
C HIS A 139 0.86 -9.79 16.78
N GLY A 140 1.72 -8.88 17.22
CA GLY A 140 3.13 -9.04 16.94
C GLY A 140 3.85 -7.80 16.44
N ARG A 141 5.15 -7.99 16.26
CA ARG A 141 6.09 -6.93 15.87
C ARG A 141 6.70 -6.98 14.48
N THR A 142 6.12 -7.76 13.56
CA THR A 142 6.65 -7.74 12.18
C THR A 142 5.85 -6.59 11.52
N HIS A 143 6.24 -6.14 10.32
CA HIS A 143 5.44 -5.04 9.74
C HIS A 143 3.95 -5.31 9.67
N TYR A 144 3.61 -6.47 9.11
CA TYR A 144 2.20 -6.78 8.96
C TYR A 144 1.46 -6.97 10.29
N THR A 145 2.10 -7.62 11.27
CA THR A 145 1.41 -7.80 12.54
C THR A 145 1.36 -6.48 13.32
N LEU A 146 2.27 -5.54 13.02
CA LEU A 146 2.19 -4.20 13.65
C LEU A 146 0.96 -3.47 13.05
N ALA A 147 0.69 -3.72 11.76
CA ALA A 147 -0.50 -3.12 11.13
C ALA A 147 -1.74 -3.74 11.80
N LEU A 148 -1.72 -5.07 12.01
CA LEU A 148 -2.88 -5.75 12.64
C LEU A 148 -3.07 -5.29 14.09
N THR A 149 -1.95 -5.06 14.78
CA THR A 149 -1.95 -4.60 16.17
C THR A 149 -2.64 -3.23 16.27
N GLY A 150 -3.65 -3.14 17.14
CA GLY A 150 -4.40 -1.90 17.29
C GLY A 150 -3.80 -0.95 18.32
N LYS A 151 -2.54 -0.61 18.12
CA LYS A 151 -1.84 0.32 19.02
C LYS A 151 -0.57 0.72 18.33
N VAL A 152 -0.45 2.01 18.01
CA VAL A 152 0.74 2.48 17.31
C VAL A 152 1.89 2.78 18.27
N ASN A 153 1.57 3.46 19.37
CA ASN A 153 2.63 3.82 20.32
C ASN A 153 2.63 2.80 21.44
N PRO A 154 3.78 2.16 21.70
CA PRO A 154 5.10 2.33 21.07
C PRO A 154 5.53 1.35 19.97
N TYR A 155 4.75 0.29 19.81
CA TYR A 155 5.07 -0.79 18.89
C TYR A 155 5.54 -0.42 17.48
N SER A 156 4.96 0.61 16.88
CA SER A 156 5.37 1.02 15.54
C SER A 156 5.53 2.54 15.48
N ALA A 157 5.77 3.15 16.65
CA ALA A 157 5.95 4.60 16.72
C ALA A 157 7.21 5.05 15.98
N GLY A 158 7.06 6.14 15.23
CA GLY A 158 8.18 6.72 14.51
C GLY A 158 8.67 5.96 13.29
N MET A 159 8.01 4.88 12.91
CA MET A 159 8.48 4.13 11.76
C MET A 159 7.77 4.48 10.44
N GLY A 160 6.82 5.42 10.50
CA GLY A 160 6.08 5.73 9.28
C GLY A 160 4.87 4.78 9.27
N LEU A 161 4.08 4.80 8.22
CA LEU A 161 2.87 3.97 8.20
C LEU A 161 3.14 2.47 7.89
N MET A 162 2.49 1.61 8.66
CA MET A 162 2.62 0.16 8.50
C MET A 162 1.76 -0.26 7.29
N PRO A 163 1.94 -1.48 6.79
CA PRO A 163 1.17 -1.95 5.62
C PRO A 163 -0.31 -1.62 5.58
N GLY A 164 -0.76 -1.17 4.41
CA GLY A 164 -2.17 -0.84 4.22
C GLY A 164 -3.02 -2.10 4.06
N HIS A 165 -4.31 -1.89 3.81
CA HIS A 165 -5.26 -2.98 3.57
C HIS A 165 -5.48 -3.89 4.82
N VAL A 166 -5.39 -3.25 5.99
CA VAL A 166 -5.71 -3.89 7.27
C VAL A 166 -6.73 -2.88 7.79
N TYR A 167 -7.95 -3.34 8.05
CA TYR A 167 -9.05 -2.46 8.50
C TYR A 167 -9.39 -2.63 9.98
N ARG A 168 -9.95 -1.58 10.59
CA ARG A 168 -10.16 -1.59 12.04
C ARG A 168 -11.58 -1.66 12.55
N ALA A 169 -11.90 -2.75 13.24
CA ALA A 169 -13.22 -2.94 13.84
C ALA A 169 -13.09 -2.63 15.34
N LEU A 170 -14.21 -2.47 16.03
CA LEU A 170 -14.19 -2.16 17.46
C LEU A 170 -14.35 -3.45 18.28
N TYR A 171 -13.46 -3.68 19.25
CA TYR A 171 -13.60 -4.89 20.07
C TYR A 171 -14.70 -4.61 21.10
N PRO A 172 -15.66 -5.54 21.29
CA PRO A 172 -16.74 -5.31 22.27
C PRO A 172 -16.17 -5.12 23.68
N CYS A 173 -16.61 -4.09 24.38
CA CYS A 173 -16.11 -3.81 25.73
C CYS A 173 -17.14 -2.91 26.44
N PRO A 174 -18.18 -3.51 27.03
CA PRO A 174 -19.22 -2.76 27.72
C PRO A 174 -18.70 -1.83 28.80
N LEU A 175 -17.64 -2.26 29.48
CA LEU A 175 -17.03 -1.45 30.53
C LEU A 175 -16.67 -0.07 29.98
N HIS A 176 -16.34 0.01 28.70
CA HIS A 176 -15.99 1.30 28.12
C HIS A 176 -16.96 1.79 27.05
N GLY A 177 -18.20 1.34 27.17
CA GLY A 177 -19.24 1.78 26.26
C GLY A 177 -19.28 1.27 24.84
N ILE A 178 -18.61 0.17 24.52
CA ILE A 178 -18.69 -0.37 23.17
C ILE A 178 -19.49 -1.66 23.30
N SER A 179 -20.73 -1.64 22.84
CA SER A 179 -21.57 -2.82 22.96
C SER A 179 -21.23 -3.86 21.89
N GLU A 180 -21.80 -5.06 22.01
CA GLU A 180 -21.56 -6.09 21.02
C GLU A 180 -22.18 -5.64 19.69
N ASP A 181 -23.28 -4.90 19.76
CA ASP A 181 -23.92 -4.39 18.53
C ASP A 181 -22.98 -3.38 17.85
N ASP A 182 -22.35 -2.54 18.68
CA ASP A 182 -21.40 -1.52 18.16
C ASP A 182 -20.25 -2.28 17.46
N ALA A 183 -19.80 -3.37 18.06
CA ALA A 183 -18.67 -4.13 17.52
C ALA A 183 -19.04 -4.73 16.16
N ILE A 184 -20.17 -5.43 16.11
CA ILE A 184 -20.61 -6.03 14.86
C ILE A 184 -20.89 -4.92 13.83
N ALA A 185 -21.47 -3.81 14.28
CA ALA A 185 -21.76 -2.72 13.34
C ALA A 185 -20.46 -2.15 12.75
N SER A 186 -19.39 -2.12 13.53
CA SER A 186 -18.12 -1.56 13.04
C SER A 186 -17.53 -2.45 11.92
N ILE A 187 -17.91 -3.72 11.90
CA ILE A 187 -17.45 -4.62 10.83
C ILE A 187 -18.23 -4.31 9.56
N HIS A 188 -19.54 -4.15 9.69
CA HIS A 188 -20.34 -3.82 8.53
C HIS A 188 -19.91 -2.46 8.00
N ARG A 189 -19.46 -1.58 8.88
CA ARG A 189 -19.03 -0.24 8.44
C ARG A 189 -17.82 -0.37 7.49
N ILE A 190 -16.91 -1.25 7.83
CA ILE A 190 -15.74 -1.51 6.97
C ILE A 190 -16.22 -2.01 5.59
N PHE A 191 -17.14 -2.97 5.59
CA PHE A 191 -17.67 -3.55 4.34
C PHE A 191 -18.27 -2.47 3.45
N LYS A 192 -18.98 -1.54 4.08
CA LYS A 192 -19.65 -0.49 3.33
C LYS A 192 -18.76 0.70 2.92
N ASN A 193 -17.80 1.04 3.77
CA ASN A 193 -16.97 2.23 3.52
C ASN A 193 -15.60 2.03 2.91
N ASP A 194 -14.95 0.90 3.21
CA ASP A 194 -13.59 0.72 2.75
C ASP A 194 -13.18 -0.57 2.07
N ALA A 195 -13.81 -1.69 2.42
CA ALA A 195 -13.40 -2.94 1.81
C ALA A 195 -14.56 -3.91 1.83
N ALA A 196 -15.06 -4.27 0.65
CA ALA A 196 -16.20 -5.19 0.61
C ALA A 196 -15.82 -6.59 1.11
N PRO A 197 -16.82 -7.37 1.59
CA PRO A 197 -16.52 -8.73 2.08
C PRO A 197 -15.70 -9.54 1.10
N GLU A 198 -15.95 -9.37 -0.20
CA GLU A 198 -15.27 -10.14 -1.24
C GLU A 198 -13.78 -9.84 -1.31
N ASP A 199 -13.33 -8.81 -0.59
CA ASP A 199 -11.89 -8.51 -0.56
C ASP A 199 -11.29 -8.79 0.81
N ILE A 200 -12.10 -9.31 1.73
CA ILE A 200 -11.58 -9.60 3.08
C ILE A 200 -11.30 -11.11 3.24
N ALA A 201 -10.03 -11.48 3.38
CA ALA A 201 -9.67 -12.87 3.56
C ALA A 201 -9.93 -13.38 4.97
N ALA A 202 -9.79 -12.49 5.95
CA ALA A 202 -9.93 -12.92 7.33
C ALA A 202 -10.20 -11.83 8.31
N ILE A 203 -10.84 -12.23 9.39
CA ILE A 203 -11.07 -11.37 10.54
C ILE A 203 -10.24 -12.04 11.64
N VAL A 204 -9.28 -11.29 12.19
CA VAL A 204 -8.37 -11.78 13.21
C VAL A 204 -8.80 -11.26 14.57
N ILE A 205 -8.93 -12.13 15.56
CA ILE A 205 -9.38 -11.67 16.85
C ILE A 205 -8.80 -12.47 18.01
N GLU A 206 -8.47 -11.78 19.09
CA GLU A 206 -8.01 -12.50 20.28
C GLU A 206 -9.29 -12.81 21.09
N PRO A 207 -9.56 -14.10 21.41
CA PRO A 207 -10.78 -14.45 22.18
C PRO A 207 -10.78 -13.64 23.51
N VAL A 208 -9.59 -13.42 24.04
CA VAL A 208 -9.38 -12.56 25.20
C VAL A 208 -8.19 -11.70 24.79
N GLN A 209 -8.38 -10.39 24.72
CA GLN A 209 -7.27 -9.50 24.35
C GLN A 209 -6.25 -9.51 25.47
N GLY A 210 -4.98 -9.57 25.10
CA GLY A 210 -3.91 -9.65 26.06
C GLY A 210 -3.30 -8.31 26.39
N GLU A 211 -2.39 -7.86 25.53
CA GLU A 211 -1.75 -6.56 25.73
C GLU A 211 -2.83 -5.47 25.74
N GLY A 212 -3.97 -5.78 25.12
CA GLY A 212 -5.10 -4.84 25.04
C GLY A 212 -5.90 -4.67 26.31
N GLY A 213 -5.59 -5.41 27.38
CA GLY A 213 -6.31 -5.22 28.63
C GLY A 213 -7.09 -6.38 29.25
N PHE A 214 -6.84 -7.60 28.79
CA PHE A 214 -7.57 -8.76 29.29
C PHE A 214 -9.09 -8.58 29.18
N TYR A 215 -9.57 -8.18 28.01
CA TYR A 215 -11.01 -8.02 27.75
C TYR A 215 -11.38 -9.25 26.97
N ALA A 216 -12.42 -9.94 27.40
CA ALA A 216 -12.79 -11.17 26.75
C ALA A 216 -14.06 -11.04 25.94
N SER A 217 -14.12 -11.79 24.84
N SER A 217 -14.12 -11.78 24.84
CA SER A 217 -15.31 -11.80 24.00
CA SER A 217 -15.33 -11.76 24.02
C SER A 217 -16.31 -12.73 24.70
C SER A 217 -16.31 -12.73 24.68
N SER A 218 -17.60 -12.43 24.56
CA SER A 218 -18.65 -13.27 25.12
C SER A 218 -18.94 -14.35 24.06
N PRO A 219 -19.52 -15.49 24.48
CA PRO A 219 -19.84 -16.53 23.50
C PRO A 219 -20.84 -15.99 22.47
N ALA A 220 -21.80 -15.17 22.90
CA ALA A 220 -22.81 -14.61 21.98
C ALA A 220 -22.15 -13.76 20.90
N PHE A 221 -21.19 -12.95 21.31
CA PHE A 221 -20.50 -12.10 20.33
C PHE A 221 -19.71 -12.97 19.36
N MET A 222 -18.92 -13.92 19.87
CA MET A 222 -18.13 -14.78 18.99
C MET A 222 -19.02 -15.57 18.01
N GLN A 223 -20.20 -15.98 18.49
CA GLN A 223 -21.13 -16.70 17.66
C GLN A 223 -21.65 -15.79 16.52
N ARG A 224 -21.91 -14.51 16.82
CA ARG A 224 -22.37 -13.58 15.78
C ARG A 224 -21.25 -13.39 14.74
N LEU A 225 -20.02 -13.35 15.22
CA LEU A 225 -18.87 -13.16 14.32
C LEU A 225 -18.69 -14.36 13.40
N ARG A 226 -18.83 -15.55 13.97
CA ARG A 226 -18.72 -16.78 13.24
C ARG A 226 -19.77 -16.77 12.12
N ALA A 227 -21.00 -16.40 12.46
CA ALA A 227 -22.07 -16.36 11.43
C ALA A 227 -21.76 -15.30 10.33
N LEU A 228 -21.22 -14.16 10.74
CA LEU A 228 -20.88 -13.11 9.77
C LEU A 228 -19.78 -13.66 8.84
N CYS A 229 -18.76 -14.31 9.40
CA CYS A 229 -17.71 -14.87 8.54
C CYS A 229 -18.28 -15.93 7.61
N ASP A 230 -19.15 -16.80 8.14
CA ASP A 230 -19.75 -17.85 7.30
C ASP A 230 -20.50 -17.27 6.13
N GLU A 231 -21.27 -16.22 6.39
CA GLU A 231 -22.07 -15.60 5.34
C GLU A 231 -21.25 -15.06 4.19
N HIS A 232 -20.07 -14.54 4.51
CA HIS A 232 -19.19 -13.94 3.53
C HIS A 232 -17.98 -14.72 3.05
N GLY A 233 -17.85 -15.96 3.53
CA GLY A 233 -16.71 -16.78 3.13
C GLY A 233 -15.38 -16.23 3.69
N ILE A 234 -15.45 -15.56 4.84
CA ILE A 234 -14.24 -14.98 5.44
C ILE A 234 -13.70 -15.97 6.47
N MET A 235 -12.38 -16.12 6.56
CA MET A 235 -11.76 -16.99 7.54
C MET A 235 -11.71 -16.32 8.90
N LEU A 236 -12.13 -17.04 9.94
CA LEU A 236 -12.08 -16.47 11.29
C LEU A 236 -10.78 -16.96 11.89
N ILE A 237 -9.88 -16.03 12.19
CA ILE A 237 -8.62 -16.45 12.78
C ILE A 237 -8.66 -16.08 14.28
N ALA A 238 -8.49 -17.09 15.13
CA ALA A 238 -8.48 -16.86 16.56
C ALA A 238 -7.00 -16.78 16.97
N ASP A 239 -6.55 -15.62 17.41
CA ASP A 239 -5.16 -15.52 17.84
C ASP A 239 -5.12 -15.89 19.32
N GLU A 240 -4.69 -17.13 19.58
CA GLU A 240 -4.60 -17.65 20.96
C GLU A 240 -3.14 -17.77 21.44
N VAL A 241 -2.29 -16.92 20.89
CA VAL A 241 -0.90 -16.94 21.30
C VAL A 241 -0.80 -16.73 22.82
N GLN A 242 -1.61 -15.82 23.35
CA GLN A 242 -1.57 -15.51 24.77
C GLN A 242 -2.74 -16.13 25.57
N SER A 243 -3.92 -16.22 24.97
CA SER A 243 -5.08 -16.78 25.68
C SER A 243 -5.00 -18.32 25.70
N GLY A 244 -4.25 -18.87 24.76
CA GLY A 244 -4.15 -20.32 24.65
C GLY A 244 -3.24 -21.05 25.64
N ALA A 245 -3.04 -22.33 25.38
CA ALA A 245 -2.22 -23.17 26.23
C ALA A 245 -2.72 -23.13 27.68
N GLY A 246 -4.04 -23.24 27.81
CA GLY A 246 -4.70 -23.33 29.12
C GLY A 246 -4.94 -22.15 30.05
N ARG A 247 -4.53 -20.94 29.66
CA ARG A 247 -4.68 -19.78 30.53
C ARG A 247 -6.12 -19.49 30.97
N THR A 248 -7.10 -19.75 30.11
CA THR A 248 -8.48 -19.43 30.47
C THR A 248 -9.26 -20.58 31.09
N GLY A 249 -8.61 -21.68 31.45
CA GLY A 249 -9.39 -22.77 32.02
C GLY A 249 -9.73 -23.88 31.04
N THR A 250 -9.62 -23.62 29.74
CA THR A 250 -9.76 -24.66 28.72
C THR A 250 -8.44 -24.52 27.97
N LEU A 251 -8.02 -25.55 27.22
CA LEU A 251 -6.73 -25.41 26.53
C LEU A 251 -6.78 -24.16 25.65
N PHE A 252 -7.87 -24.01 24.90
CA PHE A 252 -8.08 -22.85 24.05
C PHE A 252 -9.36 -22.16 24.44
N ALA A 253 -9.28 -20.83 24.53
CA ALA A 253 -10.43 -20.03 24.94
C ALA A 253 -11.60 -20.22 23.96
N MET A 254 -11.32 -20.51 22.69
CA MET A 254 -12.43 -20.66 21.76
C MET A 254 -13.37 -21.80 22.20
N GLU A 255 -12.85 -22.73 22.98
CA GLU A 255 -13.69 -23.83 23.50
C GLU A 255 -14.85 -23.32 24.32
N GLN A 256 -14.67 -22.17 24.95
CA GLN A 256 -15.70 -21.59 25.79
C GLN A 256 -16.66 -20.68 25.01
N MET A 257 -16.40 -20.49 23.71
CA MET A 257 -17.22 -19.61 22.90
C MET A 257 -18.37 -20.33 22.18
N GLY A 258 -18.33 -21.65 22.11
CA GLY A 258 -19.43 -22.32 21.44
C GLY A 258 -19.35 -22.37 19.92
N VAL A 259 -18.26 -21.87 19.36
CA VAL A 259 -18.04 -21.93 17.90
C VAL A 259 -16.56 -22.14 17.67
N ALA A 260 -16.20 -22.65 16.51
CA ALA A 260 -14.81 -22.92 16.16
C ALA A 260 -14.29 -21.95 15.09
N PRO A 261 -13.02 -21.56 15.21
CA PRO A 261 -12.45 -20.65 14.21
C PRO A 261 -12.01 -21.50 13.03
N ASP A 262 -11.64 -20.86 11.94
CA ASP A 262 -11.10 -21.62 10.82
C ASP A 262 -9.61 -21.88 11.05
N LEU A 263 -8.96 -20.95 11.77
CA LEU A 263 -7.51 -21.04 12.02
C LEU A 263 -7.24 -20.55 13.42
N THR A 264 -6.25 -21.14 14.08
CA THR A 264 -5.88 -20.74 15.43
C THR A 264 -4.36 -20.62 15.52
N THR A 265 -3.87 -19.54 16.14
CA THR A 265 -2.44 -19.40 16.33
C THR A 265 -2.15 -19.73 17.80
N PHE A 266 -0.99 -20.32 18.06
CA PHE A 266 -0.61 -20.63 19.45
C PHE A 266 0.91 -20.43 19.56
N ALA A 267 1.39 -20.19 20.78
CA ALA A 267 2.82 -19.97 20.99
C ALA A 267 2.97 -19.86 22.49
N LYS A 268 3.85 -18.99 22.95
CA LYS A 268 4.06 -18.78 24.37
C LYS A 268 4.07 -20.03 25.28
N SER A 269 3.03 -20.20 26.10
CA SER A 269 2.99 -21.32 27.04
C SER A 269 2.93 -22.69 26.40
N ILE A 270 2.66 -22.75 25.10
CA ILE A 270 2.56 -24.09 24.47
C ILE A 270 3.85 -24.93 24.72
N ALA A 271 5.02 -24.28 24.85
CA ALA A 271 6.26 -25.03 25.05
C ALA A 271 6.99 -24.75 26.40
N GLY A 272 6.28 -24.10 27.33
CA GLY A 272 6.82 -23.90 28.65
C GLY A 272 8.18 -23.21 28.80
N GLY A 273 8.50 -22.29 27.88
CA GLY A 273 9.76 -21.56 28.00
C GLY A 273 10.76 -21.91 26.91
N PHE A 274 10.29 -22.49 25.79
CA PHE A 274 11.18 -22.82 24.64
C PHE A 274 10.50 -22.23 23.40
N PRO A 275 11.29 -21.74 22.43
CA PRO A 275 10.74 -21.12 21.23
C PRO A 275 10.03 -21.98 20.22
N LEU A 276 8.71 -21.91 20.26
CA LEU A 276 7.87 -22.67 19.34
C LEU A 276 6.57 -21.93 19.13
N ALA A 277 6.01 -21.99 17.92
CA ALA A 277 4.65 -21.41 17.67
C ALA A 277 3.99 -22.25 16.59
N GLY A 278 2.71 -21.99 16.31
CA GLY A 278 2.07 -22.75 15.25
C GLY A 278 0.71 -22.24 14.85
N VAL A 279 0.14 -22.87 13.82
CA VAL A 279 -1.17 -22.51 13.32
C VAL A 279 -1.89 -23.84 13.04
N THR A 280 -3.09 -23.97 13.56
CA THR A 280 -3.85 -25.21 13.32
C THR A 280 -5.16 -24.74 12.73
N GLY A 281 -5.64 -25.44 11.70
CA GLY A 281 -6.91 -25.03 11.12
C GLY A 281 -7.59 -26.06 10.25
N ARG A 282 -8.78 -25.72 9.79
CA ARG A 282 -9.60 -26.56 8.91
C ARG A 282 -8.65 -27.08 7.83
N ALA A 283 -8.60 -28.39 7.68
CA ALA A 283 -7.64 -28.97 6.73
C ALA A 283 -7.63 -28.37 5.33
N GLU A 284 -8.81 -28.17 4.75
CA GLU A 284 -8.87 -27.66 3.38
C GLU A 284 -8.36 -26.23 3.24
N VAL A 285 -8.46 -25.48 4.31
CA VAL A 285 -7.97 -24.08 4.32
C VAL A 285 -6.44 -24.13 4.42
N MET A 286 -5.94 -24.95 5.36
CA MET A 286 -4.52 -25.09 5.54
C MET A 286 -3.84 -25.56 4.27
N ASP A 287 -4.49 -26.49 3.55
CA ASP A 287 -3.91 -27.01 2.31
C ASP A 287 -3.96 -26.10 1.06
N ALA A 288 -4.56 -24.93 1.17
CA ALA A 288 -4.67 -24.00 0.03
C ALA A 288 -3.31 -23.50 -0.47
N VAL A 289 -2.34 -23.40 0.41
CA VAL A 289 -1.01 -22.92 0.00
C VAL A 289 -0.27 -24.06 -0.71
N ALA A 290 0.33 -23.77 -1.87
CA ALA A 290 1.10 -24.79 -2.62
C ALA A 290 2.44 -25.12 -1.98
N PRO A 291 2.97 -26.34 -2.24
CA PRO A 291 4.26 -26.77 -1.68
C PRO A 291 5.32 -25.72 -1.89
N GLY A 292 6.10 -25.44 -0.84
CA GLY A 292 7.15 -24.44 -0.88
C GLY A 292 6.67 -23.11 -0.32
N GLY A 293 5.35 -22.99 -0.18
CA GLY A 293 4.78 -21.77 0.30
C GLY A 293 4.83 -21.56 1.81
N LEU A 294 5.17 -22.60 2.56
CA LEU A 294 5.20 -22.45 4.01
C LEU A 294 6.53 -23.00 4.50
N GLY A 295 7.07 -22.38 5.56
CA GLY A 295 8.33 -22.90 6.06
C GLY A 295 9.00 -21.97 7.06
N GLY A 296 10.32 -22.08 7.17
CA GLY A 296 11.05 -21.26 8.12
C GLY A 296 12.19 -22.13 8.58
N THR A 297 13.37 -21.53 8.71
CA THR A 297 14.53 -22.29 9.12
C THR A 297 14.37 -23.04 10.45
N TYR A 298 14.08 -22.31 11.52
CA TYR A 298 13.97 -22.93 12.84
C TYR A 298 12.62 -23.62 13.18
N ALA A 299 11.60 -23.31 12.39
CA ALA A 299 10.21 -23.76 12.56
C ALA A 299 10.10 -25.11 13.24
N GLY A 300 9.31 -25.17 14.32
CA GLY A 300 9.14 -26.44 15.02
C GLY A 300 10.49 -27.03 15.46
N ASN A 301 11.31 -26.20 16.08
CA ASN A 301 12.61 -26.67 16.57
C ASN A 301 12.40 -27.98 17.40
N PRO A 302 13.17 -29.02 17.12
CA PRO A 302 13.05 -30.31 17.85
C PRO A 302 13.00 -30.20 19.38
N ILE A 303 13.93 -29.46 19.96
CA ILE A 303 13.94 -29.33 21.40
C ILE A 303 12.62 -28.67 21.90
N ALA A 304 12.18 -27.61 21.24
CA ALA A 304 10.96 -26.94 21.66
C ALA A 304 9.74 -27.85 21.47
N CYS A 305 9.75 -28.68 20.42
CA CYS A 305 8.65 -29.62 20.19
C CYS A 305 8.56 -30.63 21.35
N VAL A 306 9.68 -31.25 21.73
CA VAL A 306 9.59 -32.22 22.82
C VAL A 306 9.16 -31.51 24.09
N ALA A 307 9.56 -30.24 24.26
CA ALA A 307 9.12 -29.48 25.42
C ALA A 307 7.59 -29.30 25.39
N ALA A 308 7.03 -28.94 24.23
CA ALA A 308 5.57 -28.76 24.09
C ALA A 308 4.82 -30.07 24.37
N LEU A 309 5.35 -31.18 23.84
CA LEU A 309 4.67 -32.47 24.06
C LEU A 309 4.60 -32.76 25.56
N GLU A 310 5.67 -32.42 26.28
CA GLU A 310 5.71 -32.66 27.73
C GLU A 310 4.76 -31.67 28.46
N VAL A 311 4.71 -30.42 28.01
CA VAL A 311 3.78 -29.44 28.59
C VAL A 311 2.36 -29.99 28.49
N LEU A 312 2.01 -30.54 27.33
CA LEU A 312 0.66 -31.09 27.15
C LEU A 312 0.39 -32.26 28.09
N LYS A 313 1.37 -33.14 28.27
CA LYS A 313 1.20 -34.26 29.23
C LYS A 313 1.07 -33.71 30.65
N VAL A 314 1.88 -32.68 31.00
CA VAL A 314 1.82 -32.10 32.35
C VAL A 314 0.43 -31.51 32.63
N PHE A 315 -0.14 -30.83 31.65
CA PHE A 315 -1.48 -30.26 31.87
C PHE A 315 -2.48 -31.36 32.28
N GLU A 316 -2.37 -32.49 31.60
CA GLU A 316 -3.26 -33.60 31.84
C GLU A 316 -2.93 -34.27 33.18
N GLN A 317 -1.65 -34.56 33.39
CA GLN A 317 -1.24 -35.23 34.63
C GLN A 317 -1.42 -34.41 35.90
N GLU A 318 -1.22 -33.10 35.81
CA GLU A 318 -1.35 -32.25 36.98
C GLU A 318 -2.67 -31.50 37.06
N ASN A 319 -3.63 -31.87 36.22
CA ASN A 319 -4.92 -31.24 36.26
C ASN A 319 -4.78 -29.70 36.19
N LEU A 320 -3.91 -29.18 35.33
CA LEU A 320 -3.72 -27.73 35.27
C LEU A 320 -4.91 -26.89 34.79
N LEU A 321 -5.85 -27.45 34.01
CA LEU A 321 -6.98 -26.63 33.57
C LEU A 321 -7.88 -26.35 34.76
N GLN A 322 -8.16 -27.39 35.55
CA GLN A 322 -8.99 -27.21 36.73
C GLN A 322 -8.26 -26.22 37.68
N LYS A 323 -6.94 -26.37 37.79
CA LYS A 323 -6.16 -25.48 38.66
C LYS A 323 -6.22 -24.05 38.17
N ALA A 324 -6.24 -23.85 36.85
CA ALA A 324 -6.33 -22.49 36.34
C ALA A 324 -7.63 -21.88 36.82
N ASN A 325 -8.72 -22.64 36.70
CA ASN A 325 -10.00 -22.13 37.13
C ASN A 325 -10.03 -21.82 38.62
N ASP A 326 -9.49 -22.74 39.42
CA ASP A 326 -9.47 -22.57 40.88
C ASP A 326 -8.60 -21.35 41.23
N LEU A 327 -7.45 -21.26 40.58
CA LEU A 327 -6.53 -20.16 40.85
C LEU A 327 -7.21 -18.83 40.51
N GLY A 328 -7.91 -18.81 39.38
CA GLY A 328 -8.58 -17.58 38.99
C GLY A 328 -9.62 -17.14 40.01
N GLN A 329 -10.38 -18.10 40.52
CA GLN A 329 -11.42 -17.76 41.50
C GLN A 329 -10.77 -17.20 42.76
N LYS A 330 -9.72 -17.86 43.25
CA LYS A 330 -9.00 -17.40 44.45
C LYS A 330 -8.40 -16.00 44.21
N LEU A 331 -7.84 -15.78 43.04
CA LEU A 331 -7.26 -14.45 42.77
C LEU A 331 -8.33 -13.37 42.74
N LYS A 332 -9.42 -13.62 42.03
CA LYS A 332 -10.47 -12.60 41.94
C LYS A 332 -11.09 -12.31 43.30
N ASP A 333 -11.34 -13.37 44.08
CA ASP A 333 -11.91 -13.17 45.42
C ASP A 333 -10.99 -12.25 46.24
N GLY A 334 -9.70 -12.53 46.17
CA GLY A 334 -8.73 -11.74 46.91
C GLY A 334 -8.66 -10.30 46.41
N LEU A 335 -8.70 -10.14 45.09
CA LEU A 335 -8.64 -8.82 44.48
C LEU A 335 -9.91 -8.03 44.82
N LEU A 336 -11.05 -8.70 44.85
CA LEU A 336 -12.32 -8.03 45.20
C LEU A 336 -12.26 -7.54 46.64
N ALA A 337 -11.64 -8.32 47.54
CA ALA A 337 -11.49 -7.94 48.94
C ALA A 337 -10.69 -6.66 49.02
N ILE A 338 -9.58 -6.63 48.29
CA ILE A 338 -8.74 -5.45 48.27
C ILE A 338 -9.53 -4.26 47.71
N ALA A 339 -10.35 -4.51 46.70
CA ALA A 339 -11.13 -3.43 46.09
C ALA A 339 -12.15 -2.80 47.06
N GLU A 340 -12.64 -3.58 48.02
CA GLU A 340 -13.59 -3.04 49.00
C GLU A 340 -12.97 -1.83 49.69
N LYS A 341 -11.66 -1.83 49.82
CA LYS A 341 -10.94 -0.76 50.49
C LYS A 341 -10.28 0.26 49.53
N HIS A 342 -10.37 -0.01 48.24
CA HIS A 342 -9.75 0.87 47.27
C HIS A 342 -10.64 1.10 46.07
N PRO A 343 -11.41 2.21 46.09
CA PRO A 343 -12.34 2.63 45.05
C PRO A 343 -11.71 2.67 43.64
N GLU A 344 -10.40 2.95 43.59
CA GLU A 344 -9.68 3.03 42.32
C GLU A 344 -9.73 1.75 41.50
N ILE A 345 -9.97 0.61 42.14
CA ILE A 345 -10.06 -0.66 41.42
C ILE A 345 -11.50 -0.69 40.94
N GLY A 346 -11.69 -0.38 39.65
CA GLY A 346 -13.03 -0.32 39.07
C GLY A 346 -13.55 -1.58 38.44
N ASP A 347 -12.67 -2.56 38.29
CA ASP A 347 -13.10 -3.83 37.70
C ASP A 347 -12.10 -4.92 38.06
N VAL A 348 -12.63 -6.11 38.30
CA VAL A 348 -11.84 -7.31 38.59
C VAL A 348 -12.49 -8.29 37.64
N ARG A 349 -11.69 -8.89 36.75
CA ARG A 349 -12.28 -9.77 35.72
C ARG A 349 -11.32 -10.86 35.25
N GLY A 350 -11.85 -11.78 34.44
CA GLY A 350 -10.99 -12.78 33.85
C GLY A 350 -11.53 -14.19 33.76
N LEU A 351 -11.23 -14.86 32.65
CA LEU A 351 -11.63 -16.26 32.46
C LEU A 351 -10.45 -17.09 32.97
N GLY A 352 -10.74 -18.22 33.60
CA GLY A 352 -9.66 -19.05 34.09
C GLY A 352 -8.68 -18.27 34.96
N ALA A 353 -7.39 -18.37 34.61
CA ALA A 353 -6.35 -17.67 35.34
C ALA A 353 -5.85 -16.46 34.56
N MET A 354 -6.62 -16.00 33.57
CA MET A 354 -6.23 -14.83 32.80
C MET A 354 -6.90 -13.64 33.52
N ILE A 355 -6.39 -13.33 34.70
CA ILE A 355 -6.94 -12.32 35.60
C ILE A 355 -6.36 -10.93 35.54
N ALA A 356 -7.24 -9.91 35.66
CA ALA A 356 -6.80 -8.52 35.67
C ALA A 356 -7.72 -7.64 36.50
N ILE A 357 -7.19 -6.50 36.92
CA ILE A 357 -7.99 -5.50 37.60
C ILE A 357 -7.68 -4.22 36.83
N GLU A 358 -8.64 -3.30 36.79
CA GLU A 358 -8.45 -2.05 36.05
C GLU A 358 -8.66 -0.87 37.00
N LEU A 359 -7.74 0.09 36.94
CA LEU A 359 -7.77 1.23 37.84
C LEU A 359 -8.29 2.52 37.22
N PHE A 360 -9.13 3.23 37.97
CA PHE A 360 -9.69 4.51 37.53
C PHE A 360 -9.49 5.57 38.61
N GLU A 361 -9.22 6.80 38.21
CA GLU A 361 -9.08 7.86 39.21
C GLU A 361 -10.44 7.97 39.88
N ASP A 362 -10.43 7.89 41.21
CA ASP A 362 -11.65 7.97 41.99
C ASP A 362 -12.74 7.14 41.31
N GLY A 363 -12.42 5.88 41.04
CA GLY A 363 -13.38 4.99 40.40
C GLY A 363 -14.17 5.62 39.26
N ASP A 364 -13.59 6.59 38.57
CA ASP A 364 -14.29 7.22 37.45
C ASP A 364 -13.90 6.53 36.14
N HIS A 365 -14.84 5.75 35.61
CA HIS A 365 -14.62 4.97 34.40
C HIS A 365 -14.05 5.67 33.16
N ASN A 366 -14.15 6.99 33.09
CA ASN A 366 -13.61 7.70 31.93
C ASN A 366 -12.22 8.23 32.23
N LYS A 367 -11.75 7.97 33.46
CA LYS A 367 -10.44 8.44 33.92
C LYS A 367 -9.43 7.31 34.21
N PRO A 368 -8.79 6.75 33.18
CA PRO A 368 -7.81 5.67 33.35
C PRO A 368 -6.72 6.17 34.28
N ASP A 369 -6.39 5.40 35.31
CA ASP A 369 -5.36 5.83 36.23
C ASP A 369 -4.02 5.13 35.96
N ALA A 370 -3.30 5.58 34.95
CA ALA A 370 -2.02 4.98 34.62
C ALA A 370 -0.93 5.26 35.65
N LYS A 371 -0.98 6.40 36.33
CA LYS A 371 0.07 6.70 37.33
C LYS A 371 -0.02 5.73 38.52
N LEU A 372 -1.24 5.49 39.01
CA LEU A 372 -1.43 4.57 40.13
C LEU A 372 -0.96 3.17 39.69
N THR A 373 -1.35 2.77 38.48
CA THR A 373 -0.99 1.45 37.94
C THR A 373 0.54 1.29 37.94
N ALA A 374 1.25 2.28 37.40
CA ALA A 374 2.70 2.22 37.40
C ALA A 374 3.25 2.24 38.84
N GLU A 375 2.59 2.97 39.73
CA GLU A 375 3.06 3.02 41.11
C GLU A 375 2.93 1.64 41.78
N ILE A 376 1.81 0.95 41.54
CA ILE A 376 1.62 -0.38 42.11
C ILE A 376 2.68 -1.34 41.55
N VAL A 377 2.94 -1.29 40.24
CA VAL A 377 3.97 -2.16 39.67
C VAL A 377 5.33 -1.92 40.39
N ALA A 378 5.70 -0.65 40.58
CA ALA A 378 6.98 -0.36 41.23
C ALA A 378 6.97 -0.74 42.70
N ARG A 379 5.89 -0.47 43.43
CA ARG A 379 5.85 -0.83 44.85
C ARG A 379 5.91 -2.36 44.97
N ALA A 380 5.29 -3.07 44.03
CA ALA A 380 5.32 -4.53 44.05
C ALA A 380 6.74 -5.07 43.83
N ARG A 381 7.46 -4.52 42.86
CA ARG A 381 8.84 -4.97 42.64
C ARG A 381 9.67 -4.80 43.92
N ASP A 382 9.50 -3.65 44.58
CA ASP A 382 10.23 -3.37 45.82
C ASP A 382 9.88 -4.39 46.93
N LYS A 383 8.72 -5.03 46.82
CA LYS A 383 8.32 -6.03 47.79
C LYS A 383 8.63 -7.45 47.29
N GLY A 384 9.34 -7.51 46.15
CA GLY A 384 9.74 -8.78 45.55
C GLY A 384 8.73 -9.46 44.64
N LEU A 385 7.71 -8.73 44.19
CA LEU A 385 6.69 -9.29 43.30
C LEU A 385 6.85 -8.65 41.90
N ILE A 386 6.88 -9.47 40.87
CA ILE A 386 7.07 -9.00 39.48
C ILE A 386 5.70 -9.01 38.79
N LEU A 387 5.25 -7.82 38.40
CA LEU A 387 3.96 -7.65 37.72
C LEU A 387 4.14 -6.94 36.39
N LEU A 388 3.12 -7.06 35.55
CA LEU A 388 3.07 -6.37 34.27
C LEU A 388 1.75 -5.62 34.25
N SER A 389 1.70 -4.48 33.54
CA SER A 389 0.43 -3.78 33.36
C SER A 389 0.14 -4.02 31.86
N CYS A 390 -0.97 -3.50 31.34
CA CYS A 390 -1.34 -3.64 29.92
C CYS A 390 -2.54 -2.71 29.71
N GLY A 391 -3.14 -2.76 28.53
CA GLY A 391 -4.28 -1.90 28.25
C GLY A 391 -3.84 -0.68 27.46
N PRO A 392 -4.64 -0.24 26.48
CA PRO A 392 -4.24 0.94 25.68
C PRO A 392 -3.93 2.22 26.49
N TYR A 393 -4.52 2.32 27.67
CA TYR A 393 -4.35 3.47 28.55
C TYR A 393 -3.46 3.16 29.75
N TYR A 394 -2.79 2.00 29.68
CA TYR A 394 -1.83 1.58 30.69
C TYR A 394 -2.36 1.53 32.12
N ASN A 395 -3.63 1.23 32.28
CA ASN A 395 -4.23 1.19 33.61
C ASN A 395 -4.78 -0.19 33.99
N VAL A 396 -4.26 -1.26 33.37
CA VAL A 396 -4.74 -2.59 33.72
C VAL A 396 -3.59 -3.38 34.31
N LEU A 397 -3.80 -3.97 35.49
CA LEU A 397 -2.76 -4.80 36.09
C LEU A 397 -3.21 -6.24 35.79
N ARG A 398 -2.33 -7.04 35.21
CA ARG A 398 -2.75 -8.42 34.87
C ARG A 398 -1.94 -9.42 35.68
N ILE A 399 -2.44 -10.64 35.80
CA ILE A 399 -1.69 -11.63 36.53
C ILE A 399 -1.43 -12.81 35.59
N LEU A 400 -0.17 -13.16 35.38
CA LEU A 400 0.14 -14.27 34.49
C LEU A 400 1.05 -15.26 35.19
N VAL A 401 0.90 -15.36 36.51
CA VAL A 401 1.73 -16.29 37.31
C VAL A 401 1.52 -17.75 36.81
N PRO A 402 2.58 -18.58 36.85
CA PRO A 402 2.43 -19.96 36.39
C PRO A 402 1.22 -20.66 37.07
N LEU A 403 0.59 -21.59 36.37
CA LEU A 403 -0.54 -22.33 36.90
C LEU A 403 -0.08 -23.30 38.01
N THR A 404 1.21 -23.58 38.03
CA THR A 404 1.82 -24.51 39.00
C THR A 404 2.16 -23.79 40.31
N ILE A 405 1.63 -22.60 40.49
CA ILE A 405 1.87 -21.79 41.70
C ILE A 405 1.56 -22.55 43.01
N GLU A 406 2.37 -22.38 44.05
CA GLU A 406 2.13 -23.01 45.35
C GLU A 406 0.96 -22.26 46.08
N ASP A 407 0.18 -22.96 46.90
CA ASP A 407 -0.92 -22.32 47.66
C ASP A 407 -0.38 -21.07 48.41
N ALA A 408 0.77 -21.21 49.05
CA ALA A 408 1.34 -20.11 49.84
C ALA A 408 1.62 -18.89 48.98
N GLN A 409 2.04 -19.12 47.74
CA GLN A 409 2.35 -18.01 46.84
C GLN A 409 1.10 -17.24 46.38
N ILE A 410 -0.06 -17.90 46.36
CA ILE A 410 -1.30 -17.22 45.98
C ILE A 410 -1.51 -16.19 47.13
N ARG A 411 -1.40 -16.66 48.36
CA ARG A 411 -1.56 -15.78 49.54
C ARG A 411 -0.51 -14.65 49.53
N GLN A 412 0.73 -15.03 49.24
CA GLN A 412 1.82 -14.07 49.22
C GLN A 412 1.62 -12.98 48.16
N GLY A 413 1.27 -13.36 46.94
CA GLY A 413 1.09 -12.34 45.90
C GLY A 413 -0.07 -11.39 46.22
N LEU A 414 -1.21 -11.94 46.61
CA LEU A 414 -2.37 -11.11 46.95
C LEU A 414 -2.04 -10.19 48.15
N GLU A 415 -1.36 -10.73 49.16
CA GLU A 415 -0.98 -9.90 50.32
C GLU A 415 -0.09 -8.74 49.89
N ILE A 416 0.93 -9.02 49.05
CA ILE A 416 1.83 -7.97 48.57
C ILE A 416 1.06 -6.90 47.77
N ILE A 417 0.16 -7.33 46.90
CA ILE A 417 -0.65 -6.40 46.12
C ILE A 417 -1.49 -5.54 47.11
N SER A 418 -2.07 -6.19 48.11
CA SER A 418 -2.87 -5.47 49.11
C SER A 418 -2.02 -4.37 49.77
N GLN A 419 -0.81 -4.71 50.21
CA GLN A 419 0.07 -3.73 50.84
C GLN A 419 0.40 -2.58 49.88
N CYS A 420 0.65 -2.90 48.61
CA CYS A 420 0.97 -1.83 47.65
C CYS A 420 -0.15 -0.80 47.57
N PHE A 421 -1.40 -1.27 47.52
CA PHE A 421 -2.51 -0.33 47.45
C PHE A 421 -2.62 0.43 48.78
N ASP A 422 -2.45 -0.26 49.91
CA ASP A 422 -2.54 0.41 51.22
C ASP A 422 -1.44 1.45 51.36
N GLU A 423 -0.23 1.13 50.92
CA GLU A 423 0.88 2.07 51.04
C GLU A 423 0.88 3.19 50.01
N ALA A 424 0.19 2.99 48.90
CA ALA A 424 0.12 4.01 47.87
C ALA A 424 -0.90 5.06 48.34
N LYS A 425 -1.90 4.60 49.07
CA LYS A 425 -2.95 5.47 49.58
C LYS A 425 -2.54 6.24 50.83
N GLN A 426 -1.41 5.84 51.42
CA GLN A 426 -0.91 6.51 52.63
C GLN A 426 -0.45 7.93 52.31
N ASN B 2 8.04 -45.71 12.85
CA ASN B 2 9.48 -46.08 12.82
C ASN B 2 10.04 -46.46 11.43
N SER B 3 9.33 -46.06 10.37
CA SER B 3 9.88 -46.21 9.01
C SER B 3 9.70 -44.81 8.47
N ASN B 4 10.56 -44.39 7.55
CA ASN B 4 10.40 -43.08 6.94
C ASN B 4 9.07 -42.97 6.22
N LYS B 5 8.69 -44.05 5.53
CA LYS B 5 7.43 -43.99 4.78
C LYS B 5 6.22 -43.93 5.64
N GLU B 6 6.22 -44.65 6.76
CA GLU B 6 5.07 -44.57 7.65
C GLU B 6 4.94 -43.12 8.17
N LEU B 7 6.09 -42.55 8.54
CA LEU B 7 6.05 -41.17 9.07
C LEU B 7 5.60 -40.18 7.99
N MET B 8 6.01 -40.43 6.74
CA MET B 8 5.60 -39.53 5.62
C MET B 8 4.08 -39.58 5.42
N GLN B 9 3.49 -40.77 5.59
CA GLN B 9 2.03 -40.87 5.46
C GLN B 9 1.36 -40.08 6.58
N ARG B 10 1.87 -40.19 7.80
CA ARG B 10 1.29 -39.47 8.91
C ARG B 10 1.44 -37.95 8.65
N ARG B 11 2.55 -37.59 8.04
CA ARG B 11 2.81 -36.18 7.72
C ARG B 11 1.76 -35.63 6.77
N SER B 12 1.42 -36.39 5.73
CA SER B 12 0.45 -35.92 4.75
C SER B 12 -0.93 -35.75 5.35
N GLN B 13 -1.23 -36.45 6.43
CA GLN B 13 -2.56 -36.30 7.00
C GLN B 13 -2.61 -35.23 8.07
N ALA B 14 -1.46 -34.88 8.63
CA ALA B 14 -1.43 -33.94 9.75
C ALA B 14 -0.85 -32.54 9.49
N ILE B 15 -0.11 -32.39 8.39
CA ILE B 15 0.62 -31.13 8.10
C ILE B 15 0.25 -30.68 6.69
N PRO B 16 0.05 -29.36 6.51
CA PRO B 16 -0.31 -28.86 5.18
C PRO B 16 0.74 -29.13 4.14
N ARG B 17 0.28 -29.32 2.90
CA ARG B 17 1.19 -29.58 1.80
C ARG B 17 2.09 -28.38 1.50
N GLY B 18 1.69 -27.20 1.99
CA GLY B 18 2.48 -25.99 1.78
C GLY B 18 3.88 -26.11 2.35
N VAL B 19 4.05 -26.93 3.39
CA VAL B 19 5.37 -27.15 3.93
C VAL B 19 5.96 -28.29 3.08
N GLY B 20 6.86 -27.95 2.17
CA GLY B 20 7.48 -28.94 1.30
C GLY B 20 8.41 -29.85 2.08
N GLN B 21 8.81 -30.97 1.48
CA GLN B 21 9.73 -31.88 2.13
C GLN B 21 10.80 -32.20 1.10
N ILE B 22 12.01 -31.69 1.29
CA ILE B 22 13.05 -31.93 0.30
C ILE B 22 13.46 -33.40 0.25
N HIS B 23 13.78 -33.95 1.43
CA HIS B 23 14.16 -35.34 1.57
C HIS B 23 13.06 -36.03 2.41
N PRO B 24 12.42 -37.09 1.87
CA PRO B 24 11.33 -37.83 2.56
C PRO B 24 11.88 -38.78 3.63
N ILE B 25 12.68 -38.19 4.52
CA ILE B 25 13.41 -38.91 5.55
C ILE B 25 13.18 -38.28 6.93
N PHE B 26 12.97 -39.10 7.95
CA PHE B 26 12.81 -38.60 9.31
C PHE B 26 14.09 -38.88 10.11
N ALA B 27 14.78 -37.81 10.51
CA ALA B 27 16.01 -37.96 11.26
C ALA B 27 15.69 -38.27 12.69
N ASP B 28 16.49 -39.17 13.29
CA ASP B 28 16.34 -39.54 14.68
C ASP B 28 17.45 -38.91 15.53
N ARG B 29 18.68 -38.94 15.06
CA ARG B 29 19.81 -38.38 15.84
C ARG B 29 20.92 -37.99 14.90
N ALA B 30 21.89 -37.23 15.41
CA ALA B 30 22.98 -36.74 14.57
C ALA B 30 24.21 -36.36 15.42
N GLU B 31 25.37 -36.27 14.78
CA GLU B 31 26.56 -35.86 15.48
C GLU B 31 27.51 -35.33 14.43
N ASN B 32 27.94 -34.06 14.61
CA ASN B 32 28.85 -33.38 13.69
C ASN B 32 28.26 -33.40 12.25
N CYS B 33 28.80 -34.20 11.31
CA CYS B 33 28.25 -34.22 9.94
C CYS B 33 27.41 -35.47 9.64
N ARG B 34 27.21 -36.30 10.66
CA ARG B 34 26.46 -37.54 10.50
C ARG B 34 25.03 -37.43 11.01
N VAL B 35 24.09 -38.01 10.27
CA VAL B 35 22.70 -38.01 10.67
C VAL B 35 22.19 -39.44 10.47
N TRP B 36 21.39 -39.94 11.41
CA TRP B 36 20.77 -41.28 11.30
C TRP B 36 19.25 -41.12 11.25
N ASP B 37 18.58 -41.83 10.33
CA ASP B 37 17.15 -41.68 10.25
C ASP B 37 16.47 -42.69 11.20
N VAL B 38 15.15 -42.71 11.27
CA VAL B 38 14.45 -43.60 12.16
C VAL B 38 14.68 -45.08 11.83
N GLU B 39 15.25 -45.36 10.67
CA GLU B 39 15.49 -46.75 10.30
C GLU B 39 16.95 -47.13 10.59
N GLY B 40 17.69 -46.19 11.18
CA GLY B 40 19.10 -46.45 11.49
C GLY B 40 20.04 -46.23 10.33
N ARG B 41 19.56 -45.73 9.20
CA ARG B 41 20.46 -45.51 8.07
C ARG B 41 21.26 -44.22 8.30
N GLU B 42 22.55 -44.26 7.96
CA GLU B 42 23.45 -43.11 8.16
C GLU B 42 23.60 -42.23 6.94
N TYR B 43 23.65 -40.89 7.12
CA TYR B 43 23.81 -39.99 5.98
C TYR B 43 24.94 -39.02 6.31
N LEU B 44 25.53 -38.44 5.28
CA LEU B 44 26.57 -37.42 5.43
C LEU B 44 25.77 -36.16 5.09
N ASP B 45 25.75 -35.22 6.04
CA ASP B 45 24.95 -34.00 5.89
C ASP B 45 25.68 -32.84 5.23
N PHE B 46 25.39 -32.59 3.95
CA PHE B 46 26.01 -31.48 3.22
C PHE B 46 25.04 -30.30 3.11
N ALA B 47 23.93 -30.34 3.86
CA ALA B 47 22.97 -29.21 3.86
C ALA B 47 23.05 -28.39 5.16
N GLY B 48 23.51 -29.04 6.23
CA GLY B 48 23.65 -28.37 7.52
C GLY B 48 22.38 -27.70 8.02
N GLY B 49 21.22 -28.31 7.78
CA GLY B 49 19.97 -27.70 8.22
C GLY B 49 19.79 -26.33 7.60
N ILE B 50 20.32 -26.18 6.40
CA ILE B 50 20.34 -24.96 5.60
C ILE B 50 21.27 -23.90 6.26
N ALA B 51 22.57 -24.21 6.33
CA ALA B 51 23.60 -23.28 6.82
C ALA B 51 23.53 -22.89 8.29
N VAL B 52 22.86 -23.71 9.08
CA VAL B 52 22.68 -23.47 10.51
C VAL B 52 23.71 -24.20 11.35
N LEU B 53 24.39 -25.18 10.76
CA LEU B 53 25.29 -26.05 11.53
C LEU B 53 26.76 -25.95 11.17
N ASN B 54 27.27 -24.73 11.08
CA ASN B 54 28.69 -24.56 10.74
C ASN B 54 29.57 -25.25 11.78
N THR B 55 29.10 -25.37 13.03
CA THR B 55 29.87 -26.06 14.07
C THR B 55 29.42 -27.52 14.22
N GLY B 56 28.62 -28.01 13.27
CA GLY B 56 28.18 -29.40 13.33
C GLY B 56 26.97 -29.68 14.18
N HIS B 57 26.35 -30.84 13.96
CA HIS B 57 25.22 -31.19 14.83
C HIS B 57 25.75 -31.42 16.26
N LEU B 58 25.08 -30.82 17.22
CA LEU B 58 25.42 -31.00 18.63
C LEU B 58 26.92 -30.93 18.97
N HIS B 59 27.57 -29.82 18.62
CA HIS B 59 28.98 -29.69 18.98
C HIS B 59 29.02 -29.86 20.51
N PRO B 60 29.86 -30.75 21.03
CA PRO B 60 29.93 -30.99 22.47
C PRO B 60 30.12 -29.79 23.38
N LYS B 61 30.92 -28.80 22.94
CA LYS B 61 31.12 -27.60 23.75
C LYS B 61 29.83 -26.81 23.77
N VAL B 62 29.19 -26.70 22.61
CA VAL B 62 27.94 -25.94 22.53
C VAL B 62 26.88 -26.61 23.38
N VAL B 63 26.79 -27.93 23.29
CA VAL B 63 25.78 -28.64 24.07
C VAL B 63 26.02 -28.51 25.59
N ALA B 64 27.26 -28.60 26.01
CA ALA B 64 27.52 -28.47 27.43
C ALA B 64 27.14 -27.05 27.92
N ALA B 65 27.31 -26.04 27.08
CA ALA B 65 26.95 -24.68 27.53
C ALA B 65 25.43 -24.63 27.72
N VAL B 66 24.73 -25.20 26.74
CA VAL B 66 23.27 -25.26 26.77
C VAL B 66 22.80 -26.02 28.01
N GLU B 67 23.43 -27.17 28.28
CA GLU B 67 23.00 -27.94 29.45
C GLU B 67 23.19 -27.14 30.77
N ALA B 68 24.24 -26.35 30.86
CA ALA B 68 24.48 -25.55 32.07
C ALA B 68 23.40 -24.47 32.20
N GLN B 69 23.02 -23.86 31.09
CA GLN B 69 22.02 -22.81 31.17
C GLN B 69 20.66 -23.40 31.51
N LEU B 70 20.41 -24.61 31.04
CA LEU B 70 19.12 -25.26 31.31
C LEU B 70 18.88 -25.50 32.81
N LYS B 71 19.97 -25.48 33.59
CA LYS B 71 19.85 -25.63 35.04
C LYS B 71 19.48 -24.30 35.69
N LYS B 72 19.62 -23.21 34.94
CA LYS B 72 19.35 -21.88 35.51
C LYS B 72 17.97 -21.33 35.16
N LEU B 73 17.74 -21.14 33.87
CA LEU B 73 16.43 -20.68 33.39
C LEU B 73 16.41 -20.75 31.87
N SER B 74 15.22 -20.90 31.30
CA SER B 74 15.17 -20.98 29.83
C SER B 74 14.49 -19.77 29.23
N HIS B 75 13.72 -19.04 30.04
CA HIS B 75 12.96 -17.89 29.51
C HIS B 75 12.44 -16.91 30.58
N THR B 76 12.59 -15.61 30.36
CA THR B 76 12.00 -14.62 31.25
C THR B 76 11.33 -13.53 30.43
N CYS B 77 11.73 -13.47 29.16
CA CYS B 77 11.39 -12.43 28.20
C CYS B 77 12.30 -11.25 28.68
N PHE B 78 13.38 -11.00 27.93
CA PHE B 78 14.39 -10.03 28.28
C PHE B 78 13.84 -8.64 28.70
N GLN B 79 12.86 -8.15 27.93
CA GLN B 79 12.21 -6.85 28.16
C GLN B 79 11.56 -6.76 29.51
N VAL B 80 11.17 -7.91 30.06
CA VAL B 80 10.54 -7.93 31.39
C VAL B 80 11.66 -8.04 32.46
N LEU B 81 12.44 -9.12 32.41
CA LEU B 81 13.57 -9.34 33.33
C LEU B 81 14.77 -9.66 32.45
N ALA B 82 15.88 -8.95 32.60
CA ALA B 82 17.03 -9.18 31.76
C ALA B 82 17.83 -10.40 32.22
N TYR B 83 18.83 -10.79 31.46
CA TYR B 83 19.71 -11.91 31.87
C TYR B 83 21.01 -11.68 31.16
N GLU B 84 22.09 -12.18 31.74
CA GLU B 84 23.42 -11.92 31.22
C GLU B 84 23.81 -12.49 29.87
N PRO B 85 23.32 -13.71 29.53
CA PRO B 85 23.75 -14.22 28.22
C PRO B 85 23.34 -13.34 27.04
N TYR B 86 22.20 -12.68 27.16
CA TYR B 86 21.70 -11.79 26.08
C TYR B 86 22.69 -10.60 26.00
N LEU B 87 22.91 -9.98 27.14
CA LEU B 87 23.82 -8.84 27.20
C LEU B 87 25.21 -9.24 26.70
N GLU B 88 25.80 -10.34 27.18
CA GLU B 88 27.14 -10.71 26.72
C GLU B 88 27.23 -10.96 25.23
N LEU B 89 26.23 -11.62 24.66
CA LEU B 89 26.26 -11.88 23.21
C LEU B 89 26.18 -10.53 22.45
N CYS B 90 25.32 -9.63 22.90
CA CYS B 90 25.21 -8.32 22.22
C CYS B 90 26.56 -7.60 22.22
N GLU B 91 27.23 -7.60 23.38
CA GLU B 91 28.53 -6.94 23.45
C GLU B 91 29.48 -7.60 22.45
N ILE B 92 29.48 -8.93 22.39
CA ILE B 92 30.40 -9.61 21.46
C ILE B 92 30.06 -9.32 19.99
N MET B 93 28.77 -9.32 19.66
CA MET B 93 28.40 -9.06 18.26
C MET B 93 28.79 -7.61 17.88
N ASN B 94 28.65 -6.68 18.82
CA ASN B 94 29.01 -5.28 18.55
C ASN B 94 30.50 -5.19 18.15
N GLN B 95 31.34 -6.03 18.76
CA GLN B 95 32.78 -6.06 18.47
C GLN B 95 33.14 -6.83 17.20
N LYS B 96 32.38 -7.88 16.90
CA LYS B 96 32.72 -8.74 15.76
C LYS B 96 32.11 -8.37 14.40
N VAL B 97 30.91 -7.79 14.39
CA VAL B 97 30.32 -7.36 13.14
C VAL B 97 31.22 -6.19 12.65
N PRO B 98 31.58 -6.16 11.35
CA PRO B 98 32.44 -5.05 10.92
C PRO B 98 31.94 -3.61 11.03
N GLY B 99 32.84 -2.71 11.45
CA GLY B 99 32.51 -1.29 11.55
C GLY B 99 33.38 -0.65 12.65
N ASP B 100 33.97 0.51 12.35
CA ASP B 100 34.84 1.15 13.34
C ASP B 100 34.11 2.09 14.32
N PHE B 101 32.80 2.12 14.20
CA PHE B 101 31.95 2.95 15.05
C PHE B 101 31.34 2.04 16.09
N ALA B 102 30.76 2.64 17.11
CA ALA B 102 30.10 1.87 18.14
C ALA B 102 28.80 1.27 17.53
N LYS B 103 28.51 0.04 17.89
CA LYS B 103 27.31 -0.62 17.39
C LYS B 103 26.47 -1.05 18.57
N LYS B 104 25.17 -1.30 18.35
CA LYS B 104 24.35 -1.87 19.40
C LYS B 104 23.71 -3.09 18.72
N THR B 105 23.26 -4.05 19.53
CA THR B 105 22.68 -5.27 18.95
C THR B 105 21.33 -5.55 19.60
N LEU B 106 20.37 -5.93 18.75
CA LEU B 106 19.03 -6.34 19.20
C LEU B 106 19.02 -7.85 18.95
N LEU B 107 18.55 -8.65 19.88
CA LEU B 107 18.40 -10.09 19.58
C LEU B 107 16.92 -10.40 19.41
N VAL B 108 16.59 -11.19 18.39
CA VAL B 108 15.22 -11.66 18.20
C VAL B 108 15.33 -13.18 18.08
N THR B 109 14.54 -13.84 17.22
CA THR B 109 14.59 -15.32 17.19
C THR B 109 14.79 -15.92 15.80
N THR B 110 14.08 -15.42 14.77
CA THR B 110 14.27 -15.96 13.39
C THR B 110 14.92 -14.95 12.45
N GLY B 111 15.50 -15.45 11.35
CA GLY B 111 16.10 -14.56 10.35
C GLY B 111 15.11 -13.55 9.78
N SER B 112 13.89 -14.00 9.51
N SER B 112 13.88 -14.00 9.54
CA SER B 112 12.89 -13.09 8.96
CA SER B 112 12.84 -13.13 9.00
C SER B 112 12.63 -11.96 9.96
C SER B 112 12.62 -11.96 9.95
N GLU B 113 12.58 -12.28 11.25
CA GLU B 113 12.41 -11.24 12.28
C GLU B 113 13.59 -10.27 12.29
N ALA B 114 14.81 -10.80 12.10
CA ALA B 114 15.97 -9.92 12.09
C ALA B 114 15.84 -8.91 10.94
N VAL B 115 15.46 -9.39 9.75
CA VAL B 115 15.31 -8.49 8.61
C VAL B 115 14.19 -7.49 8.85
N GLU B 116 13.06 -7.98 9.39
CA GLU B 116 11.97 -7.10 9.72
C GLU B 116 12.44 -5.93 10.59
N ASN B 117 13.15 -6.28 11.65
CA ASN B 117 13.62 -5.27 12.59
C ASN B 117 14.70 -4.35 12.03
N ALA B 118 15.58 -4.87 11.20
CA ALA B 118 16.60 -4.00 10.60
C ALA B 118 15.89 -2.90 9.78
N VAL B 119 14.86 -3.28 9.03
CA VAL B 119 14.10 -2.32 8.24
C VAL B 119 13.35 -1.33 9.12
N LYS B 120 12.67 -1.79 10.17
CA LYS B 120 11.95 -0.89 11.06
C LYS B 120 12.93 0.14 11.64
N ILE B 121 14.08 -0.36 12.07
CA ILE B 121 15.11 0.52 12.67
C ILE B 121 15.56 1.58 11.61
N ALA B 122 15.85 1.14 10.39
CA ALA B 122 16.28 2.08 9.36
C ALA B 122 15.20 3.14 9.09
N ARG B 123 13.95 2.70 9.05
CA ARG B 123 12.84 3.61 8.85
C ARG B 123 12.78 4.62 9.99
N ALA B 124 12.93 4.15 11.21
CA ALA B 124 12.83 5.12 12.32
C ALA B 124 14.02 6.09 12.32
N ALA B 125 15.20 5.58 11.95
CA ALA B 125 16.41 6.40 11.95
C ALA B 125 16.44 7.43 10.81
N THR B 126 15.89 7.06 9.65
CA THR B 126 15.91 8.00 8.52
C THR B 126 14.64 8.82 8.35
N LYS B 127 13.59 8.38 9.03
CA LYS B 127 12.24 8.94 8.91
C LYS B 127 11.79 8.80 7.43
N ARG B 128 12.00 7.61 6.88
CA ARG B 128 11.61 7.31 5.50
C ARG B 128 10.92 5.94 5.53
N SER B 129 10.10 5.66 4.52
CA SER B 129 9.36 4.39 4.53
C SER B 129 9.70 3.36 3.44
N GLY B 130 10.37 3.78 2.37
CA GLY B 130 10.65 2.81 1.30
C GLY B 130 11.93 2.01 1.45
N THR B 131 12.01 0.88 0.75
CA THR B 131 13.22 0.09 0.79
C THR B 131 13.49 -0.44 -0.62
N ILE B 132 14.72 -0.82 -0.85
CA ILE B 132 15.16 -1.39 -2.11
C ILE B 132 15.79 -2.74 -1.79
N ALA B 133 15.44 -3.76 -2.57
CA ALA B 133 16.04 -5.08 -2.42
C ALA B 133 16.43 -5.55 -3.84
N PHE B 134 17.15 -6.68 -3.97
CA PHE B 134 17.66 -7.10 -5.28
C PHE B 134 17.00 -8.31 -5.89
N SER B 135 17.20 -8.45 -7.21
CA SER B 135 16.65 -9.59 -7.94
C SER B 135 17.20 -10.89 -7.39
N GLY B 136 16.33 -11.92 -7.24
CA GLY B 136 16.79 -13.20 -6.72
C GLY B 136 17.12 -13.22 -5.22
N ALA B 137 16.85 -12.11 -4.54
CA ALA B 137 17.12 -12.01 -3.10
C ALA B 137 16.19 -12.91 -2.29
N TYR B 138 16.62 -13.29 -1.08
CA TYR B 138 15.74 -14.06 -0.22
C TYR B 138 15.92 -13.51 1.18
N HIS B 139 14.82 -13.08 1.81
CA HIS B 139 14.91 -12.45 3.14
C HIS B 139 13.94 -12.97 4.19
N GLY B 140 13.12 -13.98 3.82
CA GLY B 140 12.20 -14.51 4.82
C GLY B 140 10.78 -14.69 4.34
N ARG B 141 9.96 -15.27 5.21
CA ARG B 141 8.57 -15.60 4.88
C ARG B 141 7.46 -14.83 5.61
N THR B 142 7.76 -13.64 6.16
CA THR B 142 6.67 -12.84 6.74
C THR B 142 6.24 -11.98 5.53
N HIS B 143 5.06 -11.36 5.59
CA HIS B 143 4.59 -10.54 4.45
C HIS B 143 5.65 -9.54 3.97
N TYR B 144 6.21 -8.76 4.89
CA TYR B 144 7.19 -7.78 4.44
C TYR B 144 8.48 -8.42 3.88
N THR B 145 8.97 -9.51 4.49
CA THR B 145 10.19 -10.10 3.96
C THR B 145 9.92 -10.87 2.68
N LEU B 146 8.66 -11.26 2.45
CA LEU B 146 8.32 -11.91 1.17
C LEU B 146 8.32 -10.83 0.07
N ALA B 147 7.96 -9.61 0.46
CA ALA B 147 7.98 -8.48 -0.48
C ALA B 147 9.47 -8.22 -0.84
N LEU B 148 10.35 -8.23 0.16
CA LEU B 148 11.80 -8.03 -0.08
C LEU B 148 12.44 -9.15 -0.88
N THR B 149 11.94 -10.37 -0.67
CA THR B 149 12.46 -11.57 -1.36
C THR B 149 12.15 -11.41 -2.88
N GLY B 150 13.16 -11.60 -3.72
CA GLY B 150 12.99 -11.45 -5.17
C GLY B 150 12.60 -12.77 -5.83
N LYS B 151 11.49 -13.35 -5.40
CA LYS B 151 11.00 -14.63 -5.94
C LYS B 151 9.59 -14.80 -5.43
N VAL B 152 8.62 -14.79 -6.33
CA VAL B 152 7.21 -14.91 -5.91
C VAL B 152 6.81 -16.37 -5.70
N ASN B 153 7.15 -17.21 -6.67
CA ASN B 153 6.79 -18.64 -6.64
C ASN B 153 7.96 -19.42 -6.07
N PRO B 154 7.71 -20.24 -5.02
CA PRO B 154 6.45 -20.50 -4.34
C PRO B 154 6.27 -19.70 -3.03
N TYR B 155 7.32 -19.01 -2.59
CA TYR B 155 7.31 -18.28 -1.32
C TYR B 155 6.05 -17.48 -1.01
N SER B 156 5.48 -16.81 -1.99
CA SER B 156 4.25 -16.05 -1.73
C SER B 156 3.21 -16.31 -2.81
N ALA B 157 3.37 -17.44 -3.49
CA ALA B 157 2.47 -17.82 -4.58
C ALA B 157 1.03 -17.96 -4.10
N GLY B 158 0.07 -17.48 -4.90
CA GLY B 158 -1.36 -17.58 -4.56
C GLY B 158 -1.98 -16.70 -3.46
N MET B 159 -1.15 -15.86 -2.84
CA MET B 159 -1.63 -15.03 -1.73
C MET B 159 -2.05 -13.62 -2.12
N GLY B 160 -1.87 -13.24 -3.39
CA GLY B 160 -2.19 -11.87 -3.76
C GLY B 160 -0.91 -11.04 -3.60
N LEU B 161 -0.98 -9.72 -3.79
CA LEU B 161 0.23 -8.93 -3.75
C LEU B 161 0.74 -8.68 -2.36
N MET B 162 2.07 -8.78 -2.21
CA MET B 162 2.70 -8.52 -0.92
C MET B 162 2.83 -6.99 -0.71
N PRO B 163 3.19 -6.55 0.51
CA PRO B 163 3.34 -5.12 0.83
C PRO B 163 4.02 -4.31 -0.26
N GLY B 164 3.49 -3.12 -0.52
CA GLY B 164 4.01 -2.26 -1.55
C GLY B 164 5.21 -1.47 -1.01
N HIS B 165 5.73 -0.58 -1.85
CA HIS B 165 6.87 0.29 -1.47
C HIS B 165 8.21 -0.41 -1.16
N VAL B 166 8.45 -1.49 -1.88
CA VAL B 166 9.69 -2.24 -1.84
C VAL B 166 10.03 -2.20 -3.34
N TYR B 167 11.18 -1.63 -3.69
CA TYR B 167 11.58 -1.49 -5.11
C TYR B 167 12.70 -2.45 -5.45
N ARG B 168 12.73 -2.91 -6.71
CA ARG B 168 13.67 -3.96 -7.12
C ARG B 168 14.85 -3.51 -7.95
N ALA B 169 16.05 -3.78 -7.45
CA ALA B 169 17.29 -3.43 -8.17
C ALA B 169 17.84 -4.76 -8.68
N LEU B 170 18.80 -4.71 -9.61
CA LEU B 170 19.41 -5.93 -10.13
C LEU B 170 20.67 -6.33 -9.38
N TYR B 171 20.75 -7.59 -8.95
CA TYR B 171 21.97 -8.08 -8.29
C TYR B 171 23.05 -8.30 -9.36
N PRO B 172 24.28 -7.80 -9.13
CA PRO B 172 25.36 -7.98 -10.12
C PRO B 172 25.66 -9.46 -10.32
N CYS B 173 25.70 -9.91 -11.58
CA CYS B 173 25.95 -11.33 -11.85
C CYS B 173 26.45 -11.47 -13.29
N PRO B 174 27.75 -11.21 -13.50
CA PRO B 174 28.34 -11.30 -14.84
C PRO B 174 28.08 -12.67 -15.51
N LEU B 175 28.14 -13.74 -14.72
CA LEU B 175 27.91 -15.06 -15.29
C LEU B 175 26.63 -15.04 -16.12
N HIS B 176 25.64 -14.25 -15.70
CA HIS B 176 24.40 -14.17 -16.45
C HIS B 176 24.14 -12.80 -17.09
N GLY B 177 25.21 -12.13 -17.48
CA GLY B 177 25.07 -10.84 -18.15
C GLY B 177 24.58 -9.61 -17.41
N ILE B 178 24.58 -9.62 -16.08
CA ILE B 178 24.15 -8.42 -15.35
C ILE B 178 25.45 -7.82 -14.79
N SER B 179 25.92 -6.72 -15.36
CA SER B 179 27.19 -6.13 -14.91
C SER B 179 27.00 -5.29 -13.62
N GLU B 180 28.12 -4.88 -13.02
CA GLU B 180 28.05 -4.05 -11.83
C GLU B 180 27.49 -2.70 -12.24
N ASP B 181 27.84 -2.27 -13.45
CA ASP B 181 27.29 -0.99 -13.92
C ASP B 181 25.78 -1.10 -14.05
N ASP B 182 25.29 -2.22 -14.58
CA ASP B 182 23.84 -2.42 -14.73
C ASP B 182 23.21 -2.43 -13.36
N ALA B 183 23.84 -3.10 -12.41
CA ALA B 183 23.26 -3.15 -11.06
C ALA B 183 23.16 -1.77 -10.43
N ILE B 184 24.22 -0.98 -10.49
CA ILE B 184 24.14 0.37 -9.90
C ILE B 184 23.13 1.24 -10.68
N ALA B 185 23.15 1.15 -12.00
CA ALA B 185 22.22 1.93 -12.83
C ALA B 185 20.77 1.58 -12.43
N SER B 186 20.52 0.31 -12.09
CA SER B 186 19.15 -0.09 -11.70
C SER B 186 18.68 0.59 -10.40
N ILE B 187 19.63 0.98 -9.52
CA ILE B 187 19.26 1.70 -8.31
C ILE B 187 18.93 3.16 -8.65
N HIS B 188 19.76 3.81 -9.45
CA HIS B 188 19.45 5.19 -9.88
C HIS B 188 18.11 5.24 -10.64
N ARG B 189 17.80 4.16 -11.36
CA ARG B 189 16.52 4.07 -12.10
C ARG B 189 15.32 4.15 -11.13
N ILE B 190 15.44 3.50 -9.99
CA ILE B 190 14.40 3.53 -8.97
C ILE B 190 14.28 4.97 -8.46
N PHE B 191 15.42 5.59 -8.20
CA PHE B 191 15.43 6.98 -7.69
C PHE B 191 14.75 7.93 -8.66
N LYS B 192 15.00 7.75 -9.95
CA LYS B 192 14.42 8.62 -10.95
C LYS B 192 12.96 8.28 -11.31
N ASN B 193 12.60 7.00 -11.31
CA ASN B 193 11.24 6.59 -11.74
C ASN B 193 10.17 6.33 -10.68
N ASP B 194 10.58 5.79 -9.54
CA ASP B 194 9.60 5.38 -8.54
C ASP B 194 9.67 5.87 -7.11
N ALA B 195 10.86 6.08 -6.60
CA ALA B 195 10.95 6.54 -5.22
C ALA B 195 12.21 7.35 -5.07
N ALA B 196 12.09 8.64 -4.78
CA ALA B 196 13.30 9.47 -4.62
C ALA B 196 14.15 8.98 -3.44
N PRO B 197 15.46 9.31 -3.44
CA PRO B 197 16.33 8.89 -2.34
C PRO B 197 15.78 9.32 -0.97
N GLU B 198 15.17 10.50 -0.91
CA GLU B 198 14.65 10.98 0.37
C GLU B 198 13.49 10.13 0.89
N ASP B 199 13.03 9.16 0.12
CA ASP B 199 11.94 8.28 0.60
C ASP B 199 12.45 6.85 0.78
N ILE B 200 13.76 6.65 0.61
CA ILE B 200 14.29 5.31 0.74
C ILE B 200 15.09 5.20 2.05
N ALA B 201 14.57 4.44 3.01
CA ALA B 201 15.20 4.21 4.30
C ALA B 201 16.40 3.28 4.21
N ALA B 202 16.32 2.28 3.33
CA ALA B 202 17.38 1.31 3.29
C ALA B 202 17.46 0.55 1.98
N ILE B 203 18.67 0.08 1.68
CA ILE B 203 18.93 -0.83 0.58
C ILE B 203 19.36 -2.11 1.32
N VAL B 204 18.66 -3.20 1.09
CA VAL B 204 18.96 -4.46 1.77
C VAL B 204 19.63 -5.41 0.78
N ILE B 205 20.76 -6.00 1.16
CA ILE B 205 21.49 -6.87 0.23
C ILE B 205 22.22 -8.02 0.94
N GLU B 206 22.23 -9.19 0.30
CA GLU B 206 22.95 -10.35 0.82
C GLU B 206 24.34 -10.20 0.19
N PRO B 207 25.42 -10.18 1.00
CA PRO B 207 26.78 -10.03 0.46
C PRO B 207 27.04 -11.19 -0.51
N VAL B 208 26.43 -12.33 -0.21
CA VAL B 208 26.46 -13.52 -1.07
C VAL B 208 25.03 -14.02 -1.04
N GLN B 209 24.35 -13.99 -2.18
CA GLN B 209 22.98 -14.49 -2.24
C GLN B 209 22.91 -15.98 -1.90
N GLY B 210 21.96 -16.35 -1.04
CA GLY B 210 21.83 -17.73 -0.59
C GLY B 210 20.86 -18.51 -1.47
N GLU B 211 19.58 -18.42 -1.16
CA GLU B 211 18.55 -19.11 -1.93
C GLU B 211 18.60 -18.66 -3.39
N GLY B 212 19.16 -17.48 -3.61
CA GLY B 212 19.31 -16.91 -4.95
C GLY B 212 20.38 -17.54 -5.83
N GLY B 213 21.20 -18.43 -5.27
CA GLY B 213 22.21 -19.12 -6.07
C GLY B 213 23.68 -19.03 -5.71
N PHE B 214 24.00 -18.56 -4.50
CA PHE B 214 25.41 -18.42 -4.09
C PHE B 214 26.18 -17.55 -5.07
N TYR B 215 25.65 -16.35 -5.32
CA TYR B 215 26.29 -15.35 -6.17
C TYR B 215 26.81 -14.29 -5.20
N ALA B 216 28.10 -13.96 -5.32
CA ALA B 216 28.73 -12.96 -4.45
C ALA B 216 28.95 -11.59 -5.03
N SER B 217 28.84 -10.58 -4.18
N SER B 217 28.83 -10.57 -4.18
CA SER B 217 29.10 -9.21 -4.60
CA SER B 217 29.09 -9.21 -4.61
C SER B 217 30.62 -9.08 -4.58
C SER B 217 30.61 -9.07 -4.57
N SER B 218 31.16 -8.24 -5.46
CA SER B 218 32.62 -8.03 -5.47
C SER B 218 32.82 -6.86 -4.50
N PRO B 219 34.04 -6.68 -3.96
CA PRO B 219 34.29 -5.56 -3.05
C PRO B 219 34.01 -4.25 -3.80
N ALA B 220 34.38 -4.22 -5.08
CA ALA B 220 34.17 -3.00 -5.85
C ALA B 220 32.71 -2.57 -5.94
N PHE B 221 31.84 -3.55 -6.16
CA PHE B 221 30.43 -3.22 -6.27
C PHE B 221 29.96 -2.73 -4.92
N MET B 222 30.33 -3.46 -3.87
CA MET B 222 29.89 -3.15 -2.53
C MET B 222 30.37 -1.76 -2.10
N GLN B 223 31.56 -1.37 -2.56
CA GLN B 223 32.12 -0.03 -2.26
C GLN B 223 31.28 1.07 -2.96
N ARG B 224 30.87 0.80 -4.19
CA ARG B 224 30.04 1.77 -4.94
C ARG B 224 28.68 1.86 -4.25
N LEU B 225 28.18 0.72 -3.75
CA LEU B 225 26.90 0.73 -3.07
C LEU B 225 26.99 1.55 -1.76
N ARG B 226 28.07 1.35 -1.01
CA ARG B 226 28.30 2.10 0.25
C ARG B 226 28.33 3.62 -0.04
N ALA B 227 29.01 3.98 -1.12
CA ALA B 227 29.16 5.39 -1.49
C ALA B 227 27.80 5.96 -1.88
N LEU B 228 27.02 5.17 -2.61
CA LEU B 228 25.71 5.63 -3.01
C LEU B 228 24.80 5.81 -1.80
N CYS B 229 24.86 4.89 -0.83
CA CYS B 229 24.05 5.05 0.37
C CYS B 229 24.51 6.29 1.16
N ASP B 230 25.82 6.44 1.30
CA ASP B 230 26.39 7.59 2.03
C ASP B 230 25.91 8.91 1.46
N GLU B 231 25.89 8.98 0.13
CA GLU B 231 25.49 10.20 -0.56
C GLU B 231 24.06 10.60 -0.24
N HIS B 232 23.20 9.60 -0.06
CA HIS B 232 21.78 9.84 0.18
C HIS B 232 21.20 9.64 1.56
N GLY B 233 22.07 9.36 2.53
CA GLY B 233 21.58 9.11 3.88
C GLY B 233 20.78 7.82 3.99
N ILE B 234 21.00 6.90 3.06
CA ILE B 234 20.28 5.60 3.09
C ILE B 234 21.07 4.57 3.91
N MET B 235 20.35 3.76 4.68
CA MET B 235 21.01 2.73 5.49
C MET B 235 21.32 1.51 4.62
N LEU B 236 22.56 1.02 4.68
CA LEU B 236 22.96 -0.19 3.94
C LEU B 236 22.75 -1.37 4.92
N ILE B 237 21.80 -2.25 4.60
CA ILE B 237 21.53 -3.41 5.46
C ILE B 237 22.12 -4.66 4.77
N ALA B 238 23.08 -5.29 5.44
CA ALA B 238 23.73 -6.50 4.94
C ALA B 238 22.98 -7.66 5.58
N ASP B 239 22.30 -8.47 4.76
CA ASP B 239 21.58 -9.61 5.35
C ASP B 239 22.57 -10.74 5.33
N GLU B 240 23.16 -11.02 6.50
CA GLU B 240 24.11 -12.12 6.63
C GLU B 240 23.53 -13.33 7.40
N VAL B 241 22.23 -13.48 7.33
CA VAL B 241 21.60 -14.62 7.99
C VAL B 241 22.22 -15.95 7.49
N GLN B 242 22.48 -16.04 6.20
CA GLN B 242 23.06 -17.25 5.63
C GLN B 242 24.56 -17.16 5.39
N SER B 243 25.04 -15.98 4.95
CA SER B 243 26.47 -15.81 4.67
C SER B 243 27.30 -15.63 5.93
N GLY B 244 26.64 -15.22 7.03
CA GLY B 244 27.31 -14.94 8.28
C GLY B 244 27.75 -16.15 9.10
N ALA B 245 28.16 -15.89 10.33
CA ALA B 245 28.66 -16.94 11.21
C ALA B 245 29.71 -17.83 10.52
N GLY B 246 30.63 -17.19 9.79
CA GLY B 246 31.80 -17.86 9.21
C GLY B 246 31.78 -18.64 7.90
N ARG B 247 30.61 -18.73 7.26
CA ARG B 247 30.50 -19.52 6.05
C ARG B 247 31.48 -19.10 4.94
N THR B 248 31.77 -17.81 4.81
CA THR B 248 32.66 -17.32 3.76
C THR B 248 34.14 -17.19 4.10
N GLY B 249 34.54 -17.73 5.24
CA GLY B 249 35.96 -17.67 5.57
C GLY B 249 36.32 -16.52 6.49
N THR B 250 35.38 -15.60 6.70
CA THR B 250 35.56 -14.52 7.68
C THR B 250 34.27 -14.65 8.47
N LEU B 251 34.16 -14.11 9.67
CA LEU B 251 32.92 -14.30 10.42
C LEU B 251 31.74 -13.72 9.65
N PHE B 252 31.91 -12.52 9.11
CA PHE B 252 30.89 -11.89 8.27
C PHE B 252 31.50 -11.61 6.90
N ALA B 253 30.70 -11.84 5.87
CA ALA B 253 31.17 -11.64 4.51
C ALA B 253 31.56 -10.18 4.22
N MET B 254 30.88 -9.24 4.87
CA MET B 254 31.18 -7.81 4.63
C MET B 254 32.67 -7.49 4.95
N GLU B 255 33.28 -8.28 5.83
CA GLU B 255 34.68 -8.09 6.19
C GLU B 255 35.56 -8.20 4.91
N GLN B 256 35.09 -8.95 3.93
CA GLN B 256 35.86 -9.12 2.71
C GLN B 256 35.54 -8.09 1.66
N MET B 257 34.57 -7.22 1.95
CA MET B 257 34.12 -6.21 0.99
C MET B 257 34.80 -4.86 1.08
N GLY B 258 35.56 -4.63 2.15
CA GLY B 258 36.25 -3.37 2.31
C GLY B 258 35.37 -2.26 2.81
N VAL B 259 34.12 -2.55 3.14
CA VAL B 259 33.23 -1.52 3.65
C VAL B 259 32.34 -2.12 4.72
N ALA B 260 31.78 -1.26 5.56
CA ALA B 260 30.92 -1.70 6.63
C ALA B 260 29.49 -1.22 6.39
N PRO B 261 28.53 -2.09 6.64
CA PRO B 261 27.12 -1.74 6.45
C PRO B 261 26.69 -0.98 7.67
N ASP B 262 25.51 -0.38 7.62
CA ASP B 262 24.96 0.31 8.77
C ASP B 262 24.28 -0.67 9.71
N LEU B 263 23.69 -1.71 9.13
CA LEU B 263 22.96 -2.73 9.88
C LEU B 263 23.30 -4.07 9.27
N THR B 264 23.40 -5.08 10.14
CA THR B 264 23.71 -6.45 9.72
C THR B 264 22.70 -7.40 10.42
N THR B 265 22.08 -8.29 9.65
CA THR B 265 21.19 -9.27 10.29
C THR B 265 21.95 -10.59 10.36
N PHE B 266 21.71 -11.38 11.40
CA PHE B 266 22.39 -12.66 11.51
C PHE B 266 21.44 -13.65 12.14
N ALA B 267 21.69 -14.94 11.92
CA ALA B 267 20.83 -15.98 12.49
C ALA B 267 21.50 -17.31 12.13
N LYS B 268 20.71 -18.32 11.75
CA LYS B 268 21.26 -19.61 11.38
C LYS B 268 22.47 -20.12 12.17
N SER B 269 23.65 -20.18 11.55
CA SER B 269 24.81 -20.75 12.25
C SER B 269 25.31 -19.96 13.50
N ILE B 270 24.77 -18.78 13.76
CA ILE B 270 25.23 -18.02 14.95
C ILE B 270 25.05 -18.84 16.26
N ALA B 271 24.02 -19.69 16.33
CA ALA B 271 23.77 -20.47 17.54
C ALA B 271 23.91 -22.02 17.38
N GLY B 272 24.47 -22.42 16.24
CA GLY B 272 24.77 -23.81 16.02
C GLY B 272 23.65 -24.82 16.20
N GLY B 273 22.41 -24.42 15.90
CA GLY B 273 21.32 -25.37 16.01
C GLY B 273 20.26 -25.03 17.04
N PHE B 274 20.26 -23.78 17.50
CA PHE B 274 19.25 -23.29 18.49
C PHE B 274 18.64 -21.99 17.93
N PRO B 275 17.35 -21.75 18.19
CA PRO B 275 16.67 -20.56 17.65
C PRO B 275 17.06 -19.20 18.18
N LEU B 276 17.86 -18.50 17.40
CA LEU B 276 18.32 -17.17 17.74
C LEU B 276 18.61 -16.37 16.48
N ALA B 277 18.32 -15.08 16.49
CA ALA B 277 18.70 -14.23 15.33
C ALA B 277 18.96 -12.84 15.90
N GLY B 278 19.45 -11.94 15.08
CA GLY B 278 19.67 -10.61 15.63
C GLY B 278 19.99 -9.58 14.59
N VAL B 279 20.13 -8.33 15.07
CA VAL B 279 20.48 -7.20 14.22
C VAL B 279 21.56 -6.42 14.98
N THR B 280 22.67 -6.17 14.32
CA THR B 280 23.77 -5.37 14.91
C THR B 280 24.01 -4.20 13.96
N GLY B 281 24.05 -2.98 14.51
CA GLY B 281 24.30 -1.85 13.64
C GLY B 281 24.75 -0.59 14.37
N ARG B 282 25.04 0.46 13.60
CA ARG B 282 25.42 1.76 14.13
C ARG B 282 24.58 2.07 15.34
N ALA B 283 25.25 2.29 16.47
CA ALA B 283 24.52 2.56 17.71
C ALA B 283 23.45 3.63 17.59
N GLU B 284 23.74 4.78 16.96
CA GLU B 284 22.72 5.84 16.91
C GLU B 284 21.53 5.49 16.01
N VAL B 285 21.77 4.63 15.03
CA VAL B 285 20.69 4.17 14.14
C VAL B 285 19.83 3.18 14.97
N MET B 286 20.49 2.23 15.66
CA MET B 286 19.77 1.24 16.47
C MET B 286 18.91 1.95 17.51
N ASP B 287 19.45 3.03 18.10
CA ASP B 287 18.71 3.78 19.13
C ASP B 287 17.62 4.73 18.63
N ALA B 288 17.37 4.77 17.33
CA ALA B 288 16.32 5.68 16.84
C ALA B 288 14.94 5.29 17.29
N VAL B 289 14.72 4.00 17.53
CA VAL B 289 13.42 3.54 17.97
C VAL B 289 13.26 3.78 19.50
N ALA B 290 12.12 4.35 19.87
CA ALA B 290 11.85 4.67 21.27
C ALA B 290 11.54 3.40 22.08
N PRO B 291 11.74 3.46 23.41
CA PRO B 291 11.48 2.31 24.27
C PRO B 291 10.10 1.70 24.03
N GLY B 292 10.06 0.39 23.89
CA GLY B 292 8.79 -0.30 23.65
C GLY B 292 8.64 -0.62 22.17
N GLY B 293 9.46 0.04 21.34
CA GLY B 293 9.40 -0.18 19.90
C GLY B 293 10.09 -1.43 19.36
N LEU B 294 10.84 -2.13 20.21
CA LEU B 294 11.53 -3.36 19.79
C LEU B 294 11.33 -4.43 20.85
N GLY B 295 11.40 -5.70 20.46
CA GLY B 295 11.26 -6.75 21.43
C GLY B 295 10.73 -8.03 20.80
N GLY B 296 9.97 -8.80 21.58
CA GLY B 296 9.44 -10.06 21.07
C GLY B 296 9.47 -11.00 22.25
N THR B 297 8.50 -11.89 22.34
CA THR B 297 8.45 -12.80 23.50
C THR B 297 9.69 -13.64 23.70
N TYR B 298 10.03 -14.45 22.72
CA TYR B 298 11.16 -15.34 22.82
C TYR B 298 12.52 -14.71 22.57
N ALA B 299 12.52 -13.53 21.98
CA ALA B 299 13.75 -12.82 21.59
C ALA B 299 14.96 -13.06 22.47
N GLY B 300 16.06 -13.47 21.84
CA GLY B 300 17.28 -13.72 22.60
C GLY B 300 17.07 -14.76 23.68
N ASN B 301 16.45 -15.89 23.30
CA ASN B 301 16.19 -16.96 24.26
C ASN B 301 17.50 -17.30 25.00
N PRO B 302 17.47 -17.43 26.33
CA PRO B 302 18.66 -17.72 27.14
C PRO B 302 19.52 -18.90 26.70
N ILE B 303 18.89 -20.02 26.39
CA ILE B 303 19.63 -21.21 25.97
C ILE B 303 20.35 -20.97 24.66
N ALA B 304 19.68 -20.29 23.73
CA ALA B 304 20.27 -20.02 22.42
C ALA B 304 21.41 -19.04 22.53
N CYS B 305 21.25 -18.06 23.43
CA CYS B 305 22.33 -17.08 23.65
C CYS B 305 23.61 -17.77 24.11
N VAL B 306 23.51 -18.63 25.12
CA VAL B 306 24.71 -19.32 25.56
C VAL B 306 25.26 -20.24 24.48
N ALA B 307 24.38 -20.83 23.66
CA ALA B 307 24.88 -21.68 22.56
C ALA B 307 25.70 -20.79 21.60
N ALA B 308 25.20 -19.59 21.27
CA ALA B 308 25.92 -18.70 20.36
C ALA B 308 27.27 -18.22 20.93
N LEU B 309 27.28 -17.89 22.21
CA LEU B 309 28.54 -17.44 22.84
C LEU B 309 29.52 -18.58 22.73
N GLU B 310 29.04 -19.80 22.89
CA GLU B 310 29.96 -20.92 22.81
C GLU B 310 30.38 -21.18 21.36
N VAL B 311 29.46 -21.01 20.42
CA VAL B 311 29.80 -21.18 18.99
C VAL B 311 30.95 -20.20 18.63
N LEU B 312 30.89 -18.98 19.12
CA LEU B 312 31.94 -18.03 18.78
C LEU B 312 33.26 -18.44 19.41
N LYS B 313 33.20 -19.05 20.59
CA LYS B 313 34.42 -19.50 21.24
C LYS B 313 35.00 -20.67 20.46
N VAL B 314 34.11 -21.55 19.99
CA VAL B 314 34.56 -22.69 19.22
C VAL B 314 35.24 -22.24 17.92
N PHE B 315 34.67 -21.24 17.23
CA PHE B 315 35.31 -20.79 15.99
C PHE B 315 36.77 -20.41 16.24
N GLU B 316 36.99 -19.72 17.35
CA GLU B 316 38.34 -19.26 17.72
C GLU B 316 39.24 -20.42 18.13
N GLN B 317 38.77 -21.25 19.07
CA GLN B 317 39.58 -22.37 19.56
C GLN B 317 39.88 -23.40 18.49
N GLU B 318 38.90 -23.71 17.66
CA GLU B 318 39.12 -24.71 16.63
C GLU B 318 39.47 -24.14 15.26
N ASN B 319 39.86 -22.86 15.22
CA ASN B 319 40.20 -22.18 13.99
C ASN B 319 39.30 -22.56 12.80
N LEU B 320 37.99 -22.44 13.00
CA LEU B 320 37.04 -22.78 11.95
C LEU B 320 37.09 -21.83 10.76
N LEU B 321 37.55 -20.58 10.91
CA LEU B 321 37.57 -19.72 9.72
C LEU B 321 38.63 -20.24 8.73
N GLN B 322 39.78 -20.64 9.25
CA GLN B 322 40.85 -21.16 8.38
C GLN B 322 40.33 -22.47 7.74
N LYS B 323 39.67 -23.28 8.55
CA LYS B 323 39.12 -24.54 8.06
C LYS B 323 38.10 -24.31 6.94
N ALA B 324 37.29 -23.25 7.08
CA ALA B 324 36.30 -22.90 6.06
C ALA B 324 37.00 -22.65 4.73
N ASN B 325 38.10 -21.89 4.76
CA ASN B 325 38.82 -21.61 3.53
C ASN B 325 39.48 -22.88 2.98
N ASP B 326 40.08 -23.69 3.86
CA ASP B 326 40.71 -24.94 3.42
C ASP B 326 39.66 -25.86 2.83
N LEU B 327 38.52 -25.94 3.52
CA LEU B 327 37.42 -26.78 3.05
C LEU B 327 36.94 -26.34 1.69
N GLY B 328 36.78 -25.04 1.52
CA GLY B 328 36.29 -24.52 0.24
C GLY B 328 37.23 -24.83 -0.91
N GLN B 329 38.54 -24.75 -0.66
CA GLN B 329 39.51 -25.01 -1.69
C GLN B 329 39.43 -26.49 -2.07
N LYS B 330 39.39 -27.38 -1.07
CA LYS B 330 39.34 -28.80 -1.36
C LYS B 330 38.06 -29.10 -2.12
N LEU B 331 36.94 -28.49 -1.73
CA LEU B 331 35.69 -28.75 -2.43
C LEU B 331 35.71 -28.29 -3.88
N LYS B 332 36.19 -27.08 -4.10
CA LYS B 332 36.24 -26.56 -5.46
C LYS B 332 37.23 -27.32 -6.33
N ASP B 333 38.36 -27.72 -5.76
CA ASP B 333 39.35 -28.48 -6.53
C ASP B 333 38.69 -29.76 -6.97
N GLY B 334 38.00 -30.42 -6.04
CA GLY B 334 37.33 -31.66 -6.37
C GLY B 334 36.18 -31.51 -7.35
N LEU B 335 35.39 -30.44 -7.23
CA LEU B 335 34.27 -30.25 -8.15
C LEU B 335 34.80 -29.89 -9.56
N LEU B 336 35.89 -29.14 -9.61
CA LEU B 336 36.47 -28.75 -10.88
C LEU B 336 36.96 -30.04 -11.58
N ALA B 337 37.47 -30.98 -10.79
CA ALA B 337 37.91 -32.25 -11.35
C ALA B 337 36.72 -32.98 -11.98
N ILE B 338 35.59 -33.02 -11.27
CA ILE B 338 34.39 -33.69 -11.78
C ILE B 338 33.89 -32.94 -13.02
N ALA B 339 34.05 -31.61 -13.02
CA ALA B 339 33.60 -30.80 -14.13
C ALA B 339 34.36 -31.10 -15.44
N GLU B 340 35.57 -31.64 -15.32
CA GLU B 340 36.34 -31.96 -16.53
C GLU B 340 35.67 -33.04 -17.37
N LYS B 341 34.90 -33.91 -16.71
CA LYS B 341 34.22 -35.00 -17.39
C LYS B 341 32.74 -34.74 -17.62
N HIS B 342 32.25 -33.61 -17.09
CA HIS B 342 30.84 -33.31 -17.23
C HIS B 342 30.63 -31.85 -17.58
N PRO B 343 30.55 -31.56 -18.88
CA PRO B 343 30.37 -30.20 -19.41
C PRO B 343 29.17 -29.50 -18.79
N GLU B 344 28.18 -30.25 -18.32
CA GLU B 344 27.00 -29.67 -17.70
C GLU B 344 27.35 -28.74 -16.53
N ILE B 345 28.48 -28.99 -15.88
CA ILE B 345 28.94 -28.14 -14.77
C ILE B 345 29.54 -26.89 -15.42
N GLY B 346 28.76 -25.81 -15.46
CA GLY B 346 29.23 -24.58 -16.10
C GLY B 346 29.92 -23.56 -15.22
N ASP B 347 29.90 -23.79 -13.91
CA ASP B 347 30.56 -22.86 -13.03
C ASP B 347 30.78 -23.52 -11.68
N VAL B 348 31.94 -23.26 -11.09
CA VAL B 348 32.28 -23.78 -9.77
C VAL B 348 32.69 -22.50 -9.05
N ARG B 349 32.01 -22.16 -7.96
CA ARG B 349 32.31 -20.90 -7.30
C ARG B 349 32.11 -20.91 -5.79
N GLY B 350 32.57 -19.81 -5.18
CA GLY B 350 32.32 -19.64 -3.76
C GLY B 350 33.38 -19.00 -2.92
N LEU B 351 32.94 -18.20 -1.95
CA LEU B 351 33.82 -17.54 -0.97
C LEU B 351 33.92 -18.49 0.22
N GLY B 352 35.13 -18.76 0.73
CA GLY B 352 35.27 -19.65 1.87
C GLY B 352 34.61 -21.02 1.67
N ALA B 353 33.68 -21.38 2.56
CA ALA B 353 32.99 -22.66 2.43
C ALA B 353 31.57 -22.51 1.88
N MET B 354 31.25 -21.37 1.31
CA MET B 354 29.91 -21.15 0.75
C MET B 354 30.06 -21.49 -0.75
N ILE B 355 30.14 -22.79 -1.00
CA ILE B 355 30.45 -23.32 -2.34
C ILE B 355 29.27 -23.81 -3.16
N ALA B 356 29.33 -23.59 -4.46
CA ALA B 356 28.25 -24.03 -5.32
C ALA B 356 28.71 -24.35 -6.73
N ILE B 357 27.92 -25.15 -7.43
CA ILE B 357 28.22 -25.41 -8.85
C ILE B 357 26.89 -25.15 -9.52
N GLU B 358 26.94 -24.72 -10.79
CA GLU B 358 25.73 -24.40 -11.53
C GLU B 358 25.68 -25.25 -12.80
N LEU B 359 24.55 -25.89 -13.03
CA LEU B 359 24.38 -26.79 -14.19
C LEU B 359 23.57 -26.20 -15.35
N PHE B 360 24.09 -26.43 -16.55
CA PHE B 360 23.48 -25.94 -17.79
C PHE B 360 23.35 -27.06 -18.81
N GLU B 361 22.22 -27.07 -19.51
CA GLU B 361 22.02 -28.06 -20.56
C GLU B 361 23.11 -27.89 -21.61
N ASP B 362 23.93 -28.94 -21.77
CA ASP B 362 25.04 -28.95 -22.72
C ASP B 362 25.95 -27.72 -22.59
N GLY B 363 26.11 -27.21 -21.37
CA GLY B 363 26.98 -26.07 -21.16
C GLY B 363 26.49 -24.69 -21.55
N ASP B 364 25.35 -24.58 -22.23
CA ASP B 364 24.80 -23.27 -22.62
C ASP B 364 24.30 -22.47 -21.39
N HIS B 365 25.02 -21.40 -21.04
CA HIS B 365 24.65 -20.57 -19.89
C HIS B 365 23.21 -20.03 -19.91
N ASN B 366 22.53 -20.18 -21.05
CA ASN B 366 21.17 -19.71 -21.19
C ASN B 366 20.13 -20.80 -20.94
N LYS B 367 20.60 -22.03 -20.73
CA LYS B 367 19.71 -23.16 -20.48
C LYS B 367 19.97 -23.82 -19.12
N PRO B 368 19.36 -23.29 -18.06
CA PRO B 368 19.59 -23.88 -16.74
C PRO B 368 19.08 -25.32 -16.75
N ASP B 369 19.88 -26.25 -16.22
CA ASP B 369 19.44 -27.64 -16.18
C ASP B 369 18.86 -28.01 -14.80
N ALA B 370 17.60 -27.65 -14.59
CA ALA B 370 16.91 -27.96 -13.35
C ALA B 370 16.71 -29.47 -13.20
N LYS B 371 16.55 -30.15 -14.33
CA LYS B 371 16.33 -31.61 -14.26
C LYS B 371 17.54 -32.39 -13.79
N LEU B 372 18.70 -32.11 -14.36
CA LEU B 372 19.92 -32.79 -13.95
C LEU B 372 20.17 -32.44 -12.45
N THR B 373 19.96 -31.18 -12.10
CA THR B 373 20.16 -30.74 -10.72
C THR B 373 19.36 -31.59 -9.73
N ALA B 374 18.05 -31.74 -9.98
CA ALA B 374 17.18 -32.51 -9.11
C ALA B 374 17.55 -34.00 -9.11
N GLU B 375 18.02 -34.46 -10.27
CA GLU B 375 18.45 -35.85 -10.38
C GLU B 375 19.71 -36.05 -9.54
N ILE B 376 20.63 -35.08 -9.54
CA ILE B 376 21.84 -35.25 -8.75
C ILE B 376 21.46 -35.26 -7.24
N VAL B 377 20.52 -34.41 -6.84
CA VAL B 377 20.10 -34.39 -5.42
C VAL B 377 19.50 -35.75 -5.03
N ALA B 378 18.66 -36.32 -5.91
CA ALA B 378 18.03 -37.61 -5.62
C ALA B 378 19.03 -38.76 -5.61
N ARG B 379 19.95 -38.77 -6.58
CA ARG B 379 20.95 -39.84 -6.64
C ARG B 379 21.86 -39.78 -5.41
N ALA B 380 22.18 -38.58 -4.97
CA ALA B 380 23.06 -38.42 -3.80
C ALA B 380 22.38 -38.97 -2.57
N ARG B 381 21.11 -38.63 -2.41
CA ARG B 381 20.39 -39.13 -1.25
C ARG B 381 20.42 -40.67 -1.23
N ASP B 382 20.28 -41.30 -2.40
CA ASP B 382 20.28 -42.77 -2.46
C ASP B 382 21.66 -43.29 -2.06
N LYS B 383 22.69 -42.47 -2.23
CA LYS B 383 24.04 -42.87 -1.83
C LYS B 383 24.37 -42.40 -0.40
N GLY B 384 23.38 -41.85 0.29
CA GLY B 384 23.62 -41.44 1.67
C GLY B 384 24.16 -40.02 1.88
N LEU B 385 24.02 -39.17 0.85
CA LEU B 385 24.49 -37.78 0.94
C LEU B 385 23.30 -36.84 0.78
N ILE B 386 23.15 -35.95 1.76
CA ILE B 386 22.05 -34.99 1.79
C ILE B 386 22.53 -33.65 1.20
N LEU B 387 21.89 -33.28 0.08
CA LEU B 387 22.20 -32.05 -0.65
C LEU B 387 20.98 -31.17 -0.80
N LEU B 388 21.24 -29.89 -1.09
CA LEU B 388 20.21 -28.89 -1.37
C LEU B 388 20.61 -28.20 -2.68
N SER B 389 19.62 -27.77 -3.44
CA SER B 389 19.89 -27.01 -4.64
C SER B 389 19.37 -25.59 -4.28
N CYS B 390 19.54 -24.63 -5.19
CA CYS B 390 19.05 -23.26 -4.99
C CYS B 390 19.06 -22.57 -6.36
N GLY B 391 18.83 -21.26 -6.37
CA GLY B 391 18.83 -20.47 -7.58
C GLY B 391 17.43 -20.27 -8.12
N PRO B 392 17.15 -19.12 -8.74
CA PRO B 392 15.82 -18.85 -9.28
C PRO B 392 15.40 -19.91 -10.32
N TYR B 393 16.36 -20.53 -11.00
CA TYR B 393 16.07 -21.58 -12.00
C TYR B 393 16.36 -23.00 -11.52
N TYR B 394 16.57 -23.13 -10.22
CA TYR B 394 16.78 -24.42 -9.59
C TYR B 394 17.89 -25.27 -10.19
N ASN B 395 18.92 -24.63 -10.71
CA ASN B 395 20.02 -25.37 -11.32
C ASN B 395 21.34 -25.14 -10.59
N VAL B 396 21.28 -24.73 -9.33
CA VAL B 396 22.50 -24.53 -8.56
C VAL B 396 22.55 -25.55 -7.44
N LEU B 397 23.69 -26.24 -7.30
CA LEU B 397 23.85 -27.23 -6.21
C LEU B 397 24.79 -26.55 -5.23
N ARG B 398 24.39 -26.47 -3.96
CA ARG B 398 25.22 -25.78 -2.97
C ARG B 398 25.71 -26.75 -1.91
N ILE B 399 26.81 -26.41 -1.24
CA ILE B 399 27.32 -27.27 -0.18
C ILE B 399 27.35 -26.42 1.09
N LEU B 400 26.68 -26.92 2.13
CA LEU B 400 26.60 -26.22 3.40
C LEU B 400 26.96 -27.18 4.55
N VAL B 401 27.86 -28.11 4.26
CA VAL B 401 28.34 -29.09 5.23
C VAL B 401 29.06 -28.35 6.38
N PRO B 402 28.93 -28.86 7.60
CA PRO B 402 29.57 -28.26 8.78
C PRO B 402 31.06 -28.00 8.53
N LEU B 403 31.58 -26.92 9.08
CA LEU B 403 32.99 -26.59 8.91
C LEU B 403 33.84 -27.57 9.71
N THR B 404 33.20 -28.32 10.58
CA THR B 404 33.86 -29.31 11.43
C THR B 404 34.02 -30.69 10.74
N ILE B 405 33.67 -30.76 9.46
CA ILE B 405 33.79 -32.02 8.74
C ILE B 405 35.23 -32.57 8.75
N GLU B 406 35.35 -33.90 8.80
CA GLU B 406 36.63 -34.58 8.81
C GLU B 406 37.15 -34.78 7.40
N ASP B 407 38.46 -34.77 7.22
CA ASP B 407 39.03 -34.93 5.89
C ASP B 407 38.47 -36.10 5.09
N ALA B 408 38.32 -37.25 5.73
CA ALA B 408 37.82 -38.44 5.05
C ALA B 408 36.42 -38.17 4.52
N GLN B 409 35.61 -37.43 5.29
CA GLN B 409 34.26 -37.11 4.85
C GLN B 409 34.24 -36.16 3.66
N ILE B 410 35.23 -35.28 3.56
CA ILE B 410 35.28 -34.41 2.39
C ILE B 410 35.48 -35.28 1.14
N ARG B 411 36.45 -36.20 1.22
CA ARG B 411 36.70 -37.11 0.08
C ARG B 411 35.46 -37.94 -0.20
N GLN B 412 34.83 -38.46 0.86
CA GLN B 412 33.63 -39.28 0.69
C GLN B 412 32.51 -38.54 -0.04
N GLY B 413 32.26 -37.31 0.37
CA GLY B 413 31.20 -36.55 -0.27
C GLY B 413 31.50 -36.22 -1.73
N LEU B 414 32.73 -35.76 -2.00
CA LEU B 414 33.10 -35.44 -3.37
C LEU B 414 32.98 -36.72 -4.24
N GLU B 415 33.40 -37.86 -3.71
CA GLU B 415 33.33 -39.15 -4.46
C GLU B 415 31.86 -39.50 -4.79
N ILE B 416 30.96 -39.33 -3.83
CA ILE B 416 29.56 -39.60 -4.08
C ILE B 416 29.01 -38.67 -5.18
N ILE B 417 29.39 -37.40 -5.12
CA ILE B 417 28.88 -36.44 -6.07
C ILE B 417 29.39 -36.86 -7.44
N SER B 418 30.67 -37.21 -7.50
CA SER B 418 31.27 -37.64 -8.75
C SER B 418 30.51 -38.84 -9.31
N GLN B 419 30.20 -39.80 -8.45
CA GLN B 419 29.45 -40.99 -8.84
C GLN B 419 28.05 -40.61 -9.34
N CYS B 420 27.43 -39.60 -8.72
CA CYS B 420 26.10 -39.20 -9.15
C CYS B 420 26.14 -38.67 -10.59
N PHE B 421 27.16 -37.89 -10.91
CA PHE B 421 27.23 -37.37 -12.28
C PHE B 421 27.59 -38.48 -13.28
N ASP B 422 28.50 -39.38 -12.90
CA ASP B 422 28.85 -40.46 -13.82
C ASP B 422 27.60 -41.26 -14.12
N GLU B 423 26.90 -41.68 -13.08
CA GLU B 423 25.70 -42.48 -13.25
C GLU B 423 24.53 -41.77 -13.91
N ALA B 424 24.46 -40.44 -13.79
CA ALA B 424 23.39 -39.67 -14.40
C ALA B 424 23.45 -39.84 -15.93
N LYS B 425 24.64 -40.06 -16.47
CA LYS B 425 24.76 -40.32 -17.91
C LYS B 425 24.19 -41.73 -18.06
N GLN B 426 23.82 -42.14 -19.27
CA GLN B 426 23.24 -43.47 -19.52
C GLN B 426 22.02 -43.73 -18.63
N ASN C 2 -34.16 9.00 -32.61
CA ASN C 2 -34.82 10.27 -32.16
C ASN C 2 -35.85 10.07 -31.04
N SER C 3 -35.99 8.85 -30.54
CA SER C 3 -36.87 8.64 -29.39
C SER C 3 -35.89 8.31 -28.26
N ASN C 4 -36.29 8.61 -27.03
CA ASN C 4 -35.47 8.29 -25.89
C ASN C 4 -35.15 6.80 -25.87
N LYS C 5 -36.14 5.96 -26.20
CA LYS C 5 -35.92 4.52 -26.15
C LYS C 5 -34.88 4.04 -27.16
N GLU C 6 -34.94 4.55 -28.40
CA GLU C 6 -33.97 4.14 -29.41
C GLU C 6 -32.54 4.60 -29.00
N LEU C 7 -32.45 5.79 -28.43
CA LEU C 7 -31.14 6.30 -28.02
C LEU C 7 -30.62 5.46 -26.84
N MET C 8 -31.52 5.00 -25.95
CA MET C 8 -31.07 4.15 -24.86
C MET C 8 -30.58 2.80 -25.39
N GLN C 9 -31.20 2.28 -26.46
CA GLN C 9 -30.75 1.01 -27.05
C GLN C 9 -29.37 1.21 -27.66
N ARG C 10 -29.18 2.31 -28.38
CA ARG C 10 -27.86 2.57 -28.96
C ARG C 10 -26.83 2.71 -27.81
N ARG C 11 -27.23 3.37 -26.73
CA ARG C 11 -26.35 3.53 -25.56
C ARG C 11 -25.83 2.18 -25.05
N SER C 12 -26.74 1.19 -24.94
CA SER C 12 -26.37 -0.13 -24.43
C SER C 12 -25.31 -0.79 -25.28
N GLN C 13 -25.22 -0.40 -26.54
CA GLN C 13 -24.23 -1.02 -27.43
C GLN C 13 -22.92 -0.22 -27.50
N ALA C 14 -22.96 1.05 -27.14
CA ALA C 14 -21.77 1.86 -27.32
C ALA C 14 -21.03 2.29 -26.07
N ILE C 15 -21.74 2.28 -24.94
CA ILE C 15 -21.23 2.79 -23.67
C ILE C 15 -21.29 1.75 -22.58
N PRO C 16 -20.28 1.72 -21.69
CA PRO C 16 -20.31 0.71 -20.64
C PRO C 16 -21.52 0.83 -19.72
N ARG C 17 -22.04 -0.32 -19.27
CA ARG C 17 -23.17 -0.33 -18.34
C ARG C 17 -22.71 0.27 -17.00
N GLY C 18 -21.39 0.33 -16.79
CA GLY C 18 -20.89 0.91 -15.56
C GLY C 18 -21.26 2.37 -15.40
N VAL C 19 -21.54 3.07 -16.50
CA VAL C 19 -22.00 4.47 -16.36
C VAL C 19 -23.52 4.29 -16.17
N GLY C 20 -24.01 4.46 -14.95
CA GLY C 20 -25.45 4.27 -14.71
C GLY C 20 -26.25 5.36 -15.40
N GLN C 21 -27.56 5.19 -15.50
CA GLN C 21 -28.37 6.21 -16.17
C GLN C 21 -29.57 6.39 -15.26
N ILE C 22 -29.56 7.48 -14.50
CA ILE C 22 -30.64 7.69 -13.54
C ILE C 22 -31.97 7.85 -14.24
N HIS C 23 -31.99 8.65 -15.29
CA HIS C 23 -33.21 8.87 -16.06
C HIS C 23 -32.91 8.46 -17.47
N PRO C 24 -33.73 7.54 -18.05
CA PRO C 24 -33.54 7.06 -19.42
C PRO C 24 -34.09 8.01 -20.46
N ILE C 25 -33.59 9.24 -20.37
CA ILE C 25 -34.01 10.34 -21.20
C ILE C 25 -32.81 11.08 -21.79
N PHE C 26 -32.92 11.43 -23.06
CA PHE C 26 -31.88 12.18 -23.75
C PHE C 26 -32.34 13.63 -23.86
N ALA C 27 -31.64 14.51 -23.15
CA ALA C 27 -31.92 15.94 -23.17
C ALA C 27 -31.44 16.54 -24.48
N ASP C 28 -32.22 17.47 -25.03
CA ASP C 28 -31.81 18.12 -26.26
C ASP C 28 -31.42 19.60 -26.01
N ARG C 29 -32.19 20.31 -25.21
CA ARG C 29 -31.89 21.72 -24.98
C ARG C 29 -32.45 22.09 -23.63
N ALA C 30 -32.03 23.25 -23.11
CA ALA C 30 -32.49 23.65 -21.78
C ALA C 30 -32.30 25.14 -21.58
N GLU C 31 -32.93 25.67 -20.54
CA GLU C 31 -32.86 27.09 -20.29
C GLU C 31 -33.29 27.30 -18.84
N ASN C 32 -32.39 27.86 -18.02
CA ASN C 32 -32.64 28.09 -16.61
C ASN C 32 -33.05 26.76 -15.91
N CYS C 33 -34.32 26.57 -15.54
CA CYS C 33 -34.67 25.29 -14.88
C CYS C 33 -35.45 24.34 -15.78
N ARG C 34 -35.62 24.73 -17.04
CA ARG C 34 -36.36 23.94 -18.01
C ARG C 34 -35.43 23.11 -18.90
N VAL C 35 -35.82 21.86 -19.14
CA VAL C 35 -35.08 20.96 -20.02
C VAL C 35 -36.09 20.27 -20.95
N TRP C 36 -35.74 20.16 -22.24
CA TRP C 36 -36.61 19.50 -23.22
C TRP C 36 -35.85 18.27 -23.76
N ASP C 37 -36.51 17.10 -23.89
CA ASP C 37 -35.82 15.93 -24.42
C ASP C 37 -35.92 15.88 -25.93
N VAL C 38 -35.38 14.81 -26.51
CA VAL C 38 -35.37 14.69 -27.97
C VAL C 38 -36.79 14.49 -28.51
N GLU C 39 -37.73 14.20 -27.64
CA GLU C 39 -39.11 13.99 -28.08
C GLU C 39 -39.91 15.26 -27.87
N GLY C 40 -39.24 16.32 -27.42
CA GLY C 40 -39.92 17.58 -27.24
C GLY C 40 -40.62 17.71 -25.90
N ARG C 41 -40.51 16.70 -25.06
CA ARG C 41 -41.17 16.78 -23.75
C ARG C 41 -40.37 17.73 -22.86
N GLU C 42 -41.07 18.50 -22.04
CA GLU C 42 -40.42 19.46 -21.17
C GLU C 42 -40.36 18.96 -19.74
N TYR C 43 -39.24 19.23 -19.08
CA TYR C 43 -39.10 18.81 -17.70
C TYR C 43 -38.67 19.99 -16.81
N LEU C 44 -38.90 19.85 -15.52
CA LEU C 44 -38.47 20.83 -14.53
C LEU C 44 -37.27 20.13 -13.84
N ASP C 45 -36.11 20.76 -13.93
CA ASP C 45 -34.86 20.22 -13.39
C ASP C 45 -34.55 20.49 -11.93
N PHE C 46 -34.84 19.54 -11.04
CA PHE C 46 -34.53 19.72 -9.64
C PHE C 46 -33.21 19.05 -9.27
N ALA C 47 -32.45 18.62 -10.28
CA ALA C 47 -31.16 17.95 -10.05
C ALA C 47 -29.96 18.88 -10.35
N GLY C 48 -30.19 19.89 -11.19
CA GLY C 48 -29.15 20.85 -11.54
C GLY C 48 -27.86 20.25 -12.09
N GLY C 49 -27.92 19.09 -12.75
CA GLY C 49 -26.72 18.46 -13.28
C GLY C 49 -25.79 18.03 -12.15
N ILE C 50 -26.43 17.73 -11.01
CA ILE C 50 -25.81 17.38 -9.75
C ILE C 50 -25.07 18.58 -9.14
N ALA C 51 -25.85 19.62 -8.82
CA ALA C 51 -25.38 20.85 -8.16
C ALA C 51 -24.41 21.69 -8.97
N VAL C 52 -24.46 21.54 -10.28
CA VAL C 52 -23.55 22.27 -11.19
C VAL C 52 -24.16 23.55 -11.74
N LEU C 53 -25.48 23.62 -11.67
CA LEU C 53 -26.20 24.74 -12.28
C LEU C 53 -26.94 25.67 -11.30
N ASN C 54 -26.22 26.15 -10.29
CA ASN C 54 -26.85 27.05 -9.33
C ASN C 54 -27.33 28.32 -10.04
N THR C 55 -26.70 28.65 -11.17
CA THR C 55 -27.14 29.82 -11.93
C THR C 55 -28.02 29.41 -13.10
N GLY C 56 -28.48 28.15 -13.11
CA GLY C 56 -29.36 27.71 -14.17
C GLY C 56 -28.65 27.28 -15.43
N HIS C 57 -29.38 26.55 -16.27
CA HIS C 57 -28.84 26.12 -17.55
C HIS C 57 -28.64 27.34 -18.40
N LEU C 58 -27.45 27.51 -18.95
CA LEU C 58 -27.15 28.61 -19.86
C LEU C 58 -27.59 30.02 -19.41
N HIS C 59 -27.15 30.42 -18.22
CA HIS C 59 -27.47 31.77 -17.77
C HIS C 59 -26.98 32.69 -18.89
N PRO C 60 -27.85 33.59 -19.36
CA PRO C 60 -27.47 34.49 -20.44
C PRO C 60 -26.20 35.31 -20.28
N LYS C 61 -25.92 35.77 -19.07
CA LYS C 61 -24.67 36.53 -18.84
C LYS C 61 -23.47 35.60 -18.95
N VAL C 62 -23.60 34.40 -18.42
CA VAL C 62 -22.51 33.42 -18.49
C VAL C 62 -22.22 33.08 -19.97
N VAL C 63 -23.28 32.82 -20.72
CA VAL C 63 -23.15 32.47 -22.14
C VAL C 63 -22.51 33.64 -22.90
N ALA C 64 -22.90 34.87 -22.58
CA ALA C 64 -22.31 35.99 -23.30
C ALA C 64 -20.79 36.05 -23.06
N ALA C 65 -20.36 35.77 -21.83
CA ALA C 65 -18.91 35.82 -21.52
C ALA C 65 -18.18 34.71 -22.25
N VAL C 66 -18.80 33.53 -22.28
CA VAL C 66 -18.25 32.38 -22.97
C VAL C 66 -18.13 32.69 -24.46
N GLU C 67 -19.20 33.24 -25.06
CA GLU C 67 -19.14 33.62 -26.49
C GLU C 67 -18.01 34.62 -26.80
N ALA C 68 -17.82 35.60 -25.93
CA ALA C 68 -16.74 36.55 -26.14
C ALA C 68 -15.37 35.85 -26.10
N GLN C 69 -15.20 34.92 -25.15
CA GLN C 69 -13.91 34.24 -25.04
C GLN C 69 -13.68 33.28 -26.20
N LEU C 70 -14.75 32.68 -26.71
CA LEU C 70 -14.61 31.74 -27.83
C LEU C 70 -14.02 32.42 -29.08
N LYS C 71 -14.19 33.73 -29.18
CA LYS C 71 -13.62 34.51 -30.28
C LYS C 71 -12.10 34.72 -30.08
N LYS C 72 -11.60 34.49 -28.86
CA LYS C 72 -10.18 34.77 -28.57
C LYS C 72 -9.33 33.52 -28.59
N LEU C 73 -9.61 32.60 -27.68
CA LEU C 73 -8.90 31.32 -27.65
C LEU C 73 -9.59 30.36 -26.70
N SER C 74 -9.40 29.04 -26.89
CA SER C 74 -10.05 28.08 -26.00
C SER C 74 -9.03 27.28 -25.17
N HIS C 75 -7.78 27.22 -25.62
CA HIS C 75 -6.80 26.46 -24.87
C HIS C 75 -5.35 26.79 -25.19
N THR C 76 -4.52 27.00 -24.17
CA THR C 76 -3.09 27.14 -24.44
C THR C 76 -2.26 26.24 -23.50
N CYS C 77 -2.91 25.78 -22.42
CA CYS C 77 -2.31 25.05 -21.29
C CYS C 77 -1.61 26.18 -20.49
N PHE C 78 -2.22 26.59 -19.38
CA PHE C 78 -1.72 27.71 -18.58
C PHE C 78 -0.22 27.66 -18.23
N GLN C 79 0.24 26.48 -17.82
CA GLN C 79 1.64 26.29 -17.41
C GLN C 79 2.61 26.43 -18.57
N VAL C 80 2.07 26.51 -19.78
CA VAL C 80 2.89 26.69 -20.97
C VAL C 80 2.83 28.17 -21.35
N LEU C 81 1.62 28.67 -21.60
CA LEU C 81 1.39 30.08 -21.94
C LEU C 81 0.22 30.44 -21.07
N ALA C 82 0.40 31.40 -20.18
CA ALA C 82 -0.66 31.79 -19.27
C ALA C 82 -1.75 32.64 -19.93
N TYR C 83 -2.80 32.96 -19.18
CA TYR C 83 -3.85 33.83 -19.70
C TYR C 83 -4.53 34.50 -18.52
N GLU C 84 -5.05 35.71 -18.73
CA GLU C 84 -5.60 36.46 -17.61
C GLU C 84 -6.83 35.93 -16.87
N PRO C 85 -7.78 35.28 -17.58
CA PRO C 85 -8.95 34.78 -16.84
C PRO C 85 -8.62 33.82 -15.69
N TYR C 86 -7.62 32.98 -15.91
CA TYR C 86 -7.18 32.01 -14.88
C TYR C 86 -6.65 32.85 -13.68
N LEU C 87 -5.72 33.74 -13.98
CA LEU C 87 -5.14 34.60 -12.95
C LEU C 87 -6.22 35.39 -12.21
N GLU C 88 -7.12 36.07 -12.93
CA GLU C 88 -8.15 36.85 -12.26
C GLU C 88 -9.08 36.02 -11.33
N LEU C 89 -9.45 34.82 -11.77
CA LEU C 89 -10.32 33.99 -10.93
C LEU C 89 -9.54 33.57 -9.67
N CYS C 90 -8.27 33.26 -9.82
CA CYS C 90 -7.48 32.83 -8.65
C CYS C 90 -7.45 33.98 -7.64
N GLU C 91 -7.26 35.20 -8.13
CA GLU C 91 -7.23 36.36 -7.22
C GLU C 91 -8.55 36.51 -6.46
N ILE C 92 -9.65 36.31 -7.16
CA ILE C 92 -10.95 36.44 -6.52
C ILE C 92 -11.20 35.33 -5.52
N MET C 93 -10.84 34.09 -5.86
CA MET C 93 -11.09 33.02 -4.91
C MET C 93 -10.23 33.18 -3.65
N ASN C 94 -9.02 33.74 -3.81
CA ASN C 94 -8.18 33.95 -2.63
C ASN C 94 -8.91 34.83 -1.61
N GLN C 95 -9.74 35.74 -2.11
CA GLN C 95 -10.53 36.63 -1.25
C GLN C 95 -11.84 36.02 -0.80
N LYS C 96 -12.54 35.34 -1.71
CA LYS C 96 -13.85 34.75 -1.40
C LYS C 96 -13.82 33.54 -0.48
N VAL C 97 -12.81 32.69 -0.60
CA VAL C 97 -12.75 31.51 0.24
C VAL C 97 -12.48 31.94 1.69
N PRO C 98 -13.21 31.35 2.65
CA PRO C 98 -12.99 31.76 4.05
C PRO C 98 -11.59 31.56 4.61
N GLY C 99 -11.15 32.52 5.42
CA GLY C 99 -9.83 32.42 6.01
C GLY C 99 -9.25 33.82 6.01
N ASP C 100 -9.04 34.38 7.19
CA ASP C 100 -8.52 35.74 7.32
C ASP C 100 -6.98 35.69 7.30
N PHE C 101 -6.43 35.35 6.14
CA PHE C 101 -4.99 35.22 5.97
C PHE C 101 -4.71 35.11 4.46
N ALA C 102 -3.46 35.31 4.05
CA ALA C 102 -3.12 35.25 2.62
C ALA C 102 -3.36 33.85 2.07
N LYS C 103 -3.89 33.78 0.86
CA LYS C 103 -4.16 32.48 0.21
C LYS C 103 -3.65 32.49 -1.22
N LYS C 104 -3.50 31.29 -1.77
CA LYS C 104 -3.16 31.15 -3.18
C LYS C 104 -4.13 30.09 -3.74
N THR C 105 -4.32 30.10 -5.06
CA THR C 105 -5.28 29.19 -5.71
C THR C 105 -4.66 28.53 -6.96
N LEU C 106 -4.95 27.25 -7.12
CA LEU C 106 -4.55 26.44 -8.27
C LEU C 106 -5.89 26.10 -8.97
N LEU C 107 -5.95 26.13 -10.31
CA LEU C 107 -7.20 25.74 -10.95
C LEU C 107 -6.88 24.41 -11.66
N VAL C 108 -7.82 23.47 -11.65
CA VAL C 108 -7.63 22.20 -12.36
C VAL C 108 -8.91 22.07 -13.17
N THR C 109 -9.42 20.85 -13.39
CA THR C 109 -10.60 20.72 -14.24
C THR C 109 -11.77 20.01 -13.57
N THR C 110 -11.51 18.92 -12.83
CA THR C 110 -12.63 18.20 -12.16
C THR C 110 -12.55 18.24 -10.63
N GLY C 111 -13.69 18.02 -9.98
CA GLY C 111 -13.71 18.00 -8.53
C GLY C 111 -12.77 16.91 -8.00
N SER C 112 -12.67 15.75 -8.67
N SER C 112 -12.67 15.77 -8.70
CA SER C 112 -11.77 14.72 -8.15
CA SER C 112 -11.80 14.67 -8.28
C SER C 112 -10.32 15.20 -8.25
C SER C 112 -10.35 15.15 -8.29
N GLU C 113 -9.98 15.89 -9.33
CA GLU C 113 -8.63 16.42 -9.44
C GLU C 113 -8.37 17.50 -8.36
N ALA C 114 -9.40 18.25 -8.01
CA ALA C 114 -9.22 19.27 -6.96
C ALA C 114 -8.85 18.56 -5.65
N VAL C 115 -9.61 17.52 -5.29
CA VAL C 115 -9.32 16.81 -4.06
C VAL C 115 -7.94 16.15 -4.10
N GLU C 116 -7.58 15.55 -5.23
CA GLU C 116 -6.28 14.94 -5.38
C GLU C 116 -5.16 16.00 -5.09
N ASN C 117 -5.35 17.18 -5.65
CA ASN C 117 -4.35 18.21 -5.50
C ASN C 117 -4.28 18.76 -4.09
N ALA C 118 -5.43 18.94 -3.46
CA ALA C 118 -5.43 19.45 -2.08
C ALA C 118 -4.65 18.45 -1.18
N VAL C 119 -4.83 17.15 -1.44
CA VAL C 119 -4.09 16.15 -0.67
C VAL C 119 -2.60 16.19 -0.99
N LYS C 120 -2.26 16.29 -2.27
CA LYS C 120 -0.83 16.34 -2.63
C LYS C 120 -0.19 17.55 -1.96
N ILE C 121 -0.89 18.67 -2.00
CA ILE C 121 -0.36 19.91 -1.38
C ILE C 121 -0.17 19.72 0.15
N ALA C 122 -1.20 19.23 0.85
CA ALA C 122 -1.09 18.99 2.29
C ALA C 122 0.08 18.05 2.60
N ARG C 123 0.24 17.00 1.79
CA ARG C 123 1.35 16.06 2.03
C ARG C 123 2.70 16.76 1.90
N ALA C 124 2.85 17.60 0.88
CA ALA C 124 4.12 18.30 0.70
C ALA C 124 4.36 19.33 1.84
N ALA C 125 3.28 20.00 2.24
CA ALA C 125 3.35 21.00 3.31
C ALA C 125 3.68 20.41 4.69
N THR C 126 3.14 19.24 5.00
CA THR C 126 3.35 18.61 6.30
C THR C 126 4.46 17.56 6.31
N LYS C 127 4.89 17.11 5.13
CA LYS C 127 5.88 16.05 4.99
C LYS C 127 5.34 14.76 5.64
N ARG C 128 4.06 14.48 5.38
CA ARG C 128 3.38 13.30 5.92
C ARG C 128 2.60 12.67 4.77
N SER C 129 2.31 11.38 4.86
CA SER C 129 1.64 10.64 3.78
C SER C 129 0.20 10.20 4.02
N GLY C 130 -0.24 10.14 5.27
CA GLY C 130 -1.57 9.64 5.51
C GLY C 130 -2.67 10.67 5.50
N THR C 131 -3.91 10.22 5.30
CA THR C 131 -5.09 11.09 5.35
C THR C 131 -6.25 10.37 6.05
N ILE C 132 -7.19 11.17 6.57
CA ILE C 132 -8.37 10.65 7.24
C ILE C 132 -9.59 11.23 6.49
N ALA C 133 -10.62 10.42 6.27
CA ALA C 133 -11.84 10.89 5.61
C ALA C 133 -12.97 10.28 6.44
N PHE C 134 -14.22 10.68 6.17
CA PHE C 134 -15.33 10.25 7.01
C PHE C 134 -16.28 9.20 6.41
N SER C 135 -17.04 8.53 7.27
CA SER C 135 -18.00 7.53 6.79
C SER C 135 -19.02 8.24 5.92
N GLY C 136 -19.42 7.62 4.81
CA GLY C 136 -20.39 8.22 3.94
C GLY C 136 -19.85 9.35 3.06
N ALA C 137 -18.58 9.71 3.22
CA ALA C 137 -18.00 10.77 2.39
C ALA C 137 -17.98 10.43 0.90
N TYR C 138 -17.91 11.46 0.06
CA TYR C 138 -17.77 11.22 -1.37
C TYR C 138 -16.76 12.23 -1.86
N HIS C 139 -15.68 11.77 -2.49
CA HIS C 139 -14.66 12.73 -2.94
C HIS C 139 -14.20 12.55 -4.39
N GLY C 140 -14.82 11.62 -5.12
CA GLY C 140 -14.41 11.48 -6.51
C GLY C 140 -14.14 10.06 -6.96
N ARG C 141 -13.85 9.90 -8.25
CA ARG C 141 -13.65 8.58 -8.81
C ARG C 141 -12.27 8.17 -9.31
N THR C 142 -11.20 8.82 -8.84
CA THR C 142 -9.87 8.39 -9.23
C THR C 142 -9.53 7.35 -8.12
N HIS C 143 -8.47 6.57 -8.27
CA HIS C 143 -8.16 5.56 -7.22
C HIS C 143 -8.08 6.17 -5.81
N TYR C 144 -7.37 7.29 -5.70
CA TYR C 144 -7.18 7.84 -4.36
C TYR C 144 -8.46 8.47 -3.82
N THR C 145 -9.26 9.12 -4.66
CA THR C 145 -10.49 9.70 -4.15
C THR C 145 -11.56 8.62 -3.87
N LEU C 146 -11.43 7.46 -4.51
CA LEU C 146 -12.33 6.33 -4.21
C LEU C 146 -11.93 5.77 -2.83
N ALA C 147 -10.63 5.84 -2.50
CA ALA C 147 -10.21 5.40 -1.17
C ALA C 147 -10.78 6.38 -0.14
N LEU C 148 -10.68 7.69 -0.45
CA LEU C 148 -11.23 8.71 0.45
C LEU C 148 -12.75 8.59 0.58
N THR C 149 -13.41 8.24 -0.53
CA THR C 149 -14.84 8.06 -0.55
C THR C 149 -15.28 6.94 0.42
N GLY C 150 -16.24 7.26 1.28
CA GLY C 150 -16.71 6.29 2.27
C GLY C 150 -17.87 5.46 1.75
N LYS C 151 -17.66 4.83 0.61
CA LYS C 151 -18.68 3.96 0.01
C LYS C 151 -18.01 3.17 -1.09
N VAL C 152 -18.02 1.85 -0.92
CA VAL C 152 -17.38 0.96 -1.89
C VAL C 152 -18.31 0.63 -3.05
N ASN C 153 -19.54 0.27 -2.70
CA ASN C 153 -20.53 -0.07 -3.72
C ASN C 153 -21.40 1.13 -4.05
N PRO C 154 -21.45 1.52 -5.34
CA PRO C 154 -20.79 0.93 -6.51
C PRO C 154 -19.52 1.58 -6.99
N TYR C 155 -19.20 2.74 -6.41
CA TYR C 155 -18.05 3.52 -6.85
C TYR C 155 -16.73 2.79 -7.09
N SER C 156 -16.37 1.85 -6.23
CA SER C 156 -15.12 1.06 -6.43
C SER C 156 -15.39 -0.44 -6.31
N ALA C 157 -16.65 -0.85 -6.50
CA ALA C 157 -17.02 -2.27 -6.34
C ALA C 157 -16.36 -3.15 -7.38
N GLY C 158 -15.86 -4.33 -6.97
CA GLY C 158 -15.23 -5.27 -7.91
C GLY C 158 -13.81 -4.94 -8.42
N MET C 159 -13.26 -3.81 -8.02
CA MET C 159 -11.94 -3.40 -8.51
C MET C 159 -10.76 -3.82 -7.63
N GLY C 160 -11.03 -4.55 -6.55
CA GLY C 160 -9.97 -4.89 -5.61
C GLY C 160 -9.81 -3.73 -4.62
N LEU C 161 -8.87 -3.82 -3.68
CA LEU C 161 -8.75 -2.76 -2.67
C LEU C 161 -8.13 -1.47 -3.20
N MET C 162 -8.73 -0.35 -2.85
CA MET C 162 -8.20 0.95 -3.27
C MET C 162 -6.97 1.32 -2.42
N PRO C 163 -6.19 2.33 -2.85
CA PRO C 163 -4.98 2.75 -2.11
C PRO C 163 -5.09 2.74 -0.59
N GLY C 164 -4.06 2.22 0.03
CA GLY C 164 -4.02 2.16 1.49
C GLY C 164 -3.62 3.51 2.10
N HIS C 165 -3.48 3.53 3.43
CA HIS C 165 -3.09 4.74 4.14
C HIS C 165 -4.08 5.90 4.11
N VAL C 166 -5.35 5.55 4.01
CA VAL C 166 -6.48 6.49 4.08
C VAL C 166 -7.29 5.84 5.19
N TYR C 167 -7.52 6.56 6.29
CA TYR C 167 -8.20 6.03 7.48
C TYR C 167 -9.61 6.59 7.63
N ARG C 168 -10.48 5.82 8.27
CA ARG C 168 -11.89 6.20 8.35
C ARG C 168 -12.42 6.68 9.70
N ALA C 169 -12.95 7.90 9.74
CA ALA C 169 -13.55 8.47 10.95
C ALA C 169 -15.07 8.44 10.75
N LEU C 170 -15.82 8.69 11.81
CA LEU C 170 -17.29 8.68 11.73
C LEU C 170 -17.81 10.09 11.52
N TYR C 171 -18.65 10.30 10.51
CA TYR C 171 -19.19 11.66 10.31
C TYR C 171 -20.29 11.85 11.36
N PRO C 172 -20.34 13.02 12.03
CA PRO C 172 -21.40 13.23 13.02
C PRO C 172 -22.78 13.23 12.36
N CYS C 173 -23.70 12.48 12.95
CA CYS C 173 -25.03 12.39 12.41
C CYS C 173 -25.98 11.91 13.51
N PRO C 174 -26.46 12.83 14.34
CA PRO C 174 -27.37 12.48 15.44
C PRO C 174 -28.59 11.67 14.99
N LEU C 175 -29.16 12.02 13.84
CA LEU C 175 -30.32 11.28 13.32
C LEU C 175 -30.07 9.79 13.36
N HIS C 176 -28.83 9.38 13.10
CA HIS C 176 -28.49 7.98 13.09
C HIS C 176 -27.59 7.53 14.23
N GLY C 177 -27.68 8.24 15.35
CA GLY C 177 -26.91 7.85 16.52
C GLY C 177 -25.42 8.07 16.61
N ILE C 178 -24.85 8.90 15.74
CA ILE C 178 -23.42 9.16 15.84
C ILE C 178 -23.34 10.57 16.39
N SER C 179 -22.95 10.70 17.65
CA SER C 179 -22.86 12.02 18.28
C SER C 179 -21.57 12.72 17.84
N GLU C 180 -21.46 14.01 18.14
CA GLU C 180 -20.23 14.72 17.80
C GLU C 180 -19.08 14.15 18.63
N ASP C 181 -19.38 13.72 19.84
CA ASP C 181 -18.32 13.14 20.67
C ASP C 181 -17.84 11.84 20.01
N ASP C 182 -18.78 11.05 19.47
CA ASP C 182 -18.43 9.80 18.79
C ASP C 182 -17.52 10.12 17.58
N ALA C 183 -17.87 11.16 16.84
CA ALA C 183 -17.08 11.54 15.64
C ALA C 183 -15.67 11.94 16.02
N ILE C 184 -15.55 12.83 16.99
CA ILE C 184 -14.21 13.24 17.41
C ILE C 184 -13.46 12.05 18.02
N ALA C 185 -14.15 11.20 18.78
CA ALA C 185 -13.43 10.07 19.38
C ALA C 185 -12.93 9.10 18.28
N SER C 186 -13.69 8.98 17.19
CA SER C 186 -13.28 8.07 16.11
C SER C 186 -11.97 8.52 15.46
N ILE C 187 -11.65 9.81 15.59
CA ILE C 187 -10.42 10.34 15.03
C ILE C 187 -9.27 9.98 15.98
N HIS C 188 -9.46 10.20 17.27
CA HIS C 188 -8.43 9.81 18.24
C HIS C 188 -8.17 8.28 18.13
N ARG C 189 -9.22 7.53 17.85
CA ARG C 189 -9.09 6.07 17.72
C ARG C 189 -8.10 5.73 16.58
N ILE C 190 -8.21 6.43 15.47
CA ILE C 190 -7.27 6.22 14.36
C ILE C 190 -5.85 6.58 14.86
N PHE C 191 -5.72 7.73 15.53
CA PHE C 191 -4.40 8.13 16.02
C PHE C 191 -3.80 7.05 16.96
N LYS C 192 -4.64 6.41 17.76
CA LYS C 192 -4.12 5.40 18.71
C LYS C 192 -3.88 4.01 18.12
N ASN C 193 -4.77 3.64 17.22
CA ASN C 193 -4.78 2.29 16.63
C ASN C 193 -4.06 2.06 15.33
N ASP C 194 -4.07 3.07 14.45
CA ASP C 194 -3.49 2.88 13.12
C ASP C 194 -2.51 3.86 12.52
N ALA C 195 -2.65 5.16 12.81
CA ALA C 195 -1.74 6.14 12.22
C ALA C 195 -1.61 7.31 13.19
N ALA C 196 -0.43 7.50 13.75
CA ALA C 196 -0.22 8.60 14.71
C ALA C 196 -0.41 9.96 14.00
N PRO C 197 -0.75 11.01 14.76
CA PRO C 197 -0.93 12.32 14.13
C PRO C 197 0.26 12.74 13.26
N GLU C 198 1.49 12.39 13.69
CA GLU C 198 2.70 12.77 12.95
C GLU C 198 2.78 12.16 11.55
N ASP C 199 1.87 11.24 11.23
CA ASP C 199 1.84 10.61 9.89
C ASP C 199 0.58 10.98 9.13
N ILE C 200 -0.21 11.89 9.69
CA ILE C 200 -1.46 12.33 9.03
C ILE C 200 -1.31 13.74 8.47
N ALA C 201 -1.33 13.86 7.14
CA ALA C 201 -1.15 15.14 6.46
C ALA C 201 -2.43 15.98 6.47
N ALA C 202 -3.57 15.29 6.41
CA ALA C 202 -4.83 15.99 6.34
C ALA C 202 -6.04 15.22 6.76
N ILE C 203 -7.05 15.96 7.20
CA ILE C 203 -8.33 15.41 7.50
C ILE C 203 -9.18 16.08 6.42
N VAL C 204 -9.87 15.25 5.63
CA VAL C 204 -10.71 15.74 4.55
C VAL C 204 -12.16 15.60 4.95
N ILE C 205 -12.93 16.67 4.78
CA ILE C 205 -14.33 16.63 5.20
C ILE C 205 -15.23 17.51 4.35
N GLU C 206 -16.47 17.05 4.12
CA GLU C 206 -17.44 17.86 3.38
C GLU C 206 -18.24 18.58 4.47
N PRO C 207 -18.28 19.93 4.44
CA PRO C 207 -19.03 20.74 5.43
C PRO C 207 -20.45 20.19 5.50
N VAL C 208 -21.00 19.82 4.35
CA VAL C 208 -22.32 19.16 4.26
C VAL C 208 -22.07 18.01 3.28
N GLN C 209 -22.23 16.78 3.74
CA GLN C 209 -22.04 15.64 2.87
C GLN C 209 -23.06 15.67 1.75
N GLY C 210 -22.58 15.43 0.51
CA GLY C 210 -23.44 15.49 -0.64
C GLY C 210 -24.04 14.13 -0.99
N GLU C 211 -23.26 13.29 -1.69
CA GLU C 211 -23.73 11.96 -2.08
C GLU C 211 -24.09 11.16 -0.85
N GLY C 212 -23.46 11.56 0.26
CA GLY C 212 -23.64 10.91 1.56
C GLY C 212 -24.98 11.15 2.25
N GLY C 213 -25.81 12.04 1.69
CA GLY C 213 -27.13 12.27 2.29
C GLY C 213 -27.50 13.66 2.75
N PHE C 214 -26.68 14.67 2.43
CA PHE C 214 -26.98 16.03 2.85
C PHE C 214 -27.07 16.14 4.36
N TYR C 215 -26.01 15.67 5.03
CA TYR C 215 -25.87 15.74 6.48
C TYR C 215 -24.79 16.84 6.68
N ALA C 216 -25.10 17.81 7.54
CA ALA C 216 -24.22 18.94 7.75
C ALA C 216 -23.53 18.94 9.08
N SER C 217 -22.28 19.40 9.09
N SER C 217 -22.28 19.42 9.08
CA SER C 217 -21.54 19.50 10.33
CA SER C 217 -21.51 19.52 10.31
C SER C 217 -22.06 20.73 11.05
C SER C 217 -22.02 20.74 11.05
N SER C 218 -22.05 20.68 12.38
CA SER C 218 -22.51 21.83 13.16
C SER C 218 -21.27 22.70 13.31
N PRO C 219 -21.44 24.00 13.62
CA PRO C 219 -20.28 24.86 13.79
C PRO C 219 -19.42 24.35 14.95
N ALA C 220 -20.07 23.89 16.02
CA ALA C 220 -19.35 23.36 17.20
C ALA C 220 -18.46 22.18 16.81
N PHE C 221 -18.98 21.27 16.01
CA PHE C 221 -18.16 20.12 15.61
C PHE C 221 -16.96 20.58 14.78
N MET C 222 -17.21 21.43 13.78
CA MET C 222 -16.14 21.94 12.91
C MET C 222 -15.09 22.67 13.72
N GLN C 223 -15.53 23.40 14.74
CA GLN C 223 -14.57 24.10 15.60
C GLN C 223 -13.72 23.12 16.39
N ARG C 224 -14.30 22.02 16.85
CA ARG C 224 -13.49 21.04 17.57
C ARG C 224 -12.50 20.39 16.58
N LEU C 225 -12.94 20.19 15.33
CA LEU C 225 -12.07 19.54 14.35
C LEU C 225 -10.90 20.47 14.01
N ARG C 226 -11.18 21.76 13.90
CA ARG C 226 -10.14 22.75 13.62
C ARG C 226 -9.12 22.75 14.77
N ALA C 227 -9.60 22.67 16.00
CA ALA C 227 -8.70 22.70 17.17
C ALA C 227 -7.82 21.43 17.16
N LEU C 228 -8.43 20.30 16.84
CA LEU C 228 -7.69 19.04 16.78
C LEU C 228 -6.62 19.14 15.68
N CYS C 229 -6.98 19.66 14.51
CA CYS C 229 -5.98 19.81 13.46
C CYS C 229 -4.87 20.76 13.88
N ASP C 230 -5.24 21.89 14.49
CA ASP C 230 -4.20 22.83 14.93
C ASP C 230 -3.20 22.19 15.88
N GLU C 231 -3.71 21.44 16.86
CA GLU C 231 -2.85 20.83 17.84
C GLU C 231 -1.81 19.89 17.21
N HIS C 232 -2.19 19.20 16.13
CA HIS C 232 -1.30 18.25 15.50
C HIS C 232 -0.61 18.61 14.19
N GLY C 233 -0.77 19.85 13.75
CA GLY C 233 -0.11 20.25 12.52
C GLY C 233 -0.74 19.61 11.28
N ILE C 234 -1.97 19.12 11.44
CA ILE C 234 -2.71 18.48 10.32
C ILE C 234 -3.49 19.54 9.51
N MET C 235 -3.53 19.39 8.17
CA MET C 235 -4.29 20.33 7.32
C MET C 235 -5.75 19.94 7.27
N LEU C 236 -6.64 20.92 7.48
CA LEU C 236 -8.05 20.65 7.40
C LEU C 236 -8.42 20.99 5.96
N ILE C 237 -8.89 19.98 5.23
CA ILE C 237 -9.32 20.20 3.84
C ILE C 237 -10.86 20.16 3.79
N ALA C 238 -11.46 21.26 3.37
CA ALA C 238 -12.90 21.36 3.24
C ALA C 238 -13.21 21.06 1.76
N ASP C 239 -13.89 19.94 1.52
CA ASP C 239 -14.25 19.61 0.14
C ASP C 239 -15.62 20.26 -0.08
N GLU C 240 -15.60 21.37 -0.82
CA GLU C 240 -16.79 22.14 -1.12
C GLU C 240 -17.19 22.06 -2.56
N VAL C 241 -16.74 21.00 -3.22
CA VAL C 241 -17.12 20.77 -4.60
C VAL C 241 -18.64 20.85 -4.76
N GLN C 242 -19.38 20.24 -3.83
CA GLN C 242 -20.86 20.24 -3.92
C GLN C 242 -21.53 21.28 -3.00
N SER C 243 -20.99 21.48 -1.81
CA SER C 243 -21.53 22.48 -0.88
C SER C 243 -21.20 23.91 -1.28
N GLY C 244 -20.15 24.09 -2.08
CA GLY C 244 -19.69 25.41 -2.48
C GLY C 244 -20.46 26.12 -3.57
N ALA C 245 -19.90 27.23 -4.03
CA ALA C 245 -20.52 28.04 -5.08
C ALA C 245 -21.95 28.37 -4.70
N GLY C 246 -22.15 28.78 -3.44
CA GLY C 246 -23.45 29.22 -2.95
C GLY C 246 -24.58 28.30 -2.56
N ARG C 247 -24.42 26.99 -2.63
CA ARG C 247 -25.58 26.14 -2.33
C ARG C 247 -26.16 26.31 -0.91
N THR C 248 -25.30 26.57 0.08
CA THR C 248 -25.76 26.70 1.47
C THR C 248 -26.22 28.09 1.96
N GLY C 249 -26.29 29.09 1.09
CA GLY C 249 -26.71 30.41 1.56
C GLY C 249 -25.53 31.35 1.72
N THR C 250 -24.33 30.78 1.82
CA THR C 250 -23.11 31.58 1.84
C THR C 250 -22.33 30.98 0.65
N LEU C 251 -21.31 31.67 0.15
CA LEU C 251 -20.61 31.14 -1.04
C LEU C 251 -20.03 29.78 -0.67
N PHE C 252 -19.35 29.74 0.47
CA PHE C 252 -18.82 28.50 0.97
C PHE C 252 -19.44 28.19 2.33
N ALA C 253 -19.80 26.92 2.53
CA ALA C 253 -20.41 26.49 3.78
C ALA C 253 -19.53 26.75 5.00
N MET C 254 -18.21 26.66 4.86
CA MET C 254 -17.33 26.87 6.00
C MET C 254 -17.52 28.26 6.63
N GLU C 255 -18.07 29.19 5.85
CA GLU C 255 -18.32 30.56 6.34
C GLU C 255 -19.33 30.49 7.50
N GLN C 256 -20.18 29.47 7.48
CA GLN C 256 -21.18 29.35 8.53
C GLN C 256 -20.70 28.53 9.71
N MET C 257 -19.50 27.97 9.60
CA MET C 257 -18.93 27.11 10.64
C MET C 257 -18.14 27.83 11.70
N GLY C 258 -17.78 29.09 11.45
CA GLY C 258 -17.02 29.84 12.44
C GLY C 258 -15.52 29.58 12.40
N VAL C 259 -15.06 28.77 11.46
CA VAL C 259 -13.63 28.49 11.33
C VAL C 259 -13.24 28.33 9.88
N ALA C 260 -11.96 28.51 9.60
CA ALA C 260 -11.46 28.40 8.24
C ALA C 260 -10.60 27.16 8.08
N PRO C 261 -10.73 26.49 6.92
CA PRO C 261 -9.94 25.29 6.63
C PRO C 261 -8.61 25.80 6.12
N ASP C 262 -7.64 24.90 5.96
CA ASP C 262 -6.34 25.23 5.41
C ASP C 262 -6.42 25.18 3.89
N LEU C 263 -7.30 24.29 3.39
CA LEU C 263 -7.46 24.08 1.95
C LEU C 263 -8.93 23.86 1.67
N THR C 264 -9.39 24.41 0.55
CA THR C 264 -10.76 24.26 0.09
C THR C 264 -10.79 23.83 -1.37
N THR C 265 -11.57 22.81 -1.69
CA THR C 265 -11.69 22.41 -3.09
C THR C 265 -13.05 22.93 -3.57
N PHE C 266 -13.13 23.29 -4.84
CA PHE C 266 -14.41 23.77 -5.39
C PHE C 266 -14.49 23.31 -6.82
N ALA C 267 -15.72 23.17 -7.32
CA ALA C 267 -15.91 22.74 -8.70
C ALA C 267 -17.42 22.94 -8.97
N LYS C 268 -18.03 21.98 -9.68
CA LYS C 268 -19.46 22.06 -10.00
C LYS C 268 -20.06 23.46 -10.33
N SER C 269 -20.82 24.07 -9.41
CA SER C 269 -21.47 25.34 -9.75
C SER C 269 -20.54 26.55 -9.89
N ILE C 270 -19.26 26.40 -9.59
CA ILE C 270 -18.31 27.52 -9.73
C ILE C 270 -18.35 28.11 -11.15
N ALA C 271 -18.55 27.25 -12.16
CA ALA C 271 -18.56 27.71 -13.54
C ALA C 271 -19.90 27.57 -14.29
N GLY C 272 -20.99 27.35 -13.55
CA GLY C 272 -22.33 27.30 -14.14
C GLY C 272 -22.55 26.41 -15.33
N GLY C 273 -21.86 25.27 -15.37
CA GLY C 273 -22.07 24.36 -16.49
C GLY C 273 -20.91 24.17 -17.43
N PHE C 274 -19.69 24.58 -17.02
CA PHE C 274 -18.46 24.45 -17.85
C PHE C 274 -17.39 23.73 -16.98
N PRO C 275 -16.52 22.89 -17.57
CA PRO C 275 -15.55 22.17 -16.77
C PRO C 275 -14.43 22.95 -16.07
N LEU C 276 -14.58 23.14 -14.77
CA LEU C 276 -13.57 23.85 -13.99
C LEU C 276 -13.64 23.39 -12.55
N ALA C 277 -12.48 23.37 -11.90
CA ALA C 277 -12.38 23.02 -10.49
C ALA C 277 -11.11 23.72 -9.95
N GLY C 278 -10.93 23.71 -8.65
CA GLY C 278 -9.73 24.36 -8.12
C GLY C 278 -9.53 24.12 -6.64
N VAL C 279 -8.38 24.58 -6.11
CA VAL C 279 -8.04 24.45 -4.72
C VAL C 279 -7.51 25.82 -4.28
N THR C 280 -8.04 26.32 -3.18
CA THR C 280 -7.62 27.59 -2.60
C THR C 280 -7.18 27.29 -1.18
N GLY C 281 -5.99 27.77 -0.82
CA GLY C 281 -5.53 27.51 0.54
C GLY C 281 -4.56 28.53 1.10
N ARG C 282 -4.25 28.36 2.38
CA ARG C 282 -3.30 29.22 3.09
C ARG C 282 -2.06 29.30 2.18
N ALA C 283 -1.58 30.50 1.88
CA ALA C 283 -0.46 30.68 0.95
C ALA C 283 0.78 29.82 1.17
N GLU C 284 1.23 29.72 2.42
CA GLU C 284 2.45 28.98 2.75
C GLU C 284 2.27 27.48 2.52
N VAL C 285 1.05 27.01 2.75
CA VAL C 285 0.72 25.58 2.53
C VAL C 285 0.74 25.32 1.01
N MET C 286 0.00 26.16 0.26
CA MET C 286 -0.05 26.04 -1.20
C MET C 286 1.31 26.06 -1.84
N ASP C 287 2.21 26.92 -1.34
CA ASP C 287 3.56 27.02 -1.90
C ASP C 287 4.52 25.88 -1.51
N ALA C 288 4.10 24.92 -0.68
CA ALA C 288 5.00 23.83 -0.30
C ALA C 288 5.42 22.94 -1.48
N VAL C 289 4.61 22.84 -2.51
CA VAL C 289 4.99 21.97 -3.62
C VAL C 289 5.99 22.73 -4.53
N ALA C 290 7.07 22.07 -4.94
CA ALA C 290 8.07 22.70 -5.82
C ALA C 290 7.56 22.89 -7.24
N PRO C 291 8.14 23.88 -7.99
CA PRO C 291 7.76 24.16 -9.37
C PRO C 291 7.75 22.90 -10.20
N GLY C 292 6.67 22.73 -10.98
CA GLY C 292 6.53 21.57 -11.84
C GLY C 292 5.74 20.48 -11.15
N GLY C 293 5.49 20.66 -9.87
CA GLY C 293 4.77 19.65 -9.13
C GLY C 293 3.25 19.76 -9.28
N LEU C 294 2.76 20.83 -9.89
CA LEU C 294 1.31 20.99 -10.04
C LEU C 294 1.00 21.34 -11.48
N GLY C 295 -0.14 20.87 -11.98
CA GLY C 295 -0.47 21.20 -13.36
C GLY C 295 -1.62 20.40 -13.93
N GLY C 296 -1.63 20.22 -15.24
CA GLY C 296 -2.73 19.50 -15.87
C GLY C 296 -2.95 20.14 -17.20
N THR C 297 -3.22 19.34 -18.22
CA THR C 297 -3.36 19.91 -19.55
C THR C 297 -4.47 20.92 -19.69
N TYR C 298 -5.69 20.52 -19.36
CA TYR C 298 -6.83 21.41 -19.53
C TYR C 298 -7.02 22.40 -18.39
N ALA C 299 -6.34 22.15 -17.28
CA ALA C 299 -6.45 22.95 -16.08
C ALA C 299 -6.79 24.43 -16.29
N GLY C 300 -7.83 24.89 -15.60
CA GLY C 300 -8.25 26.27 -15.70
C GLY C 300 -8.57 26.65 -17.14
N ASN C 301 -9.33 25.81 -17.85
CA ASN C 301 -9.66 26.09 -19.23
C ASN C 301 -10.18 27.55 -19.38
N PRO C 302 -9.66 28.31 -20.36
CA PRO C 302 -10.05 29.71 -20.60
C PRO C 302 -11.57 29.96 -20.64
N ILE C 303 -12.28 29.12 -21.38
CA ILE C 303 -13.72 29.36 -21.47
C ILE C 303 -14.44 29.13 -20.16
N ALA C 304 -14.06 28.10 -19.42
CA ALA C 304 -14.68 27.84 -18.12
C ALA C 304 -14.28 28.94 -17.12
N CYS C 305 -13.05 29.45 -17.22
CA CYS C 305 -12.65 30.54 -16.31
C CYS C 305 -13.56 31.79 -16.45
N VAL C 306 -13.83 32.21 -17.69
CA VAL C 306 -14.66 33.39 -17.87
C VAL C 306 -16.07 33.06 -17.47
N ALA C 307 -16.49 31.80 -17.68
CA ALA C 307 -17.80 31.43 -17.21
C ALA C 307 -17.85 31.61 -15.69
N ALA C 308 -16.82 31.11 -14.96
CA ALA C 308 -16.80 31.21 -13.50
C ALA C 308 -16.77 32.68 -13.03
N LEU C 309 -15.96 33.48 -13.71
CA LEU C 309 -15.88 34.90 -13.34
C LEU C 309 -17.28 35.52 -13.43
N GLU C 310 -18.01 35.18 -14.49
CA GLU C 310 -19.36 35.70 -14.68
C GLU C 310 -20.33 35.14 -13.67
N VAL C 311 -20.17 33.86 -13.31
CA VAL C 311 -21.04 33.26 -12.31
C VAL C 311 -20.92 34.04 -10.99
N LEU C 312 -19.71 34.39 -10.61
CA LEU C 312 -19.53 35.11 -9.36
C LEU C 312 -20.20 36.49 -9.45
N LYS C 313 -20.17 37.11 -10.63
CA LYS C 313 -20.79 38.42 -10.81
C LYS C 313 -22.30 38.29 -10.72
N VAL C 314 -22.84 37.23 -11.36
CA VAL C 314 -24.27 36.99 -11.32
C VAL C 314 -24.70 36.80 -9.87
N PHE C 315 -23.91 36.05 -9.07
CA PHE C 315 -24.30 35.87 -7.67
C PHE C 315 -24.47 37.20 -6.94
N GLU C 316 -23.56 38.13 -7.20
CA GLU C 316 -23.62 39.45 -6.58
C GLU C 316 -24.78 40.26 -7.15
N GLN C 317 -24.83 40.40 -8.48
CA GLN C 317 -25.89 41.17 -9.15
C GLN C 317 -27.29 40.68 -8.87
N GLU C 318 -27.51 39.36 -8.91
CA GLU C 318 -28.85 38.81 -8.72
C GLU C 318 -29.19 38.37 -7.31
N ASN C 319 -28.34 38.74 -6.37
CA ASN C 319 -28.49 38.37 -4.97
C ASN C 319 -28.84 36.90 -4.77
N LEU C 320 -28.13 36.02 -5.47
CA LEU C 320 -28.41 34.59 -5.36
C LEU C 320 -28.18 33.94 -4.00
N LEU C 321 -27.31 34.51 -3.16
CA LEU C 321 -27.12 33.89 -1.85
C LEU C 321 -28.40 34.04 -1.01
N GLN C 322 -29.00 35.22 -1.09
CA GLN C 322 -30.25 35.45 -0.35
C GLN C 322 -31.36 34.57 -0.97
N LYS C 323 -31.40 34.48 -2.30
CA LYS C 323 -32.40 33.65 -2.96
C LYS C 323 -32.26 32.20 -2.52
N ALA C 324 -31.02 31.75 -2.34
CA ALA C 324 -30.79 30.37 -1.90
C ALA C 324 -31.48 30.14 -0.58
N ASN C 325 -31.29 31.05 0.37
CA ASN C 325 -31.90 30.90 1.69
C ASN C 325 -33.43 30.96 1.61
N ASP C 326 -33.94 31.87 0.79
CA ASP C 326 -35.39 32.00 0.62
C ASP C 326 -35.98 30.75 -0.03
N LEU C 327 -35.26 30.22 -1.03
CA LEU C 327 -35.70 29.02 -1.72
C LEU C 327 -35.70 27.85 -0.74
N GLY C 328 -34.61 27.74 0.02
CA GLY C 328 -34.51 26.66 0.99
C GLY C 328 -35.69 26.65 1.97
N GLN C 329 -36.10 27.84 2.43
CA GLN C 329 -37.21 27.90 3.38
C GLN C 329 -38.54 27.54 2.74
N LYS C 330 -38.73 27.99 1.51
CA LYS C 330 -39.95 27.69 0.79
C LYS C 330 -40.01 26.19 0.56
N LEU C 331 -38.89 25.59 0.16
CA LEU C 331 -38.85 24.14 -0.07
C LEU C 331 -39.14 23.36 1.22
N LYS C 332 -38.43 23.70 2.29
CA LYS C 332 -38.63 23.01 3.56
C LYS C 332 -40.08 23.16 4.04
N ASP C 333 -40.61 24.37 3.92
CA ASP C 333 -41.99 24.61 4.35
C ASP C 333 -42.92 23.68 3.61
N GLY C 334 -42.78 23.63 2.29
CA GLY C 334 -43.64 22.75 1.51
C GLY C 334 -43.42 21.28 1.80
N LEU C 335 -42.17 20.89 2.03
CA LEU C 335 -41.87 19.49 2.32
C LEU C 335 -42.43 19.10 3.68
N LEU C 336 -42.35 20.01 4.65
CA LEU C 336 -42.88 19.76 5.97
C LEU C 336 -44.38 19.57 5.86
N ALA C 337 -45.03 20.40 5.05
CA ALA C 337 -46.48 20.28 4.82
C ALA C 337 -46.80 18.89 4.29
N ILE C 338 -45.96 18.38 3.39
CA ILE C 338 -46.19 17.06 2.82
C ILE C 338 -45.96 15.96 3.85
N ALA C 339 -44.95 16.16 4.70
CA ALA C 339 -44.59 15.20 5.74
C ALA C 339 -45.73 14.97 6.74
N GLU C 340 -46.62 15.94 6.88
CA GLU C 340 -47.74 15.78 7.80
C GLU C 340 -48.71 14.70 7.34
N LYS C 341 -48.79 14.48 6.03
CA LYS C 341 -49.68 13.45 5.51
C LYS C 341 -48.95 12.12 5.26
N HIS C 342 -47.62 12.18 5.21
CA HIS C 342 -46.81 11.00 4.95
C HIS C 342 -45.71 10.83 5.99
N PRO C 343 -45.93 9.93 6.97
CA PRO C 343 -45.01 9.63 8.06
C PRO C 343 -43.67 9.06 7.59
N GLU C 344 -43.64 8.60 6.35
CA GLU C 344 -42.40 8.04 5.78
C GLU C 344 -41.31 9.11 5.69
N ILE C 345 -41.73 10.36 5.58
CA ILE C 345 -40.77 11.44 5.52
C ILE C 345 -40.34 11.64 6.96
N GLY C 346 -39.22 11.01 7.33
CA GLY C 346 -38.72 11.07 8.70
C GLY C 346 -37.84 12.24 9.07
N ASP C 347 -37.41 13.04 8.08
CA ASP C 347 -36.58 14.21 8.35
C ASP C 347 -36.62 15.13 7.14
N VAL C 348 -36.63 16.43 7.40
CA VAL C 348 -36.64 17.46 6.37
C VAL C 348 -35.50 18.36 6.86
N ARG C 349 -34.47 18.57 6.05
CA ARG C 349 -33.32 19.35 6.54
C ARG C 349 -32.59 20.08 5.43
N GLY C 350 -31.61 20.87 5.86
CA GLY C 350 -30.76 21.58 4.92
C GLY C 350 -30.35 23.00 5.23
N LEU C 351 -29.14 23.34 4.81
CA LEU C 351 -28.61 24.69 4.95
C LEU C 351 -28.83 25.34 3.59
N GLY C 352 -29.33 26.58 3.62
CA GLY C 352 -29.57 27.32 2.39
C GLY C 352 -30.48 26.54 1.46
N ALA C 353 -30.02 26.34 0.22
CA ALA C 353 -30.81 25.61 -0.77
C ALA C 353 -30.32 24.16 -0.94
N MET C 354 -29.55 23.67 0.03
CA MET C 354 -29.03 22.30 -0.04
C MET C 354 -30.01 21.49 0.79
N ILE C 355 -31.17 21.24 0.18
CA ILE C 355 -32.29 20.59 0.84
C ILE C 355 -32.53 19.11 0.58
N ALA C 356 -32.88 18.38 1.64
CA ALA C 356 -33.17 16.97 1.47
C ALA C 356 -34.24 16.46 2.45
N ILE C 357 -34.89 15.36 2.08
CA ILE C 357 -35.81 14.72 3.02
C ILE C 357 -35.35 13.26 3.03
N GLU C 358 -35.51 12.59 4.16
CA GLU C 358 -35.07 11.19 4.28
C GLU C 358 -36.29 10.31 4.59
N LEU C 359 -36.39 9.20 3.86
CA LEU C 359 -37.53 8.28 3.99
C LEU C 359 -37.28 7.04 4.83
N PHE C 360 -38.22 6.72 5.72
CA PHE C 360 -38.12 5.55 6.57
C PHE C 360 -39.37 4.68 6.49
N GLU C 361 -39.17 3.37 6.51
CA GLU C 361 -40.28 2.44 6.45
C GLU C 361 -41.02 2.58 7.77
N ASP C 362 -42.26 3.06 7.70
CA ASP C 362 -43.09 3.26 8.87
C ASP C 362 -42.43 4.18 9.91
N GLY C 363 -41.91 5.30 9.43
CA GLY C 363 -41.26 6.25 10.32
C GLY C 363 -40.13 5.69 11.18
N ASP C 364 -39.83 4.41 11.06
CA ASP C 364 -38.77 3.81 11.87
C ASP C 364 -37.38 4.16 11.34
N HIS C 365 -36.75 5.13 12.00
CA HIS C 365 -35.43 5.62 11.61
C HIS C 365 -34.42 4.49 11.36
N ASN C 366 -34.73 3.29 11.83
CA ASN C 366 -33.84 2.17 11.63
C ASN C 366 -34.13 1.44 10.32
N LYS C 367 -35.23 1.80 9.67
CA LYS C 367 -35.59 1.15 8.42
C LYS C 367 -35.61 2.09 7.20
N PRO C 368 -34.43 2.36 6.62
CA PRO C 368 -34.26 3.24 5.45
C PRO C 368 -35.20 2.75 4.34
N ASP C 369 -36.02 3.65 3.79
CA ASP C 369 -36.96 3.23 2.75
C ASP C 369 -36.46 3.55 1.33
N ALA C 370 -35.54 2.73 0.85
CA ALA C 370 -34.97 2.90 -0.47
C ALA C 370 -35.99 2.63 -1.57
N LYS C 371 -36.87 1.65 -1.37
CA LYS C 371 -37.86 1.36 -2.41
C LYS C 371 -38.81 2.52 -2.65
N LEU C 372 -39.30 3.14 -1.58
CA LEU C 372 -40.21 4.26 -1.74
C LEU C 372 -39.43 5.39 -2.42
N THR C 373 -38.19 5.61 -1.97
CA THR C 373 -37.36 6.67 -2.55
C THR C 373 -37.27 6.50 -4.05
N ALA C 374 -36.96 5.28 -4.51
CA ALA C 374 -36.87 5.06 -5.95
C ALA C 374 -38.24 5.30 -6.59
N GLU C 375 -39.30 4.86 -5.91
CA GLU C 375 -40.63 5.06 -6.47
C GLU C 375 -40.93 6.54 -6.66
N ILE C 376 -40.60 7.37 -5.66
CA ILE C 376 -40.87 8.79 -5.82
C ILE C 376 -40.09 9.37 -7.00
N VAL C 377 -38.83 8.97 -7.16
CA VAL C 377 -38.03 9.48 -8.29
C VAL C 377 -38.67 9.14 -9.64
N ALA C 378 -39.12 7.90 -9.77
CA ALA C 378 -39.75 7.46 -11.00
C ALA C 378 -41.11 8.17 -11.20
N ARG C 379 -41.89 8.32 -10.14
CA ARG C 379 -43.18 8.98 -10.28
C ARG C 379 -43.00 10.44 -10.67
N ALA C 380 -42.01 11.10 -10.07
CA ALA C 380 -41.74 12.50 -10.37
C ALA C 380 -41.35 12.66 -11.83
N ARG C 381 -40.48 11.76 -12.32
CA ARG C 381 -40.03 11.82 -13.73
C ARG C 381 -41.26 11.73 -14.64
N ASP C 382 -42.18 10.82 -14.35
CA ASP C 382 -43.38 10.67 -15.17
C ASP C 382 -44.21 11.96 -15.13
N LYS C 383 -44.13 12.69 -14.04
CA LYS C 383 -44.87 13.96 -13.91
C LYS C 383 -44.05 15.14 -14.47
N GLY C 384 -42.87 14.84 -15.03
CA GLY C 384 -42.05 15.88 -15.62
C GLY C 384 -41.07 16.59 -14.67
N LEU C 385 -40.79 16.01 -13.52
CA LEU C 385 -39.86 16.63 -12.56
C LEU C 385 -38.64 15.70 -12.41
N ILE C 386 -37.44 16.24 -12.61
CA ILE C 386 -36.18 15.47 -12.51
C ILE C 386 -35.57 15.58 -11.10
N LEU C 387 -35.51 14.45 -10.39
CA LEU C 387 -34.96 14.41 -9.03
C LEU C 387 -33.82 13.40 -8.92
N LEU C 388 -33.06 13.49 -7.83
CA LEU C 388 -31.95 12.60 -7.51
C LEU C 388 -32.09 12.17 -6.06
N SER C 389 -31.68 10.93 -5.76
CA SER C 389 -31.66 10.48 -4.37
C SER C 389 -30.16 10.46 -4.02
N CYS C 390 -29.84 10.09 -2.79
CA CYS C 390 -28.47 9.97 -2.32
C CYS C 390 -28.52 9.28 -0.96
N GLY C 391 -27.39 9.23 -0.25
CA GLY C 391 -27.37 8.60 1.06
C GLY C 391 -26.82 7.19 0.95
N PRO C 392 -26.03 6.71 1.93
CA PRO C 392 -25.50 5.34 1.79
C PRO C 392 -26.59 4.27 1.69
N TYR C 393 -27.79 4.59 2.18
CA TYR C 393 -28.91 3.65 2.11
C TYR C 393 -29.94 3.97 1.04
N TYR C 394 -29.56 4.89 0.16
CA TYR C 394 -30.39 5.29 -0.98
C TYR C 394 -31.81 5.75 -0.62
N ASN C 395 -31.97 6.29 0.57
CA ASN C 395 -33.30 6.73 1.05
C ASN C 395 -33.39 8.22 1.30
N VAL C 396 -32.54 8.99 0.65
CA VAL C 396 -32.58 10.42 0.81
C VAL C 396 -32.93 11.07 -0.50
N LEU C 397 -33.92 11.96 -0.50
CA LEU C 397 -34.31 12.68 -1.70
C LEU C 397 -33.69 14.08 -1.57
N ARG C 398 -32.95 14.52 -2.57
CA ARG C 398 -32.34 15.82 -2.47
C ARG C 398 -32.87 16.76 -3.53
N ILE C 399 -32.72 18.05 -3.28
CA ILE C 399 -33.14 19.05 -4.25
C ILE C 399 -31.96 19.97 -4.54
N LEU C 400 -31.54 19.98 -5.80
CA LEU C 400 -30.41 20.78 -6.27
C LEU C 400 -30.81 21.69 -7.43
N VAL C 401 -32.09 22.08 -7.42
CA VAL C 401 -32.66 22.95 -8.45
C VAL C 401 -31.87 24.28 -8.50
N PRO C 402 -31.71 24.87 -9.70
CA PRO C 402 -30.99 26.14 -9.84
C PRO C 402 -31.54 27.21 -8.90
N LEU C 403 -30.67 28.06 -8.38
CA LEU C 403 -31.08 29.13 -7.48
C LEU C 403 -31.89 30.20 -8.24
N THR C 404 -31.81 30.16 -9.55
CA THR C 404 -32.50 31.11 -10.42
C THR C 404 -33.95 30.71 -10.70
N ILE C 405 -34.42 29.65 -10.04
CA ILE C 405 -35.78 29.16 -10.28
C ILE C 405 -36.83 30.23 -10.01
N GLU C 406 -37.90 30.23 -10.80
CA GLU C 406 -39.00 31.20 -10.63
C GLU C 406 -39.97 30.75 -9.52
N ASP C 407 -40.66 31.68 -8.88
CA ASP C 407 -41.58 31.33 -7.80
C ASP C 407 -42.63 30.28 -8.16
N ALA C 408 -43.24 30.43 -9.33
CA ALA C 408 -44.28 29.49 -9.75
C ALA C 408 -43.70 28.10 -9.89
N GLN C 409 -42.44 28.01 -10.31
CA GLN C 409 -41.80 26.71 -10.51
C GLN C 409 -41.55 26.05 -9.17
N ILE C 410 -41.26 26.85 -8.15
CA ILE C 410 -41.06 26.27 -6.83
C ILE C 410 -42.37 25.56 -6.45
N ARG C 411 -43.50 26.25 -6.64
CA ARG C 411 -44.81 25.67 -6.31
C ARG C 411 -45.06 24.47 -7.20
N GLN C 412 -44.80 24.62 -8.49
CA GLN C 412 -45.00 23.52 -9.42
C GLN C 412 -44.25 22.24 -8.95
N GLY C 413 -42.98 22.40 -8.60
CA GLY C 413 -42.19 21.25 -8.15
C GLY C 413 -42.72 20.64 -6.87
N LEU C 414 -43.03 21.47 -5.88
CA LEU C 414 -43.55 20.97 -4.61
C LEU C 414 -44.87 20.22 -4.78
N GLU C 415 -45.70 20.71 -5.70
CA GLU C 415 -46.99 20.09 -5.97
C GLU C 415 -46.74 18.72 -6.58
N ILE C 416 -45.81 18.64 -7.53
CA ILE C 416 -45.52 17.34 -8.13
C ILE C 416 -45.08 16.31 -7.08
N ILE C 417 -44.17 16.71 -6.19
CA ILE C 417 -43.67 15.81 -5.16
C ILE C 417 -44.82 15.36 -4.24
N SER C 418 -45.72 16.29 -3.92
CA SER C 418 -46.87 15.99 -3.08
C SER C 418 -47.70 14.91 -3.78
N GLN C 419 -48.00 15.11 -5.07
CA GLN C 419 -48.80 14.12 -5.80
C GLN C 419 -48.09 12.76 -5.81
N CYS C 420 -46.76 12.78 -5.94
CA CYS C 420 -46.01 11.53 -5.95
C CYS C 420 -46.22 10.76 -4.66
N PHE C 421 -46.12 11.43 -3.51
CA PHE C 421 -46.33 10.74 -2.23
C PHE C 421 -47.78 10.27 -2.05
N ASP C 422 -48.76 11.08 -2.47
CA ASP C 422 -50.18 10.71 -2.35
C ASP C 422 -50.46 9.47 -3.18
N GLU C 423 -50.05 9.49 -4.45
CA GLU C 423 -50.29 8.37 -5.35
C GLU C 423 -49.50 7.14 -5.04
N ALA C 424 -48.33 7.30 -4.43
CA ALA C 424 -47.52 6.15 -4.09
C ALA C 424 -48.25 5.43 -2.97
N LYS C 425 -49.03 6.20 -2.22
CA LYS C 425 -49.77 5.67 -1.09
C LYS C 425 -51.21 5.25 -1.36
N GLN C 426 -51.67 5.33 -2.61
CA GLN C 426 -53.05 4.95 -2.94
C GLN C 426 -53.19 3.44 -3.19
N ASN D 2 -1.16 46.63 -21.28
CA ASN D 2 -0.95 45.51 -20.31
C ASN D 2 0.44 44.93 -20.55
N SER D 3 0.92 44.13 -19.60
CA SER D 3 2.24 43.59 -19.80
C SER D 3 2.39 42.20 -19.23
N ASN D 4 3.15 41.36 -19.95
CA ASN D 4 3.40 40.01 -19.51
C ASN D 4 4.03 40.02 -18.13
N LYS D 5 5.00 40.93 -17.91
CA LYS D 5 5.67 40.95 -16.62
C LYS D 5 4.75 41.37 -15.48
N GLU D 6 3.86 42.33 -15.73
CA GLU D 6 2.92 42.72 -14.67
C GLU D 6 2.05 41.53 -14.29
N LEU D 7 1.59 40.79 -15.32
CA LEU D 7 0.75 39.60 -15.09
C LEU D 7 1.56 38.50 -14.37
N MET D 8 2.85 38.35 -14.69
CA MET D 8 3.68 37.36 -13.99
C MET D 8 3.79 37.73 -12.51
N GLN D 9 3.86 39.03 -12.18
CA GLN D 9 3.95 39.42 -10.77
C GLN D 9 2.65 39.10 -10.03
N ARG D 10 1.51 39.37 -10.67
CA ARG D 10 0.23 39.07 -10.05
C ARG D 10 0.17 37.53 -9.87
N ARG D 11 0.69 36.83 -10.84
CA ARG D 11 0.68 35.35 -10.78
C ARG D 11 1.45 34.88 -9.53
N SER D 12 2.63 35.45 -9.29
CA SER D 12 3.44 35.02 -8.14
C SER D 12 2.72 35.24 -6.82
N GLN D 13 1.84 36.22 -6.76
CA GLN D 13 1.13 36.51 -5.52
C GLN D 13 -0.19 35.74 -5.34
N ALA D 14 -0.78 35.24 -6.43
CA ALA D 14 -2.09 34.60 -6.32
C ALA D 14 -2.11 33.09 -6.58
N ILE D 15 -1.07 32.60 -7.22
CA ILE D 15 -0.97 31.20 -7.64
C ILE D 15 0.31 30.52 -7.09
N PRO D 16 0.18 29.26 -6.60
CA PRO D 16 1.33 28.53 -6.06
C PRO D 16 2.47 28.33 -7.05
N ARG D 17 3.70 28.42 -6.57
CA ARG D 17 4.86 28.23 -7.42
C ARG D 17 4.91 26.80 -7.98
N GLY D 18 4.14 25.88 -7.41
CA GLY D 18 4.15 24.51 -7.89
C GLY D 18 3.67 24.42 -9.34
N VAL D 19 2.89 25.40 -9.76
CA VAL D 19 2.47 25.42 -11.17
C VAL D 19 3.59 26.14 -11.94
N GLY D 20 4.40 25.40 -12.68
CA GLY D 20 5.51 26.02 -13.40
C GLY D 20 4.97 26.88 -14.55
N GLN D 21 5.84 27.68 -15.16
CA GLN D 21 5.44 28.56 -16.26
C GLN D 21 6.60 28.40 -17.23
N ILE D 22 6.38 27.65 -18.30
CA ILE D 22 7.45 27.46 -19.27
C ILE D 22 7.78 28.78 -19.95
N HIS D 23 6.74 29.48 -20.40
CA HIS D 23 6.91 30.76 -21.09
C HIS D 23 6.21 31.81 -20.26
N PRO D 24 6.98 32.81 -19.84
CA PRO D 24 6.40 33.87 -19.00
C PRO D 24 5.60 34.87 -19.82
N ILE D 25 4.65 34.33 -20.61
CA ILE D 25 3.88 35.11 -21.57
C ILE D 25 2.39 34.86 -21.36
N PHE D 26 1.58 35.91 -21.41
CA PHE D 26 0.15 35.76 -21.22
C PHE D 26 -0.51 35.92 -22.58
N ALA D 27 -1.16 34.86 -23.04
CA ALA D 27 -1.86 34.86 -24.32
C ALA D 27 -3.16 35.64 -24.24
N ASP D 28 -3.48 36.37 -25.30
CA ASP D 28 -4.73 37.11 -25.37
C ASP D 28 -5.66 36.46 -26.44
N ARG D 29 -5.13 36.23 -27.66
CA ARG D 29 -5.94 35.61 -28.74
C ARG D 29 -5.08 34.63 -29.51
N ALA D 30 -5.70 33.76 -30.32
CA ALA D 30 -4.96 32.79 -31.06
C ALA D 30 -5.83 32.30 -32.21
N GLU D 31 -5.20 31.85 -33.28
CA GLU D 31 -5.91 31.36 -34.43
C GLU D 31 -5.00 30.45 -35.24
N ASN D 32 -5.45 29.22 -35.43
CA ASN D 32 -4.66 28.24 -36.16
C ASN D 32 -3.26 28.04 -35.51
N CYS D 33 -2.15 28.47 -36.14
CA CYS D 33 -0.83 28.29 -35.52
C CYS D 33 -0.27 29.58 -34.90
N ARG D 34 -1.07 30.63 -34.85
CA ARG D 34 -0.57 31.90 -34.29
C ARG D 34 -1.20 32.23 -32.96
N VAL D 35 -0.41 32.86 -32.08
CA VAL D 35 -0.87 33.29 -30.79
C VAL D 35 -0.40 34.76 -30.58
N TRP D 36 -1.25 35.62 -30.00
CA TRP D 36 -0.83 37.00 -29.74
C TRP D 36 -0.89 37.21 -28.24
N ASP D 37 0.17 37.78 -27.64
CA ASP D 37 0.13 37.98 -26.19
C ASP D 37 -0.55 39.27 -25.82
N VAL D 38 -0.64 39.55 -24.52
CA VAL D 38 -1.33 40.77 -24.14
C VAL D 38 -0.62 42.06 -24.60
N GLU D 39 0.63 41.95 -25.04
CA GLU D 39 1.40 43.14 -25.52
C GLU D 39 1.26 43.25 -27.03
N GLY D 40 0.47 42.34 -27.62
CA GLY D 40 0.23 42.39 -29.05
C GLY D 40 1.29 41.71 -29.88
N ARG D 41 2.24 41.04 -29.24
CA ARG D 41 3.28 40.41 -29.99
C ARG D 41 2.78 39.07 -30.57
N GLU D 42 3.18 38.78 -31.80
CA GLU D 42 2.75 37.57 -32.47
C GLU D 42 3.74 36.42 -32.38
N TYR D 43 3.22 35.22 -32.09
CA TYR D 43 4.07 34.01 -32.01
C TYR D 43 3.55 32.89 -32.92
N LEU D 44 4.47 32.03 -33.33
CA LEU D 44 4.16 30.82 -34.11
C LEU D 44 4.17 29.75 -32.99
N ASP D 45 3.06 29.03 -32.85
CA ASP D 45 2.93 28.05 -31.79
C ASP D 45 3.35 26.63 -32.18
N PHE D 46 4.57 26.23 -31.80
CA PHE D 46 5.04 24.86 -32.09
C PHE D 46 4.85 23.92 -30.88
N ALA D 47 4.05 24.36 -29.92
CA ALA D 47 3.77 23.54 -28.75
C ALA D 47 2.33 23.00 -28.79
N GLY D 48 1.42 23.72 -29.44
CA GLY D 48 0.02 23.25 -29.54
C GLY D 48 -0.69 23.00 -28.22
N GLY D 49 -0.34 23.76 -27.17
CA GLY D 49 -0.98 23.61 -25.87
C GLY D 49 -0.70 22.21 -25.31
N ILE D 50 0.47 21.68 -25.67
CA ILE D 50 0.97 20.33 -25.37
C ILE D 50 0.13 19.27 -26.14
N ALA D 51 0.19 19.38 -27.46
CA ALA D 51 -0.45 18.39 -28.37
C ALA D 51 -1.96 18.31 -28.35
N VAL D 52 -2.59 19.42 -27.97
CA VAL D 52 -4.04 19.54 -27.84
C VAL D 52 -4.65 20.18 -29.07
N LEU D 53 -3.81 20.79 -29.90
CA LEU D 53 -4.31 21.56 -31.05
C LEU D 53 -3.92 21.05 -32.42
N ASN D 54 -4.11 19.75 -32.66
CA ASN D 54 -3.74 19.21 -33.96
C ASN D 54 -4.53 19.88 -35.08
N THR D 55 -5.74 20.35 -34.76
CA THR D 55 -6.58 21.04 -35.76
C THR D 55 -6.39 22.58 -35.65
N GLY D 56 -5.41 23.00 -34.85
CA GLY D 56 -5.08 24.41 -34.66
C GLY D 56 -5.97 25.14 -33.67
N HIS D 57 -5.55 26.34 -33.28
CA HIS D 57 -6.38 27.09 -32.37
C HIS D 57 -7.67 27.49 -33.08
N LEU D 58 -8.77 27.26 -32.40
CA LEU D 58 -10.10 27.64 -32.86
C LEU D 58 -10.41 27.34 -34.33
N HIS D 59 -10.27 26.09 -34.72
CA HIS D 59 -10.59 25.73 -36.09
C HIS D 59 -12.03 26.21 -36.30
N PRO D 60 -12.27 26.95 -37.41
CA PRO D 60 -13.63 27.46 -37.64
C PRO D 60 -14.77 26.44 -37.66
N LYS D 61 -14.55 25.24 -38.17
CA LYS D 61 -15.63 24.26 -38.17
C LYS D 61 -15.91 23.82 -36.73
N VAL D 62 -14.84 23.66 -35.95
CA VAL D 62 -14.98 23.24 -34.57
C VAL D 62 -15.74 24.32 -33.79
N VAL D 63 -15.35 25.57 -34.00
CA VAL D 63 -16.00 26.68 -33.31
C VAL D 63 -17.49 26.78 -33.68
N ALA D 64 -17.79 26.62 -34.96
CA ALA D 64 -19.20 26.67 -35.38
C ALA D 64 -20.01 25.57 -34.68
N ALA D 65 -19.45 24.37 -34.54
CA ALA D 65 -20.18 23.27 -33.87
C ALA D 65 -20.42 23.65 -32.41
N VAL D 66 -19.38 24.18 -31.78
CA VAL D 66 -19.47 24.60 -30.40
C VAL D 66 -20.52 25.66 -30.25
N GLU D 67 -20.54 26.64 -31.15
CA GLU D 67 -21.54 27.71 -31.03
C GLU D 67 -22.97 27.16 -31.14
N ALA D 68 -23.17 26.20 -32.01
CA ALA D 68 -24.50 25.61 -32.18
C ALA D 68 -24.92 24.89 -30.91
N GLN D 69 -23.99 24.16 -30.27
CA GLN D 69 -24.32 23.43 -29.05
C GLN D 69 -24.56 24.37 -27.89
N LEU D 70 -23.84 25.47 -27.91
CA LEU D 70 -23.96 26.46 -26.83
C LEU D 70 -25.38 27.07 -26.76
N LYS D 71 -26.11 27.04 -27.88
CA LYS D 71 -27.49 27.52 -27.93
C LYS D 71 -28.46 26.51 -27.32
N LYS D 72 -28.02 25.25 -27.19
CA LYS D 72 -28.85 24.14 -26.67
C LYS D 72 -28.69 23.85 -25.17
N LEU D 73 -27.50 23.40 -24.78
CA LEU D 73 -27.20 23.16 -23.37
C LEU D 73 -25.70 22.91 -23.22
N SER D 74 -25.16 23.16 -22.03
CA SER D 74 -23.73 22.94 -21.82
C SER D 74 -23.45 21.83 -20.83
N HIS D 75 -24.43 21.50 -19.99
CA HIS D 75 -24.23 20.43 -18.99
C HIS D 75 -25.52 19.82 -18.39
N THR D 76 -25.59 18.49 -18.31
CA THR D 76 -26.71 17.84 -17.61
C THR D 76 -26.15 16.78 -16.68
N CYS D 77 -24.89 16.38 -16.92
CA CYS D 77 -24.25 15.24 -16.25
C CYS D 77 -24.94 14.06 -16.98
N PHE D 78 -24.22 13.47 -17.93
CA PHE D 78 -24.74 12.39 -18.77
C PHE D 78 -25.43 11.27 -17.99
N GLN D 79 -24.79 10.80 -16.90
CA GLN D 79 -25.36 9.72 -16.08
C GLN D 79 -26.69 10.08 -15.41
N VAL D 80 -27.08 11.35 -15.45
CA VAL D 80 -28.37 11.79 -14.90
C VAL D 80 -29.35 11.88 -16.08
N LEU D 81 -29.03 12.77 -17.02
CA LEU D 81 -29.81 12.95 -18.25
C LEU D 81 -28.81 12.80 -19.40
N ALA D 82 -29.03 11.84 -20.28
CA ALA D 82 -28.11 11.64 -21.40
C ALA D 82 -28.26 12.73 -22.47
N TYR D 83 -27.41 12.68 -23.51
CA TYR D 83 -27.49 13.61 -24.65
C TYR D 83 -26.77 12.98 -25.79
N GLU D 84 -27.23 13.28 -27.01
CA GLU D 84 -26.69 12.64 -28.20
C GLU D 84 -25.21 12.76 -28.58
N PRO D 85 -24.61 13.97 -28.38
CA PRO D 85 -23.20 14.12 -28.74
C PRO D 85 -22.29 13.11 -28.05
N TYR D 86 -22.56 12.82 -26.79
CA TYR D 86 -21.75 11.86 -26.02
C TYR D 86 -21.93 10.47 -26.71
N LEU D 87 -23.18 10.08 -26.94
CA LEU D 87 -23.44 8.77 -27.58
C LEU D 87 -22.80 8.67 -28.95
N GLU D 88 -23.00 9.71 -29.76
CA GLU D 88 -22.47 9.68 -31.10
C GLU D 88 -20.94 9.60 -31.12
N LEU D 89 -20.28 10.31 -30.22
CA LEU D 89 -18.82 10.25 -30.18
C LEU D 89 -18.36 8.82 -29.78
N CYS D 90 -19.01 8.24 -28.78
CA CYS D 90 -18.64 6.88 -28.36
C CYS D 90 -18.76 5.86 -29.50
N GLU D 91 -19.86 5.94 -30.24
CA GLU D 91 -20.06 5.06 -31.38
C GLU D 91 -18.91 5.21 -32.37
N ILE D 92 -18.54 6.45 -32.68
CA ILE D 92 -17.44 6.67 -33.62
C ILE D 92 -16.09 6.18 -33.09
N MET D 93 -15.81 6.42 -31.81
CA MET D 93 -14.53 5.97 -31.25
C MET D 93 -14.47 4.45 -31.26
N ASN D 94 -15.59 3.80 -30.99
CA ASN D 94 -15.60 2.33 -31.03
C ASN D 94 -15.19 1.81 -32.38
N GLN D 95 -15.58 2.51 -33.43
CA GLN D 95 -15.19 2.00 -34.71
C GLN D 95 -13.80 2.42 -35.18
N LYS D 96 -13.32 3.57 -34.71
CA LYS D 96 -12.03 4.06 -35.17
C LYS D 96 -10.82 3.64 -34.37
N VAL D 97 -11.00 3.37 -33.09
CA VAL D 97 -9.85 2.91 -32.28
C VAL D 97 -9.53 1.51 -32.82
N PRO D 98 -8.24 1.18 -33.04
CA PRO D 98 -7.91 -0.16 -33.57
C PRO D 98 -8.35 -1.32 -32.70
N GLY D 99 -8.83 -2.39 -33.34
CA GLY D 99 -9.27 -3.56 -32.60
C GLY D 99 -10.41 -4.19 -33.42
N ASP D 100 -10.15 -5.35 -33.99
CA ASP D 100 -11.17 -6.00 -34.80
C ASP D 100 -12.07 -6.86 -33.90
N PHE D 101 -12.84 -6.17 -33.06
CA PHE D 101 -13.78 -6.76 -32.11
C PHE D 101 -14.67 -5.61 -31.60
N ALA D 102 -15.77 -5.94 -30.94
CA ALA D 102 -16.67 -4.94 -30.40
C ALA D 102 -15.99 -4.15 -29.25
N LYS D 103 -16.16 -2.84 -29.26
CA LYS D 103 -15.61 -1.99 -28.21
C LYS D 103 -16.71 -1.12 -27.61
N LYS D 104 -16.49 -0.61 -26.38
CA LYS D 104 -17.39 0.38 -25.81
C LYS D 104 -16.46 1.55 -25.38
N THR D 105 -17.04 2.73 -25.25
CA THR D 105 -16.25 3.91 -24.90
C THR D 105 -16.91 4.63 -23.74
N LEU D 106 -16.07 5.05 -22.79
CA LEU D 106 -16.46 5.81 -21.62
C LEU D 106 -15.86 7.21 -21.89
N LEU D 107 -16.63 8.27 -21.68
CA LEU D 107 -16.02 9.59 -21.80
C LEU D 107 -15.86 10.17 -20.39
N VAL D 108 -14.71 10.82 -20.13
CA VAL D 108 -14.49 11.52 -18.87
C VAL D 108 -14.03 12.95 -19.28
N THR D 109 -13.11 13.56 -18.54
CA THR D 109 -12.71 14.93 -18.89
C THR D 109 -11.22 15.13 -19.08
N THR D 110 -10.38 14.54 -18.21
CA THR D 110 -8.95 14.74 -18.39
C THR D 110 -8.20 13.47 -18.73
N GLY D 111 -7.02 13.61 -19.31
CA GLY D 111 -6.22 12.43 -19.64
C GLY D 111 -5.88 11.59 -18.40
N SER D 112 -5.60 12.23 -17.27
N SER D 112 -5.63 12.24 -17.26
CA SER D 112 -5.28 11.45 -16.07
CA SER D 112 -5.31 11.54 -16.03
C SER D 112 -6.53 10.64 -15.67
C SER D 112 -6.51 10.67 -15.65
N GLU D 113 -7.71 11.23 -15.79
CA GLU D 113 -8.95 10.49 -15.48
C GLU D 113 -9.11 9.32 -16.48
N ALA D 114 -8.72 9.51 -17.74
CA ALA D 114 -8.85 8.42 -18.70
C ALA D 114 -7.95 7.25 -18.25
N VAL D 115 -6.69 7.54 -17.91
CA VAL D 115 -5.81 6.45 -17.48
C VAL D 115 -6.34 5.83 -16.17
N GLU D 116 -6.82 6.65 -15.24
CA GLU D 116 -7.37 6.12 -13.99
C GLU D 116 -8.49 5.10 -14.28
N ASN D 117 -9.40 5.48 -15.16
CA ASN D 117 -10.51 4.58 -15.47
C ASN D 117 -10.10 3.36 -16.26
N ALA D 118 -9.14 3.49 -17.15
CA ALA D 118 -8.69 2.31 -17.91
C ALA D 118 -8.13 1.28 -16.93
N VAL D 119 -7.36 1.72 -15.93
CA VAL D 119 -6.84 0.77 -14.95
C VAL D 119 -7.97 0.17 -14.08
N LYS D 120 -8.90 1.00 -13.63
CA LYS D 120 -10.01 0.53 -12.78
C LYS D 120 -10.80 -0.55 -13.58
N ILE D 121 -11.06 -0.24 -14.84
CA ILE D 121 -11.79 -1.17 -15.71
C ILE D 121 -10.96 -2.49 -15.87
N ALA D 122 -9.64 -2.38 -16.11
CA ALA D 122 -8.83 -3.59 -16.26
C ALA D 122 -8.85 -4.42 -14.98
N ARG D 123 -8.82 -3.73 -13.84
CA ARG D 123 -8.82 -4.41 -12.56
C ARG D 123 -10.13 -5.18 -12.37
N ALA D 124 -11.24 -4.54 -12.70
CA ALA D 124 -12.52 -5.21 -12.52
C ALA D 124 -12.69 -6.37 -13.50
N ALA D 125 -12.14 -6.22 -14.71
CA ALA D 125 -12.29 -7.24 -15.73
C ALA D 125 -11.46 -8.48 -15.40
N THR D 126 -10.24 -8.26 -14.90
CA THR D 126 -9.36 -9.38 -14.60
C THR D 126 -9.41 -9.88 -13.17
N LYS D 127 -10.02 -9.08 -12.30
CA LYS D 127 -10.10 -9.34 -10.85
C LYS D 127 -8.68 -9.44 -10.24
N ARG D 128 -7.80 -8.51 -10.67
CA ARG D 128 -6.41 -8.44 -10.21
C ARG D 128 -6.19 -6.96 -9.88
N SER D 129 -5.20 -6.67 -9.04
CA SER D 129 -4.95 -5.29 -8.62
C SER D 129 -3.63 -4.62 -9.05
N GLY D 130 -2.65 -5.38 -9.50
CA GLY D 130 -1.37 -4.77 -9.86
C GLY D 130 -1.30 -4.27 -11.30
N THR D 131 -0.38 -3.33 -11.54
CA THR D 131 -0.17 -2.84 -12.88
C THR D 131 1.31 -2.71 -13.11
N ILE D 132 1.68 -2.67 -14.38
CA ILE D 132 3.07 -2.50 -14.78
C ILE D 132 3.11 -1.25 -15.71
N ALA D 133 4.08 -0.36 -15.50
CA ALA D 133 4.25 0.81 -16.37
C ALA D 133 5.75 0.84 -16.75
N PHE D 134 6.13 1.72 -17.68
CA PHE D 134 7.51 1.71 -18.15
C PHE D 134 8.36 2.89 -17.68
N SER D 135 9.67 2.71 -17.77
CA SER D 135 10.61 3.75 -17.36
C SER D 135 10.39 4.98 -18.24
N GLY D 136 10.41 6.16 -17.61
CA GLY D 136 10.23 7.42 -18.35
C GLY D 136 8.78 7.70 -18.80
N ALA D 137 7.86 6.83 -18.44
CA ALA D 137 6.47 7.03 -18.85
C ALA D 137 5.85 8.26 -18.21
N TYR D 138 4.76 8.77 -18.78
CA TYR D 138 4.07 9.88 -18.16
C TYR D 138 2.56 9.58 -18.33
N HIS D 139 1.82 9.52 -17.22
CA HIS D 139 0.40 9.20 -17.33
C HIS D 139 -0.53 10.14 -16.60
N GLY D 140 -0.01 11.18 -15.97
CA GLY D 140 -0.89 12.07 -15.25
C GLY D 140 -0.44 12.46 -13.86
N ARG D 141 -1.22 13.34 -13.26
CA ARG D 141 -0.92 13.92 -11.95
C ARG D 141 -1.82 13.58 -10.77
N THR D 142 -2.65 12.56 -10.89
CA THR D 142 -3.43 12.13 -9.76
C THR D 142 -2.48 11.19 -9.01
N HIS D 143 -2.79 10.83 -7.75
CA HIS D 143 -1.87 9.94 -7.02
C HIS D 143 -1.52 8.66 -7.81
N TYR D 144 -2.54 7.95 -8.28
CA TYR D 144 -2.24 6.73 -9.00
C TYR D 144 -1.52 6.94 -10.32
N THR D 145 -1.86 7.97 -11.09
CA THR D 145 -1.13 8.16 -12.37
C THR D 145 0.30 8.70 -12.11
N LEU D 146 0.51 9.33 -10.95
CA LEU D 146 1.88 9.76 -10.61
C LEU D 146 2.71 8.49 -10.29
N ALA D 147 2.06 7.46 -9.72
CA ALA D 147 2.77 6.19 -9.46
C ALA D 147 3.12 5.52 -10.82
N LEU D 148 2.17 5.57 -11.76
CA LEU D 148 2.39 5.01 -13.10
C LEU D 148 3.47 5.77 -13.86
N THR D 149 3.49 7.09 -13.64
CA THR D 149 4.45 7.98 -14.30
C THR D 149 5.87 7.59 -13.85
N GLY D 150 6.76 7.39 -14.83
CA GLY D 150 8.11 6.97 -14.54
C GLY D 150 9.06 8.16 -14.36
N LYS D 151 8.72 9.03 -13.43
CA LYS D 151 9.54 10.23 -13.13
C LYS D 151 8.98 10.81 -11.84
N VAL D 152 9.81 10.87 -10.82
CA VAL D 152 9.37 11.35 -9.53
C VAL D 152 9.47 12.87 -9.39
N ASN D 153 10.60 13.41 -9.84
CA ASN D 153 10.85 14.85 -9.80
C ASN D 153 10.59 15.45 -11.17
N PRO D 154 9.77 16.51 -11.22
CA PRO D 154 9.10 17.17 -10.09
C PRO D 154 7.65 16.70 -9.86
N TYR D 155 7.11 15.93 -10.81
CA TYR D 155 5.70 15.48 -10.76
C TYR D 155 5.15 15.05 -9.40
N SER D 156 5.93 14.32 -8.60
CA SER D 156 5.44 13.93 -7.27
C SER D 156 6.47 14.18 -6.17
N ALA D 157 7.39 15.09 -6.45
CA ALA D 157 8.48 15.44 -5.50
C ALA D 157 7.99 16.05 -4.19
N GLY D 158 8.63 15.67 -3.09
CA GLY D 158 8.27 16.20 -1.78
C GLY D 158 6.98 15.66 -1.14
N MET D 159 6.22 14.83 -1.85
CA MET D 159 4.94 14.33 -1.30
C MET D 159 4.99 12.96 -0.56
N GLY D 160 6.16 12.32 -0.52
CA GLY D 160 6.22 11.01 0.11
C GLY D 160 5.90 9.96 -0.98
N LEU D 161 5.80 8.67 -0.63
CA LEU D 161 5.58 7.63 -1.63
C LEU D 161 4.18 7.59 -2.25
N MET D 162 4.13 7.46 -3.58
CA MET D 162 2.85 7.39 -4.29
C MET D 162 2.33 5.93 -4.12
N PRO D 163 1.08 5.66 -4.51
CA PRO D 163 0.50 4.32 -4.37
C PRO D 163 1.41 3.17 -4.78
N GLY D 164 1.35 2.10 -4.00
CA GLY D 164 2.19 0.94 -4.27
C GLY D 164 1.52 -0.02 -5.26
N HIS D 165 2.17 -1.15 -5.52
CA HIS D 165 1.64 -2.15 -6.45
C HIS D 165 1.59 -1.72 -7.92
N VAL D 166 2.53 -0.84 -8.27
CA VAL D 166 2.73 -0.42 -9.65
C VAL D 166 4.19 -0.86 -9.86
N TYR D 167 4.45 -1.73 -10.85
CA TYR D 167 5.82 -2.23 -11.04
C TYR D 167 6.42 -1.64 -12.31
N ARG D 168 7.74 -1.50 -12.30
CA ARG D 168 8.44 -0.79 -13.37
C ARG D 168 9.22 -1.62 -14.38
N ALA D 169 8.83 -1.54 -15.67
CA ALA D 169 9.55 -2.24 -16.73
C ALA D 169 10.38 -1.18 -17.48
N LEU D 170 11.28 -1.64 -18.33
CA LEU D 170 12.12 -0.74 -19.11
C LEU D 170 11.52 -0.48 -20.49
N TYR D 171 11.41 0.78 -20.89
CA TYR D 171 10.91 1.10 -22.22
C TYR D 171 12.07 0.89 -23.19
N PRO D 172 11.82 0.19 -24.32
CA PRO D 172 12.88 -0.07 -25.30
C PRO D 172 13.38 1.24 -25.90
N CYS D 173 14.70 1.39 -25.98
CA CYS D 173 15.29 2.62 -26.50
C CYS D 173 16.75 2.35 -26.89
N PRO D 174 16.98 1.78 -28.09
CA PRO D 174 18.35 1.48 -28.52
C PRO D 174 19.31 2.66 -28.41
N LEU D 175 18.83 3.85 -28.76
CA LEU D 175 19.64 5.05 -28.66
C LEU D 175 20.33 5.11 -27.29
N HIS D 176 19.64 4.67 -26.24
CA HIS D 176 20.24 4.71 -24.91
C HIS D 176 20.56 3.36 -24.27
N GLY D 177 20.85 2.37 -25.11
CA GLY D 177 21.26 1.07 -24.64
C GLY D 177 20.23 0.09 -24.10
N ILE D 178 18.95 0.36 -24.29
CA ILE D 178 17.93 -0.59 -23.80
C ILE D 178 17.32 -1.27 -24.99
N SER D 179 17.64 -2.55 -25.20
CA SER D 179 17.10 -3.25 -26.36
C SER D 179 15.68 -3.76 -26.10
N GLU D 180 15.04 -4.25 -27.15
CA GLU D 180 13.71 -4.82 -27.03
C GLU D 180 13.78 -6.06 -26.14
N ASP D 181 14.87 -6.82 -26.26
CA ASP D 181 15.04 -8.00 -25.42
C ASP D 181 15.16 -7.57 -23.96
N ASP D 182 15.93 -6.51 -23.69
CA ASP D 182 16.05 -6.01 -22.31
C ASP D 182 14.68 -5.61 -21.78
N ALA D 183 13.89 -4.97 -22.63
CA ALA D 183 12.57 -4.50 -22.20
C ALA D 183 11.64 -5.65 -21.87
N ILE D 184 11.54 -6.64 -22.75
CA ILE D 184 10.66 -7.77 -22.46
C ILE D 184 11.18 -8.54 -21.23
N ALA D 185 12.49 -8.70 -21.14
CA ALA D 185 13.10 -9.43 -20.01
C ALA D 185 12.76 -8.71 -18.72
N SER D 186 12.60 -7.39 -18.78
CA SER D 186 12.28 -6.66 -17.55
C SER D 186 10.86 -6.93 -17.09
N ILE D 187 9.98 -7.32 -18.03
CA ILE D 187 8.61 -7.64 -17.63
C ILE D 187 8.63 -9.04 -16.96
N HIS D 188 9.34 -9.98 -17.57
CA HIS D 188 9.46 -11.31 -16.97
C HIS D 188 10.10 -11.19 -15.59
N ARG D 189 11.02 -10.24 -15.44
CA ARG D 189 11.66 -10.06 -14.13
C ARG D 189 10.63 -9.68 -13.06
N ILE D 190 9.68 -8.80 -13.41
CA ILE D 190 8.64 -8.40 -12.42
C ILE D 190 7.82 -9.64 -12.05
N PHE D 191 7.44 -10.42 -13.08
CA PHE D 191 6.65 -11.65 -12.85
C PHE D 191 7.36 -12.62 -11.88
N LYS D 192 8.67 -12.76 -12.03
CA LYS D 192 9.43 -13.67 -11.18
C LYS D 192 9.82 -13.15 -9.81
N ASN D 193 10.09 -11.84 -9.75
CA ASN D 193 10.53 -11.20 -8.51
C ASN D 193 9.53 -10.49 -7.63
N ASP D 194 8.56 -9.81 -8.24
CA ASP D 194 7.64 -9.02 -7.45
C ASP D 194 6.15 -9.21 -7.53
N ALA D 195 5.65 -9.57 -8.70
CA ALA D 195 4.21 -9.73 -8.84
C ALA D 195 3.95 -10.78 -9.91
N ALA D 196 3.36 -11.90 -9.53
CA ALA D 196 3.08 -12.93 -10.54
C ALA D 196 2.07 -12.40 -11.58
N PRO D 197 2.09 -12.99 -12.78
CA PRO D 197 1.17 -12.56 -13.85
C PRO D 197 -0.27 -12.58 -13.37
N GLU D 198 -0.62 -13.58 -12.54
CA GLU D 198 -2.01 -13.66 -12.07
C GLU D 198 -2.41 -12.52 -11.14
N ASP D 199 -1.45 -11.65 -10.78
CA ASP D 199 -1.80 -10.48 -9.95
C ASP D 199 -1.66 -9.15 -10.72
N ILE D 200 -1.33 -9.24 -12.00
CA ILE D 200 -1.20 -8.06 -12.84
C ILE D 200 -2.47 -7.85 -13.73
N ALA D 201 -3.23 -6.79 -13.44
CA ALA D 201 -4.43 -6.49 -14.24
C ALA D 201 -4.07 -5.91 -15.60
N ALA D 202 -2.97 -5.14 -15.68
CA ALA D 202 -2.68 -4.48 -16.93
C ALA D 202 -1.23 -4.01 -17.05
N ILE D 203 -0.80 -3.88 -18.30
CA ILE D 203 0.51 -3.31 -18.62
C ILE D 203 0.11 -2.02 -19.36
N VAL D 204 0.58 -0.85 -18.90
CA VAL D 204 0.20 0.44 -19.49
C VAL D 204 1.38 0.96 -20.26
N ILE D 205 1.17 1.35 -21.52
CA ILE D 205 2.30 1.84 -22.30
C ILE D 205 1.88 2.92 -23.28
N GLU D 206 2.75 3.90 -23.48
CA GLU D 206 2.53 4.93 -24.48
C GLU D 206 3.18 4.37 -25.77
N PRO D 207 2.41 4.19 -26.87
CA PRO D 207 3.02 3.65 -28.11
C PRO D 207 4.23 4.52 -28.53
N VAL D 208 4.11 5.82 -28.24
CA VAL D 208 5.22 6.79 -28.41
C VAL D 208 5.21 7.61 -27.11
N GLN D 209 6.29 7.53 -26.34
CA GLN D 209 6.37 8.28 -25.08
C GLN D 209 6.40 9.76 -25.39
N GLY D 210 5.63 10.53 -24.63
CA GLY D 210 5.52 11.97 -24.90
C GLY D 210 6.48 12.73 -24.00
N GLU D 211 6.09 12.95 -22.73
CA GLU D 211 6.97 13.68 -21.80
C GLU D 211 8.29 12.94 -21.62
N GLY D 212 8.27 11.62 -21.85
CA GLY D 212 9.47 10.80 -21.74
C GLY D 212 10.49 10.96 -22.88
N GLY D 213 10.19 11.78 -23.89
CA GLY D 213 11.19 12.02 -24.94
C GLY D 213 10.87 11.66 -26.38
N PHE D 214 9.59 11.46 -26.69
CA PHE D 214 9.25 11.10 -28.08
C PHE D 214 10.04 9.89 -28.58
N TYR D 215 10.02 8.85 -27.76
CA TYR D 215 10.63 7.56 -28.10
C TYR D 215 9.46 6.62 -28.48
N ALA D 216 9.57 5.98 -29.66
CA ALA D 216 8.50 5.11 -30.15
C ALA D 216 8.81 3.64 -30.05
N SER D 217 7.78 2.84 -29.82
N SER D 217 7.78 2.85 -29.83
CA SER D 217 7.93 1.41 -29.78
CA SER D 217 7.91 1.41 -29.77
C SER D 217 7.91 0.95 -31.22
C SER D 217 7.88 0.93 -31.21
N SER D 218 8.60 -0.15 -31.50
CA SER D 218 8.61 -0.68 -32.85
C SER D 218 7.44 -1.67 -32.91
N PRO D 219 6.95 -1.97 -34.13
CA PRO D 219 5.85 -2.93 -34.22
C PRO D 219 6.27 -4.28 -33.62
N ALA D 220 7.52 -4.70 -33.84
CA ALA D 220 8.01 -5.98 -33.32
C ALA D 220 7.92 -6.07 -31.82
N PHE D 221 8.29 -4.99 -31.15
CA PHE D 221 8.21 -4.97 -29.71
C PHE D 221 6.76 -5.04 -29.24
N MET D 222 5.93 -4.20 -29.83
CA MET D 222 4.51 -4.17 -29.44
C MET D 222 3.86 -5.53 -29.68
N GLN D 223 4.27 -6.22 -30.76
CA GLN D 223 3.73 -7.55 -31.04
C GLN D 223 4.15 -8.55 -29.95
N ARG D 224 5.40 -8.44 -29.46
CA ARG D 224 5.85 -9.33 -28.39
C ARG D 224 5.09 -9.00 -27.12
N LEU D 225 4.85 -7.71 -26.91
CA LEU D 225 4.15 -7.31 -25.69
C LEU D 225 2.72 -7.83 -25.75
N ARG D 226 2.11 -7.72 -26.92
CA ARG D 226 0.73 -8.21 -27.11
C ARG D 226 0.67 -9.72 -26.84
N ALA D 227 1.66 -10.46 -27.32
CA ALA D 227 1.69 -11.93 -27.11
C ALA D 227 1.87 -12.29 -25.63
N LEU D 228 2.70 -11.52 -24.94
CA LEU D 228 2.94 -11.76 -23.51
C LEU D 228 1.64 -11.46 -22.73
N CYS D 229 0.96 -10.36 -23.06
CA CYS D 229 -0.32 -10.05 -22.37
C CYS D 229 -1.36 -11.18 -22.64
N ASP D 230 -1.44 -11.60 -23.91
CA ASP D 230 -2.38 -12.65 -24.29
C ASP D 230 -2.15 -13.93 -23.49
N GLU D 231 -0.89 -14.31 -23.38
CA GLU D 231 -0.55 -15.53 -22.65
C GLU D 231 -1.00 -15.51 -21.18
N HIS D 232 -0.99 -14.33 -20.56
CA HIS D 232 -1.30 -14.21 -19.13
C HIS D 232 -2.61 -13.59 -18.74
N GLY D 233 -3.45 -13.30 -19.73
CA GLY D 233 -4.75 -12.69 -19.44
C GLY D 233 -4.60 -11.23 -18.98
N ILE D 234 -3.46 -10.60 -19.27
CA ILE D 234 -3.24 -9.19 -18.84
C ILE D 234 -3.80 -8.23 -19.89
N MET D 235 -4.45 -7.15 -19.44
CA MET D 235 -4.98 -6.16 -20.37
C MET D 235 -3.85 -5.23 -20.82
N LEU D 236 -3.72 -5.02 -22.13
CA LEU D 236 -2.71 -4.10 -22.65
C LEU D 236 -3.44 -2.72 -22.78
N ILE D 237 -2.94 -1.72 -22.08
CA ILE D 237 -3.56 -0.39 -22.14
C ILE D 237 -2.59 0.53 -22.87
N ALA D 238 -3.04 1.05 -24.00
CA ALA D 238 -2.26 1.98 -24.82
C ALA D 238 -2.69 3.38 -24.40
N ASP D 239 -1.79 4.12 -23.76
CA ASP D 239 -2.15 5.48 -23.37
C ASP D 239 -1.83 6.35 -24.58
N GLU D 240 -2.86 6.72 -25.33
CA GLU D 240 -2.69 7.56 -26.52
C GLU D 240 -3.17 8.97 -26.32
N VAL D 241 -3.22 9.38 -25.05
CA VAL D 241 -3.58 10.76 -24.73
C VAL D 241 -2.78 11.77 -25.56
N GLN D 242 -1.48 11.52 -25.74
CA GLN D 242 -0.65 12.47 -26.48
C GLN D 242 -0.34 11.99 -27.92
N SER D 243 -0.13 10.69 -28.08
CA SER D 243 0.20 10.13 -29.40
C SER D 243 -1.05 10.01 -30.28
N GLY D 244 -2.23 10.01 -29.64
CA GLY D 244 -3.48 9.85 -30.38
C GLY D 244 -4.00 11.08 -31.12
N ALA D 245 -5.23 10.95 -31.61
CA ALA D 245 -5.87 11.98 -32.40
C ALA D 245 -4.99 12.52 -33.53
N GLY D 246 -4.36 11.58 -34.24
CA GLY D 246 -3.60 11.91 -35.44
C GLY D 246 -2.16 12.32 -35.42
N ARG D 247 -1.59 12.57 -34.24
CA ARG D 247 -0.22 13.05 -34.20
C ARG D 247 0.78 12.20 -34.97
N THR D 248 0.61 10.88 -34.97
CA THR D 248 1.58 10.05 -35.67
C THR D 248 1.31 9.71 -37.14
N GLY D 249 0.30 10.28 -37.76
CA GLY D 249 0.09 9.92 -39.15
C GLY D 249 -1.06 8.93 -39.32
N THR D 250 -1.46 8.27 -38.23
CA THR D 250 -2.66 7.42 -38.23
C THR D 250 -3.48 7.98 -37.10
N LEU D 251 -4.78 7.76 -37.06
CA LEU D 251 -5.55 8.37 -35.97
C LEU D 251 -4.97 7.96 -34.62
N PHE D 252 -4.64 6.67 -34.47
CA PHE D 252 -3.99 6.18 -33.24
C PHE D 252 -2.72 5.46 -33.63
N ALA D 253 -1.67 5.67 -32.84
CA ALA D 253 -0.39 5.09 -33.14
C ALA D 253 -0.40 3.56 -33.16
N MET D 254 -1.25 2.93 -32.37
CA MET D 254 -1.28 1.45 -32.34
C MET D 254 -1.64 0.88 -33.70
N GLU D 255 -2.33 1.67 -34.51
CA GLU D 255 -2.67 1.21 -35.83
C GLU D 255 -1.38 0.90 -36.61
N GLN D 256 -0.27 1.57 -36.28
CA GLN D 256 0.97 1.31 -37.00
C GLN D 256 1.78 0.16 -36.38
N MET D 257 1.32 -0.32 -35.23
CA MET D 257 2.03 -1.40 -34.52
C MET D 257 1.68 -2.82 -34.98
N GLY D 258 0.60 -2.99 -35.74
CA GLY D 258 0.26 -4.33 -36.16
C GLY D 258 -0.54 -5.13 -35.13
N VAL D 259 -0.87 -4.52 -34.00
CA VAL D 259 -1.66 -5.19 -32.99
C VAL D 259 -2.58 -4.21 -32.26
N ALA D 260 -3.61 -4.75 -31.63
CA ALA D 260 -4.58 -3.93 -30.94
C ALA D 260 -4.46 -4.08 -29.44
N PRO D 261 -4.65 -2.97 -28.72
CA PRO D 261 -4.58 -3.00 -27.26
C PRO D 261 -5.97 -3.43 -26.80
N ASP D 262 -6.10 -3.76 -25.52
CA ASP D 262 -7.40 -4.06 -24.95
C ASP D 262 -8.13 -2.77 -24.60
N LEU D 263 -7.38 -1.75 -24.18
CA LEU D 263 -7.96 -0.46 -23.78
C LEU D 263 -7.08 0.67 -24.32
N THR D 264 -7.70 1.79 -24.71
CA THR D 264 -6.96 2.95 -25.24
C THR D 264 -7.47 4.21 -24.55
N THR D 265 -6.56 5.05 -24.03
CA THR D 265 -7.01 6.29 -23.42
C THR D 265 -6.74 7.38 -24.48
N PHE D 266 -7.59 8.39 -24.52
CA PHE D 266 -7.40 9.49 -25.48
C PHE D 266 -7.86 10.78 -24.80
N ALA D 267 -7.38 11.91 -25.31
CA ALA D 267 -7.71 13.19 -24.75
C ALA D 267 -7.03 14.21 -25.67
N LYS D 268 -6.48 15.26 -25.06
CA LYS D 268 -5.81 16.32 -25.79
C LYS D 268 -6.39 16.68 -27.16
N SER D 269 -5.72 16.32 -28.26
CA SER D 269 -6.23 16.76 -29.56
C SER D 269 -7.58 16.16 -29.97
N ILE D 270 -8.14 15.26 -29.17
CA ILE D 270 -9.42 14.67 -29.61
C ILE D 270 -10.51 15.74 -29.76
N ALA D 271 -10.46 16.80 -28.94
CA ALA D 271 -11.46 17.83 -29.00
C ALA D 271 -10.97 19.20 -29.44
N GLY D 272 -9.77 19.27 -30.04
CA GLY D 272 -9.23 20.53 -30.55
C GLY D 272 -9.21 21.77 -29.63
N GLY D 273 -9.02 21.57 -28.32
CA GLY D 273 -8.93 22.70 -27.43
C GLY D 273 -10.09 22.82 -26.47
N PHE D 274 -10.86 21.74 -26.28
CA PHE D 274 -11.98 21.77 -25.33
C PHE D 274 -11.75 20.57 -24.38
N PRO D 275 -12.11 20.69 -23.11
CA PRO D 275 -11.87 19.60 -22.16
C PRO D 275 -12.66 18.30 -22.32
N LEU D 276 -11.99 17.27 -22.81
CA LEU D 276 -12.59 15.95 -23.02
C LEU D 276 -11.51 14.89 -23.04
N ALA D 277 -11.84 13.71 -22.51
CA ALA D 277 -10.91 12.58 -22.52
C ALA D 277 -11.79 11.31 -22.56
N GLY D 278 -11.19 10.15 -22.79
CA GLY D 278 -12.03 8.95 -22.78
C GLY D 278 -11.21 7.68 -22.79
N VAL D 279 -11.95 6.56 -22.70
CA VAL D 279 -11.32 5.25 -22.74
C VAL D 279 -12.15 4.40 -23.71
N THR D 280 -11.52 3.80 -24.72
CA THR D 280 -12.27 2.92 -25.63
C THR D 280 -11.61 1.57 -25.50
N GLY D 281 -12.41 0.51 -25.36
CA GLY D 281 -11.77 -0.79 -25.24
C GLY D 281 -12.70 -1.96 -25.50
N ARG D 282 -12.10 -3.13 -25.47
CA ARG D 282 -12.80 -4.40 -25.69
C ARG D 282 -14.09 -4.32 -24.86
N ALA D 283 -15.22 -4.44 -25.55
CA ALA D 283 -16.51 -4.28 -24.88
C ALA D 283 -16.77 -5.00 -23.55
N GLU D 284 -16.51 -6.31 -23.51
CA GLU D 284 -16.77 -7.08 -22.31
C GLU D 284 -15.77 -6.68 -21.18
N VAL D 285 -14.63 -6.10 -21.54
CA VAL D 285 -13.68 -5.62 -20.50
C VAL D 285 -14.35 -4.35 -19.94
N MET D 286 -14.73 -3.41 -20.84
CA MET D 286 -15.41 -2.18 -20.41
C MET D 286 -16.61 -2.49 -19.52
N ASP D 287 -17.40 -3.51 -19.90
CA ASP D 287 -18.61 -3.86 -19.12
C ASP D 287 -18.42 -4.64 -17.84
N ALA D 288 -17.18 -4.87 -17.46
CA ALA D 288 -16.91 -5.64 -16.25
C ALA D 288 -17.25 -4.83 -15.03
N VAL D 289 -17.28 -3.50 -15.17
CA VAL D 289 -17.64 -2.64 -14.04
C VAL D 289 -19.16 -2.54 -13.94
N ALA D 290 -19.71 -2.72 -12.73
CA ALA D 290 -21.15 -2.65 -12.52
C ALA D 290 -21.71 -1.24 -12.56
N PRO D 291 -23.01 -1.09 -12.92
CA PRO D 291 -23.64 0.23 -12.99
C PRO D 291 -23.37 1.05 -11.74
N GLY D 292 -23.01 2.31 -11.95
CA GLY D 292 -22.72 3.21 -10.84
C GLY D 292 -21.22 3.24 -10.61
N GLY D 293 -20.50 2.31 -11.23
CA GLY D 293 -19.07 2.26 -11.03
C GLY D 293 -18.22 3.19 -11.89
N LEU D 294 -18.82 3.85 -12.87
CA LEU D 294 -18.10 4.75 -13.74
C LEU D 294 -18.89 6.04 -13.86
N GLY D 295 -18.21 7.16 -14.06
CA GLY D 295 -18.92 8.42 -14.20
C GLY D 295 -18.03 9.62 -13.96
N GLY D 296 -18.63 10.71 -13.54
CA GLY D 296 -17.88 11.93 -13.29
C GLY D 296 -18.84 13.06 -13.60
N THR D 297 -18.75 14.15 -12.85
CA THR D 297 -19.70 15.23 -13.07
C THR D 297 -19.66 15.82 -14.47
N TYR D 298 -18.50 16.33 -14.88
CA TYR D 298 -18.37 16.98 -16.18
C TYR D 298 -18.18 16.02 -17.36
N ALA D 299 -17.87 14.77 -17.03
CA ALA D 299 -17.55 13.71 -18.04
C ALA D 299 -18.28 13.83 -19.35
N GLY D 300 -17.53 13.81 -20.47
CA GLY D 300 -18.23 13.92 -21.76
C GLY D 300 -19.04 15.20 -21.89
N ASN D 301 -18.43 16.32 -21.53
CA ASN D 301 -19.12 17.63 -21.59
C ASN D 301 -19.69 17.84 -23.01
N PRO D 302 -20.99 18.19 -23.14
CA PRO D 302 -21.68 18.41 -24.42
C PRO D 302 -20.94 19.26 -25.43
N ILE D 303 -20.45 20.41 -24.99
CA ILE D 303 -19.72 21.26 -25.92
C ILE D 303 -18.43 20.59 -26.42
N ALA D 304 -17.68 19.95 -25.53
CA ALA D 304 -16.45 19.30 -25.96
C ALA D 304 -16.77 18.11 -26.85
N CYS D 305 -17.89 17.44 -26.60
CA CYS D 305 -18.26 16.31 -27.49
C CYS D 305 -18.49 16.79 -28.93
N VAL D 306 -19.25 17.88 -29.12
CA VAL D 306 -19.46 18.29 -30.51
C VAL D 306 -18.16 18.79 -31.12
N ALA D 307 -17.29 19.38 -30.28
CA ALA D 307 -16.01 19.82 -30.79
C ALA D 307 -15.27 18.57 -31.33
N ALA D 308 -15.24 17.48 -30.54
CA ALA D 308 -14.54 16.26 -30.97
C ALA D 308 -15.17 15.65 -32.24
N LEU D 309 -16.51 15.61 -32.28
CA LEU D 309 -17.16 15.05 -33.48
C LEU D 309 -16.72 15.89 -34.69
N GLU D 310 -16.57 17.20 -34.49
CA GLU D 310 -16.18 18.08 -35.61
C GLU D 310 -14.69 17.88 -35.92
N VAL D 311 -13.86 17.71 -34.89
CA VAL D 311 -12.43 17.45 -35.13
C VAL D 311 -12.26 16.20 -36.01
N LEU D 312 -13.02 15.13 -35.71
CA LEU D 312 -12.89 13.91 -36.52
C LEU D 312 -13.30 14.14 -37.99
N LYS D 313 -14.32 14.93 -38.20
CA LYS D 313 -14.76 15.26 -39.56
C LYS D 313 -13.70 16.11 -40.29
N VAL D 314 -13.10 17.04 -39.56
CA VAL D 314 -12.07 17.91 -40.14
C VAL D 314 -10.88 17.05 -40.57
N PHE D 315 -10.53 16.05 -39.74
CA PHE D 315 -9.40 15.21 -40.12
C PHE D 315 -9.68 14.57 -41.48
N GLU D 316 -10.92 14.14 -41.66
CA GLU D 316 -11.31 13.51 -42.93
C GLU D 316 -11.36 14.54 -44.08
N GLN D 317 -12.14 15.59 -43.88
CA GLN D 317 -12.32 16.61 -44.90
C GLN D 317 -11.06 17.31 -45.35
N GLU D 318 -10.13 17.53 -44.41
CA GLU D 318 -8.91 18.24 -44.71
C GLU D 318 -7.65 17.39 -44.87
N ASN D 319 -7.82 16.07 -44.93
CA ASN D 319 -6.68 15.17 -45.18
C ASN D 319 -5.55 15.38 -44.15
N LEU D 320 -5.90 15.61 -42.89
CA LEU D 320 -4.90 15.89 -41.87
C LEU D 320 -3.92 14.75 -41.53
N LEU D 321 -4.33 13.49 -41.68
CA LEU D 321 -3.36 12.44 -41.39
C LEU D 321 -2.26 12.44 -42.41
N GLN D 322 -2.61 12.65 -43.67
CA GLN D 322 -1.59 12.69 -44.72
C GLN D 322 -0.71 13.91 -44.48
N LYS D 323 -1.34 15.01 -44.08
CA LYS D 323 -0.59 16.23 -43.83
C LYS D 323 0.39 16.04 -42.65
N ALA D 324 -0.03 15.30 -41.64
CA ALA D 324 0.84 15.05 -40.50
C ALA D 324 2.09 14.32 -40.99
N ASN D 325 1.93 13.36 -41.90
CA ASN D 325 3.11 12.64 -42.42
C ASN D 325 3.99 13.57 -43.27
N ASP D 326 3.36 14.38 -44.11
CA ASP D 326 4.10 15.32 -44.96
C ASP D 326 4.81 16.35 -44.09
N LEU D 327 4.10 16.85 -43.07
CA LEU D 327 4.68 17.83 -42.15
C LEU D 327 5.89 17.23 -41.44
N GLY D 328 5.72 15.99 -40.98
CA GLY D 328 6.79 15.33 -40.26
C GLY D 328 8.05 15.20 -41.10
N GLN D 329 7.86 14.86 -42.37
CA GLN D 329 9.00 14.70 -43.29
C GLN D 329 9.70 16.04 -43.52
N LYS D 330 8.92 17.10 -43.75
CA LYS D 330 9.49 18.43 -43.99
C LYS D 330 10.29 18.85 -42.75
N LEU D 331 9.71 18.64 -41.57
CA LEU D 331 10.41 19.01 -40.34
C LEU D 331 11.69 18.21 -40.17
N LYS D 332 11.63 16.90 -40.34
CA LYS D 332 12.83 16.10 -40.17
C LYS D 332 13.91 16.47 -41.20
N ASP D 333 13.49 16.76 -42.43
CA ASP D 333 14.47 17.13 -43.43
C ASP D 333 15.13 18.45 -43.04
N GLY D 334 14.33 19.38 -42.56
CA GLY D 334 14.86 20.68 -42.16
C GLY D 334 15.76 20.56 -40.93
N LEU D 335 15.37 19.72 -39.97
CA LEU D 335 16.17 19.55 -38.78
C LEU D 335 17.49 18.81 -39.10
N LEU D 336 17.46 17.87 -40.04
CA LEU D 336 18.69 17.15 -40.41
C LEU D 336 19.69 18.13 -41.05
N ALA D 337 19.17 19.10 -41.83
CA ALA D 337 20.04 20.09 -42.46
C ALA D 337 20.69 20.95 -41.38
N ILE D 338 19.95 21.29 -40.32
CA ILE D 338 20.52 22.10 -39.25
C ILE D 338 21.56 21.24 -38.55
N ALA D 339 21.28 19.95 -38.40
CA ALA D 339 22.21 19.03 -37.72
C ALA D 339 23.55 18.86 -38.46
N GLU D 340 23.60 19.18 -39.75
CA GLU D 340 24.87 19.08 -40.47
C GLU D 340 25.85 20.14 -39.97
N LYS D 341 25.34 21.23 -39.42
CA LYS D 341 26.22 22.29 -38.91
C LYS D 341 26.32 22.27 -37.39
N HIS D 342 25.54 21.40 -36.74
CA HIS D 342 25.53 21.36 -35.30
C HIS D 342 25.53 19.95 -34.73
N PRO D 343 26.73 19.43 -34.45
CA PRO D 343 26.98 18.09 -33.90
C PRO D 343 26.17 17.83 -32.64
N GLU D 344 25.82 18.87 -31.89
CA GLU D 344 25.03 18.69 -30.66
C GLU D 344 23.70 17.98 -30.92
N ILE D 345 23.14 18.16 -32.10
CA ILE D 345 21.89 17.47 -32.44
C ILE D 345 22.26 16.03 -32.72
N GLY D 346 22.03 15.15 -31.75
CA GLY D 346 22.43 13.77 -31.92
C GLY D 346 21.40 12.82 -32.48
N ASP D 347 20.17 13.27 -32.60
CA ASP D 347 19.15 12.40 -33.16
C ASP D 347 17.98 13.24 -33.62
N VAL D 348 17.42 12.86 -34.77
CA VAL D 348 16.24 13.54 -35.31
C VAL D 348 15.32 12.36 -35.54
N ARG D 349 14.13 12.40 -34.95
CA ARG D 349 13.24 11.24 -35.07
C ARG D 349 11.76 11.59 -34.96
N GLY D 350 10.93 10.56 -35.22
CA GLY D 350 9.51 10.70 -35.02
C GLY D 350 8.61 10.03 -36.02
N LEU D 351 7.44 9.60 -35.55
CA LEU D 351 6.41 9.04 -36.40
C LEU D 351 5.45 10.16 -36.77
N GLY D 352 5.08 10.27 -38.04
CA GLY D 352 4.13 11.29 -38.48
C GLY D 352 4.62 12.69 -38.12
N ALA D 353 3.83 13.46 -37.39
CA ALA D 353 4.24 14.82 -36.99
C ALA D 353 4.62 14.84 -35.50
N MET D 354 4.93 13.68 -34.92
CA MET D 354 5.34 13.63 -33.52
C MET D 354 6.87 13.65 -33.58
N ILE D 355 7.39 14.83 -33.89
CA ILE D 355 8.81 15.00 -34.17
C ILE D 355 9.67 15.57 -33.05
N ALA D 356 10.90 15.05 -32.91
CA ALA D 356 11.78 15.59 -31.88
C ALA D 356 13.25 15.49 -32.29
N ILE D 357 14.10 16.25 -31.61
CA ILE D 357 15.53 16.12 -31.79
C ILE D 357 16.09 16.05 -30.38
N GLU D 358 17.20 15.36 -30.22
CA GLU D 358 17.81 15.22 -28.90
C GLU D 358 19.22 15.82 -28.91
N LEU D 359 19.50 16.63 -27.91
CA LEU D 359 20.80 17.31 -27.85
C LEU D 359 21.78 16.66 -26.87
N PHE D 360 23.03 16.52 -27.33
CA PHE D 360 24.12 15.93 -26.55
C PHE D 360 25.33 16.86 -26.56
N GLU D 361 26.04 16.93 -25.43
CA GLU D 361 27.24 17.75 -25.37
C GLU D 361 28.28 17.05 -26.23
N ASP D 362 28.84 17.78 -27.19
CA ASP D 362 29.86 17.22 -28.08
C ASP D 362 29.36 15.89 -28.70
N GLY D 363 28.08 15.86 -29.07
CA GLY D 363 27.53 14.67 -29.68
C GLY D 363 27.79 13.37 -28.94
N ASP D 364 27.87 13.42 -27.60
CA ASP D 364 28.11 12.20 -26.82
C ASP D 364 26.79 11.68 -26.20
N HIS D 365 26.30 10.53 -26.67
CA HIS D 365 25.04 9.94 -26.17
C HIS D 365 24.87 9.86 -24.65
N ASN D 366 25.98 9.86 -23.92
CA ASN D 366 25.92 9.78 -22.46
C ASN D 366 25.93 11.15 -21.81
N LYS D 367 26.06 12.20 -22.62
CA LYS D 367 26.07 13.55 -22.08
C LYS D 367 24.87 14.38 -22.55
N PRO D 368 23.72 14.20 -21.90
CA PRO D 368 22.53 14.98 -22.29
C PRO D 368 22.81 16.46 -22.13
N ASP D 369 22.45 17.28 -23.10
CA ASP D 369 22.72 18.70 -22.93
C ASP D 369 21.47 19.50 -22.60
N ALA D 370 21.09 19.50 -21.32
CA ALA D 370 19.93 20.23 -20.84
C ALA D 370 20.11 21.74 -20.93
N LYS D 371 21.35 22.21 -20.79
CA LYS D 371 21.55 23.64 -20.86
C LYS D 371 21.35 24.19 -22.26
N LEU D 372 21.93 23.55 -23.27
CA LEU D 372 21.73 24.00 -24.65
C LEU D 372 20.23 23.90 -25.05
N THR D 373 19.58 22.80 -24.67
CA THR D 373 18.15 22.60 -24.97
C THR D 373 17.36 23.78 -24.41
N ALA D 374 17.60 24.12 -23.14
CA ALA D 374 16.90 25.25 -22.53
C ALA D 374 17.25 26.58 -23.23
N GLU D 375 18.48 26.71 -23.69
CA GLU D 375 18.89 27.94 -24.37
C GLU D 375 18.13 28.06 -25.70
N ILE D 376 17.97 26.96 -26.41
CA ILE D 376 17.25 26.99 -27.68
C ILE D 376 15.79 27.41 -27.46
N VAL D 377 15.16 26.87 -26.43
CA VAL D 377 13.76 27.23 -26.16
C VAL D 377 13.67 28.73 -25.88
N ALA D 378 14.60 29.25 -25.08
CA ALA D 378 14.56 30.67 -24.77
C ALA D 378 14.82 31.56 -25.99
N ARG D 379 15.83 31.20 -26.79
CA ARG D 379 16.15 32.02 -27.97
C ARG D 379 14.99 31.98 -28.95
N ALA D 380 14.42 30.80 -29.13
CA ALA D 380 13.29 30.67 -30.05
C ALA D 380 12.16 31.57 -29.60
N ARG D 381 11.89 31.61 -28.30
CA ARG D 381 10.82 32.48 -27.83
C ARG D 381 11.05 33.97 -28.16
N ASP D 382 12.30 34.41 -28.00
CA ASP D 382 12.67 35.79 -28.26
C ASP D 382 12.47 36.08 -29.75
N LYS D 383 12.49 35.04 -30.57
CA LYS D 383 12.27 35.22 -32.01
C LYS D 383 10.80 34.94 -32.37
N GLY D 384 9.93 34.83 -31.37
CA GLY D 384 8.52 34.59 -31.67
C GLY D 384 8.10 33.14 -32.00
N LEU D 385 8.85 32.15 -31.53
CA LEU D 385 8.54 30.73 -31.78
C LEU D 385 8.38 30.06 -30.39
N ILE D 386 7.23 29.42 -30.18
CA ILE D 386 6.96 28.75 -28.91
C ILE D 386 7.29 27.26 -29.03
N LEU D 387 8.26 26.82 -28.23
CA LEU D 387 8.68 25.42 -28.20
C LEU D 387 8.60 24.82 -26.79
N LEU D 388 8.60 23.48 -26.73
CA LEU D 388 8.63 22.77 -25.44
C LEU D 388 9.77 21.78 -25.52
N SER D 389 10.34 21.43 -24.37
CA SER D 389 11.34 20.37 -24.38
C SER D 389 10.64 19.18 -23.65
N CYS D 390 11.34 18.06 -23.55
CA CYS D 390 10.82 16.89 -22.83
C CYS D 390 12.00 15.95 -22.58
N GLY D 391 11.70 14.74 -22.11
CA GLY D 391 12.77 13.80 -21.86
C GLY D 391 13.17 13.80 -20.40
N PRO D 392 13.52 12.64 -19.85
CA PRO D 392 13.89 12.60 -18.43
C PRO D 392 15.13 13.42 -18.11
N TYR D 393 15.96 13.70 -19.13
CA TYR D 393 17.15 14.52 -18.93
C TYR D 393 17.01 15.93 -19.52
N TYR D 394 15.78 16.27 -19.89
CA TYR D 394 15.43 17.61 -20.42
C TYR D 394 16.25 18.05 -21.62
N ASN D 395 16.64 17.11 -22.46
CA ASN D 395 17.47 17.45 -23.61
C ASN D 395 16.81 17.05 -24.92
N VAL D 396 15.47 16.99 -24.93
CA VAL D 396 14.75 16.66 -26.16
C VAL D 396 13.87 17.85 -26.50
N LEU D 397 13.96 18.29 -27.75
CA LEU D 397 13.15 19.40 -28.21
C LEU D 397 12.08 18.74 -29.04
N ARG D 398 10.82 18.99 -28.73
CA ARG D 398 9.75 18.36 -29.49
C ARG D 398 8.97 19.39 -30.25
N ILE D 399 8.32 18.95 -31.34
CA ILE D 399 7.50 19.86 -32.13
C ILE D 399 6.07 19.30 -32.16
N LEU D 400 5.13 20.12 -31.67
CA LEU D 400 3.73 19.74 -31.60
C LEU D 400 2.83 20.76 -32.29
N VAL D 401 3.38 21.43 -33.29
CA VAL D 401 2.64 22.46 -34.02
C VAL D 401 1.37 21.86 -34.66
N PRO D 402 0.29 22.63 -34.74
CA PRO D 402 -0.96 22.14 -35.36
C PRO D 402 -0.69 21.54 -36.74
N LEU D 403 -1.43 20.51 -37.09
CA LEU D 403 -1.26 19.84 -38.38
C LEU D 403 -1.75 20.73 -39.51
N THR D 404 -2.47 21.78 -39.15
CA THR D 404 -3.04 22.72 -40.12
C THR D 404 -2.05 23.80 -40.57
N ILE D 405 -0.81 23.74 -40.11
CA ILE D 405 0.18 24.73 -40.48
C ILE D 405 0.42 24.87 -42.00
N GLU D 406 0.61 26.10 -42.48
CA GLU D 406 0.86 26.34 -43.90
C GLU D 406 2.34 26.19 -44.20
N ASP D 407 2.68 25.90 -45.45
CA ASP D 407 4.07 25.72 -45.82
C ASP D 407 4.99 26.85 -45.44
N ALA D 408 4.54 28.10 -45.60
CA ALA D 408 5.37 29.24 -45.27
C ALA D 408 5.77 29.22 -43.80
N GLN D 409 4.83 28.85 -42.93
CA GLN D 409 5.13 28.84 -41.50
C GLN D 409 6.07 27.68 -41.13
N ILE D 410 6.00 26.60 -41.89
CA ILE D 410 6.89 25.50 -41.63
C ILE D 410 8.32 26.01 -41.87
N ARG D 411 8.52 26.65 -43.03
CA ARG D 411 9.85 27.21 -43.35
C ARG D 411 10.31 28.22 -42.31
N GLN D 412 9.41 29.11 -41.92
CA GLN D 412 9.70 30.13 -40.94
C GLN D 412 10.12 29.53 -39.59
N GLY D 413 9.40 28.50 -39.12
CA GLY D 413 9.77 27.89 -37.84
C GLY D 413 11.12 27.20 -37.92
N LEU D 414 11.38 26.49 -39.01
CA LEU D 414 12.68 25.82 -39.13
C LEU D 414 13.82 26.88 -39.17
N GLU D 415 13.59 27.99 -39.88
CA GLU D 415 14.59 29.08 -39.99
C GLU D 415 14.87 29.63 -38.62
N ILE D 416 13.82 29.88 -37.83
CA ILE D 416 14.05 30.40 -36.48
C ILE D 416 14.87 29.40 -35.68
N ILE D 417 14.53 28.12 -35.79
CA ILE D 417 15.29 27.12 -35.03
C ILE D 417 16.72 27.11 -35.51
N SER D 418 16.91 27.20 -36.84
CA SER D 418 18.27 27.21 -37.40
C SER D 418 19.07 28.39 -36.80
N GLN D 419 18.45 29.56 -36.74
CA GLN D 419 19.15 30.72 -36.19
C GLN D 419 19.51 30.53 -34.72
N CYS D 420 18.59 29.97 -33.93
CA CYS D 420 18.89 29.76 -32.51
C CYS D 420 20.14 28.91 -32.34
N PHE D 421 20.29 27.87 -33.15
CA PHE D 421 21.49 27.06 -33.00
C PHE D 421 22.74 27.82 -33.42
N ASP D 422 22.65 28.60 -34.50
CA ASP D 422 23.81 29.38 -34.95
C ASP D 422 24.21 30.41 -33.90
N GLU D 423 23.22 31.13 -33.38
CA GLU D 423 23.49 32.14 -32.37
C GLU D 423 23.89 31.56 -31.00
N ALA D 424 23.56 30.30 -30.76
CA ALA D 424 23.91 29.68 -29.49
C ALA D 424 25.41 29.39 -29.48
N LYS D 425 25.97 29.15 -30.66
CA LYS D 425 27.39 28.85 -30.75
C LYS D 425 28.27 30.10 -30.90
N GLN D 426 27.66 31.20 -31.31
CA GLN D 426 28.40 32.44 -31.49
C GLN D 426 28.95 32.92 -30.16
S SO4 E . -0.43 6.83 23.50
O1 SO4 E . 0.40 7.70 22.41
O2 SO4 E . -1.58 7.64 23.86
O3 SO4 E . -0.78 5.67 22.98
O4 SO4 E . 0.50 6.79 24.62
S SO4 F . -26.32 -9.22 13.33
O1 SO4 F . -25.35 -10.34 14.01
O2 SO4 F . -27.64 -9.50 13.86
O3 SO4 F . -25.90 -8.02 13.61
O4 SO4 F . -26.27 -9.57 11.93
C1 EDO G . 10.54 -13.61 34.36
O1 EDO G . 9.83 -14.83 34.16
C2 EDO G . 9.58 -12.40 34.28
O2 EDO G . 8.25 -12.84 34.06
C1 EDO H . 13.05 -37.85 17.72
O1 EDO H . 13.43 -37.62 19.08
C2 EDO H . 14.05 -37.19 16.71
O2 EDO H . 15.15 -36.52 17.34
C1 EDO I . -6.41 0.93 5.09
O1 EDO I . -5.77 0.42 3.93
C2 EDO I . -5.43 1.69 5.99
O2 EDO I . -4.09 1.67 5.44
C1 EDO J . 25.48 6.70 34.96
O1 EDO J . 24.70 7.12 36.06
C2 EDO J . 25.43 5.17 34.84
O2 EDO J . 24.60 4.59 35.88
N1 IK2 K . -0.31 -12.54 19.46
C2 IK2 K . -0.66 -12.22 20.76
C2A IK2 K . -2.13 -12.35 21.15
C3 IK2 K . 0.36 -11.77 21.71
O3 IK2 K . 0.00 -11.46 22.93
C4 IK2 K . 1.72 -11.69 21.27
C4A IK2 K . 2.81 -11.27 22.10
N4A IK2 K . 2.87 -10.43 23.20
OX IK2 K . 4.12 -9.87 23.09
C1' IK2 K . 4.47 -8.69 23.82
C2' IK2 K . 5.58 -7.64 23.51
O1' IK2 K . 6.66 -7.99 22.83
O2' IK2 K . 5.40 -6.42 23.96
C5 IK2 K . 2.00 -12.05 19.87
C6 IK2 K . 0.95 -12.47 19.00
C5A IK2 K . 3.33 -12.03 19.24
O4P IK2 K . 4.00 -13.21 19.64
P IK2 K . 5.62 -13.24 19.74
O1P IK2 K . 6.10 -12.79 18.36
O2P IK2 K . 6.06 -12.20 20.83
O3P IK2 K . 6.10 -14.62 20.12
S SO4 L . 8.84 -20.21 -11.31
O1 SO4 L . 9.45 -19.71 -12.73
O2 SO4 L . 7.41 -19.95 -11.39
O3 SO4 L . 9.11 -21.47 -11.12
O4 SO4 L . 9.44 -19.26 -10.36
S SO4 M . 11.72 -43.40 -2.06
O1 SO4 M . 10.18 -43.78 -2.37
O2 SO4 M . 11.66 -42.35 -1.08
O3 SO4 M . 12.38 -44.45 -1.66
O4 SO4 M . 12.18 -42.82 -3.31
S SO4 N . 28.71 5.31 -9.78
O1 SO4 N . 30.14 5.90 -10.30
O2 SO4 N . 28.06 4.79 -10.98
O3 SO4 N . 28.93 4.40 -8.85
O4 SO4 N . 28.00 6.48 -9.35
C1 EDO O . 19.71 -32.04 8.50
O1 EDO O . 20.82 -31.41 9.06
C2 EDO O . 19.54 -31.63 7.01
O2 EDO O . 20.58 -30.76 6.62
C1 EDO P . 5.74 -1.93 -5.76
O1 EDO P . 4.60 -2.10 -4.91
C2 EDO P . 6.34 -0.54 -5.51
O2 EDO P . 5.58 0.17 -4.53
C1 EDO Q . 14.26 -36.97 -3.42
O1 EDO Q . 13.77 -38.24 -2.99
C2 EDO Q . 15.46 -36.55 -2.55
O2 EDO Q . 15.74 -37.52 -1.56
N1 IK2 R . 17.72 -14.06 5.13
C2 IK2 R . 18.46 -14.95 4.39
C2A IK2 R . 19.64 -14.40 3.59
C3 IK2 R . 18.11 -16.39 4.36
O3 IK2 R . 18.83 -17.20 3.61
C4 IK2 R . 16.96 -16.84 5.16
C4A IK2 R . 16.49 -18.21 5.25
N4A IK2 R . 16.65 -19.27 4.37
OX IK2 R . 15.53 -20.03 4.61
C1' IK2 R . 14.92 -20.80 3.58
C2' IK2 R . 13.46 -21.34 3.50
O1' IK2 R . 12.69 -21.29 4.57
O2' IK2 R . 13.04 -21.83 2.36
C5 IK2 R . 16.25 -15.81 5.93
C6 IK2 R . 16.67 -14.42 5.89
C5A IK2 R . 15.07 -16.05 6.80
O4P IK2 R . 15.54 -16.63 8.03
P IK2 R . 14.56 -17.58 8.89
O1P IK2 R . 13.28 -16.79 9.14
O2P IK2 R . 14.26 -18.89 8.05
O3P IK2 R . 15.31 -17.95 10.14
S SO4 S . -24.53 -1.58 -0.44
O1 SO4 S . -25.35 -1.73 0.97
O2 SO4 S . -23.64 -2.73 -0.48
O3 SO4 S . -25.39 -1.56 -1.45
O4 SO4 S . -23.76 -0.37 -0.22
S SO4 T . -12.27 17.41 22.34
O1 SO4 T . -12.99 16.01 22.75
O2 SO4 T . -10.87 17.10 22.35
O3 SO4 T . -12.70 17.82 21.17
O4 SO4 T . -12.59 18.28 23.45
S SO4 U . -14.18 39.22 -33.65
O1 SO4 U . -15.58 39.58 -32.92
O2 SO4 U . -13.24 38.98 -32.58
O3 SO4 U . -14.33 38.17 -34.41
O4 SO4 U . -13.85 40.44 -34.33
C1 EDO V . -30.11 16.92 -14.95
O1 EDO V . -30.11 17.72 -13.79
C2 EDO V . -29.95 17.81 -16.20
O2 EDO V . -29.85 19.18 -15.84
C1 EDO W . -8.04 36.78 -22.10
O1 EDO W . -9.42 36.72 -22.41
C2 EDO W . -7.19 35.78 -22.93
O2 EDO W . -7.96 35.00 -23.88
C1 EDO X . -2.63 -0.15 9.59
O1 EDO X . -2.24 0.48 10.81
C2 EDO X . -2.09 0.66 8.39
O2 EDO X . -1.35 1.82 8.79
N1 IK2 Y . -16.27 16.09 -4.02
C2 IK2 Y . -17.63 16.12 -3.75
C2A IK2 Y . -18.07 16.65 -2.37
C3 IK2 Y . -18.60 15.67 -4.77
O3 IK2 Y . -19.92 15.71 -4.49
C4 IK2 Y . -18.11 15.21 -6.04
C4A IK2 Y . -18.98 14.74 -7.11
N4A IK2 Y . -20.28 14.19 -7.08
OX IK2 Y . -20.35 13.40 -8.23
C1' IK2 Y . -21.20 12.24 -8.30
C2' IK2 Y . -21.05 10.99 -9.21
O1' IK2 Y . -20.20 11.01 -10.20
O2' IK2 Y . -21.82 9.94 -8.95
C5 IK2 Y . -16.67 15.20 -6.25
C6 IK2 Y . -15.77 15.65 -5.20
C5A IK2 Y . -15.98 14.74 -7.50
O4P IK2 Y . -16.06 15.80 -8.49
P IK2 Y . -16.02 15.48 -10.06
O1P IK2 Y . -14.72 14.73 -10.33
O2P IK2 Y . -17.24 14.58 -10.44
O3P IK2 Y . -16.07 16.80 -10.87
S SO4 Z . 15.99 14.72 -11.61
O1 SO4 Z . 16.04 14.70 -9.97
O2 SO4 Z . 17.23 14.09 -12.04
O3 SO4 Z . 14.92 14.10 -12.05
O4 SO4 Z . 16.09 16.15 -11.93
S SO4 AA . 12.17 37.83 -20.13
O1 SO4 AA . 12.35 38.58 -21.56
O2 SO4 AA . 10.73 37.79 -19.91
O3 SO4 AA . 12.70 36.64 -20.16
O4 SO4 AA . 12.76 38.76 -19.20
S SO4 BA . 9.86 -13.46 -25.89
O1 SO4 BA . 9.02 -13.79 -24.54
O2 SO4 BA . 9.10 -12.42 -26.58
O3 SO4 BA . 11.08 -13.11 -25.56
O4 SO4 BA . 9.75 -14.68 -26.67
C1 EDO CA . 0.98 27.04 -26.00
O1 EDO CA . 1.28 26.05 -26.96
C2 EDO CA . -0.26 27.83 -26.44
O2 EDO CA . -0.75 27.35 -27.67
C1 EDO DA . -27.86 17.60 -27.11
O1 EDO DA . -27.83 18.99 -26.82
C2 EDO DA . -27.60 17.33 -28.60
O2 EDO DA . -27.39 18.53 -29.32
C1 EDO EA . 12.10 31.15 -21.24
O1 EDO EA . 11.93 32.57 -21.07
C2 EDO EA . 11.16 30.62 -22.34
O2 EDO EA . 10.35 31.67 -22.89
C1 EDO FA . -16.36 23.67 -23.14
O1 EDO FA . -16.12 22.42 -22.49
C2 EDO FA . -15.54 24.87 -22.53
O2 EDO FA . -14.73 24.52 -21.41
N1 IK2 GA . -1.09 10.49 -20.58
C2 IK2 GA . -0.14 11.01 -21.39
C2A IK2 GA . 0.58 10.10 -22.36
C3 IK2 GA . 0.17 12.45 -21.32
O3 IK2 GA . 1.11 12.93 -22.12
C4 IK2 GA . -0.55 13.29 -20.39
C4A IK2 GA . -0.31 14.72 -20.25
N4A IK2 GA . 0.87 15.44 -20.48
OX IK2 GA . 0.71 16.61 -19.80
C1' IK2 GA . 1.82 17.31 -19.28
C2' IK2 GA . 1.96 18.08 -17.93
O1' IK2 GA . 0.86 18.46 -17.27
O2' IK2 GA . 3.17 18.31 -17.49
C5 IK2 GA . -1.55 12.64 -19.56
C6 IK2 GA . -1.81 11.23 -19.68
C5A IK2 GA . -2.40 13.36 -18.54
O4P IK2 GA . -3.44 14.02 -19.21
P IK2 GA . -4.11 15.33 -18.57
O1P IK2 GA . -4.60 14.94 -17.19
O2P IK2 GA . -3.00 16.43 -18.50
O3P IK2 GA . -5.23 15.79 -19.49
#